data_1Z9Q
#
_entry.id   1Z9Q
#
_entity_poly.entity_id   1
_entity_poly.type   'polypeptide(L)'
_entity_poly.pdbx_seq_one_letter_code
;MNHKVHHHHHHHMDRMAAPRAEALFDFTGNSKLELNFKAGDVIFLLSRINKDWLEGTVRGATGIFPLSFVKILKDFPEE
;
_entity_poly.pdbx_strand_id   A
#
# COMPACT_ATOMS: atom_id res chain seq x y z
N ASP A 14 -13.15 4.49 -10.88
CA ASP A 14 -12.19 5.49 -11.31
C ASP A 14 -11.28 4.94 -12.42
N ARG A 15 -10.34 4.08 -12.03
CA ARG A 15 -9.41 3.48 -12.97
C ARG A 15 -8.74 4.56 -13.83
N MET A 16 -8.57 5.74 -13.25
CA MET A 16 -7.93 6.85 -13.96
C MET A 16 -7.02 7.63 -13.02
N ALA A 17 -7.49 7.86 -11.80
CA ALA A 17 -6.70 8.60 -10.81
C ALA A 17 -6.78 7.93 -9.44
N ALA A 18 -7.03 6.62 -9.44
CA ALA A 18 -7.12 5.87 -8.20
C ALA A 18 -5.83 5.96 -7.40
N PRO A 19 -5.92 5.67 -6.10
CA PRO A 19 -4.76 5.71 -5.19
C PRO A 19 -3.76 4.60 -5.47
N ARG A 20 -2.48 4.90 -5.30
CA ARG A 20 -1.42 3.93 -5.54
C ARG A 20 -0.07 4.48 -5.08
N ALA A 21 0.67 3.67 -4.33
CA ALA A 21 1.98 4.07 -3.83
C ALA A 21 3.06 3.09 -4.28
N GLU A 22 4.14 3.62 -4.86
CA GLU A 22 5.23 2.79 -5.33
C GLU A 22 6.14 2.38 -4.17
N ALA A 23 6.28 1.08 -3.97
CA ALA A 23 7.12 0.55 -2.89
C ALA A 23 8.57 1.01 -3.06
N LEU A 24 9.03 1.86 -2.14
CA LEU A 24 10.39 2.37 -2.18
C LEU A 24 11.39 1.28 -1.80
N PHE A 25 10.92 0.30 -1.04
CA PHE A 25 11.77 -0.80 -0.60
C PHE A 25 11.00 -2.11 -0.59
N ASP A 26 11.64 -3.16 -0.08
CA ASP A 26 11.02 -4.48 0.00
C ASP A 26 10.46 -4.74 1.40
N PHE A 27 9.14 -4.84 1.49
CA PHE A 27 8.48 -5.09 2.77
C PHE A 27 8.06 -6.55 2.89
N THR A 28 7.99 -7.05 4.11
CA THR A 28 7.60 -8.42 4.37
C THR A 28 6.84 -8.55 5.68
N GLY A 29 5.51 -8.42 5.61
CA GLY A 29 4.69 -8.52 6.80
C GLY A 29 4.85 -9.85 7.50
N ASN A 30 4.16 -10.01 8.63
CA ASN A 30 4.25 -11.24 9.41
C ASN A 30 3.15 -12.22 8.98
N SER A 31 1.91 -11.84 9.21
CA SER A 31 0.77 -12.68 8.86
C SER A 31 -0.05 -12.04 7.74
N LYS A 32 -1.22 -12.62 7.47
CA LYS A 32 -2.11 -12.11 6.43
C LYS A 32 -2.44 -10.64 6.67
N LEU A 33 -2.67 -10.29 7.92
CA LEU A 33 -3.00 -8.92 8.29
C LEU A 33 -1.92 -7.96 7.82
N GLU A 34 -0.71 -8.46 7.66
CA GLU A 34 0.42 -7.65 7.21
C GLU A 34 0.75 -7.95 5.75
N LEU A 35 0.81 -6.90 4.93
CA LEU A 35 1.12 -7.06 3.52
C LEU A 35 2.62 -7.19 3.31
N ASN A 36 3.00 -7.82 2.20
CA ASN A 36 4.41 -8.01 1.87
C ASN A 36 4.68 -7.72 0.40
N PHE A 37 5.26 -6.56 0.11
CA PHE A 37 5.56 -6.17 -1.26
C PHE A 37 7.06 -6.12 -1.49
N LYS A 38 7.47 -5.67 -2.67
CA LYS A 38 8.88 -5.56 -3.01
C LYS A 38 9.21 -4.19 -3.58
N ALA A 39 10.48 -3.83 -3.58
CA ALA A 39 10.93 -2.54 -4.10
C ALA A 39 10.51 -2.37 -5.55
N GLY A 40 9.40 -1.65 -5.76
CA GLY A 40 8.92 -1.41 -7.10
C GLY A 40 7.68 -2.24 -7.42
N ASP A 41 6.96 -2.64 -6.38
CA ASP A 41 5.75 -3.44 -6.56
C ASP A 41 4.55 -2.55 -6.88
N VAL A 42 4.44 -1.44 -6.15
CA VAL A 42 3.34 -0.51 -6.36
C VAL A 42 2.01 -1.14 -6.00
N ILE A 43 1.35 -0.60 -4.97
CA ILE A 43 0.06 -1.11 -4.53
C ILE A 43 -1.07 -0.18 -4.95
N PHE A 44 -2.30 -0.68 -4.87
CA PHE A 44 -3.47 0.11 -5.24
C PHE A 44 -4.06 0.80 -4.01
N LEU A 45 -3.62 0.38 -2.83
CA LEU A 45 -4.11 0.97 -1.58
C LEU A 45 -5.59 0.67 -1.39
N LEU A 46 -5.91 -0.08 -0.35
CA LEU A 46 -7.30 -0.43 -0.05
C LEU A 46 -7.91 0.57 0.93
N SER A 47 -7.11 1.03 1.88
CA SER A 47 -7.58 1.99 2.87
C SER A 47 -6.44 2.41 3.79
N ARG A 48 -6.74 3.34 4.70
CA ARG A 48 -5.74 3.84 5.64
C ARG A 48 -6.03 3.33 7.05
N ILE A 49 -4.96 3.07 7.80
CA ILE A 49 -5.09 2.59 9.17
C ILE A 49 -5.10 3.74 10.17
N ASN A 50 -4.05 4.53 10.16
CA ASN A 50 -3.93 5.68 11.06
C ASN A 50 -3.20 6.83 10.39
N LYS A 51 -1.91 6.63 10.13
CA LYS A 51 -1.09 7.66 9.49
C LYS A 51 0.25 7.08 9.04
N ASP A 52 0.81 6.21 9.86
CA ASP A 52 2.09 5.58 9.55
C ASP A 52 1.89 4.21 8.91
N TRP A 53 0.67 3.68 9.03
CA TRP A 53 0.35 2.38 8.46
C TRP A 53 -0.85 2.48 7.53
N LEU A 54 -0.80 1.75 6.42
CA LEU A 54 -1.89 1.75 5.45
C LEU A 54 -2.22 0.34 4.98
N GLU A 55 -3.22 0.22 4.12
CA GLU A 55 -3.62 -1.08 3.59
C GLU A 55 -3.61 -1.07 2.06
N GLY A 56 -3.33 -2.23 1.47
CA GLY A 56 -3.29 -2.34 0.03
C GLY A 56 -3.05 -3.76 -0.44
N THR A 57 -3.40 -4.03 -1.70
CA THR A 57 -3.23 -5.36 -2.26
C THR A 57 -2.25 -5.34 -3.43
N VAL A 58 -1.16 -6.09 -3.31
CA VAL A 58 -0.15 -6.16 -4.36
C VAL A 58 0.39 -7.58 -4.50
N ARG A 59 0.66 -7.98 -5.73
CA ARG A 59 1.20 -9.31 -6.01
C ARG A 59 0.24 -10.38 -5.50
N GLY A 60 -1.06 -10.13 -5.63
CA GLY A 60 -2.04 -11.09 -5.17
C GLY A 60 -2.03 -11.26 -3.67
N ALA A 61 -1.42 -10.31 -2.97
CA ALA A 61 -1.34 -10.36 -1.51
C ALA A 61 -1.94 -9.12 -0.88
N THR A 62 -2.71 -9.31 0.19
CA THR A 62 -3.34 -8.20 0.88
C THR A 62 -2.80 -8.05 2.29
N GLY A 63 -3.08 -6.91 2.92
CA GLY A 63 -2.62 -6.66 4.27
C GLY A 63 -2.26 -5.20 4.50
N ILE A 64 -1.62 -4.93 5.64
CA ILE A 64 -1.22 -3.57 5.97
C ILE A 64 0.28 -3.39 5.83
N PHE A 65 0.71 -2.14 5.62
CA PHE A 65 2.12 -1.83 5.48
C PHE A 65 2.41 -0.39 5.87
N PRO A 66 3.65 -0.13 6.31
CA PRO A 66 4.08 1.21 6.72
C PRO A 66 4.19 2.18 5.55
N LEU A 67 3.54 3.33 5.69
CA LEU A 67 3.55 4.34 4.64
C LEU A 67 4.97 4.89 4.44
N SER A 68 5.83 4.67 5.43
CA SER A 68 7.20 5.15 5.35
C SER A 68 8.03 4.26 4.43
N PHE A 69 7.43 3.18 3.95
CA PHE A 69 8.10 2.25 3.06
C PHE A 69 7.46 2.25 1.67
N VAL A 70 6.72 3.31 1.37
CA VAL A 70 6.05 3.43 0.08
C VAL A 70 5.90 4.90 -0.32
N LYS A 71 5.94 5.14 -1.63
CA LYS A 71 5.81 6.51 -2.15
C LYS A 71 4.39 6.76 -2.62
N ILE A 72 3.60 7.43 -1.78
CA ILE A 72 2.21 7.75 -2.12
C ILE A 72 2.13 8.56 -3.41
N LEU A 73 1.87 7.89 -4.52
CA LEU A 73 1.76 8.56 -5.81
C LEU A 73 0.36 9.13 -6.01
N LYS A 74 -0.56 8.75 -5.14
CA LYS A 74 -1.93 9.23 -5.23
C LYS A 74 -2.69 8.96 -3.91
N ASP A 75 -3.34 9.99 -3.39
CA ASP A 75 -4.09 9.85 -2.15
C ASP A 75 -5.45 9.21 -2.40
N PHE A 76 -6.09 8.76 -1.34
CA PHE A 76 -7.40 8.12 -1.44
C PHE A 76 -8.46 9.12 -1.88
N PRO A 77 -9.58 8.60 -2.42
CA PRO A 77 -10.69 9.44 -2.89
C PRO A 77 -11.44 10.10 -1.73
N GLU A 78 -10.94 11.25 -1.30
CA GLU A 78 -11.57 11.98 -0.21
C GLU A 78 -12.51 13.06 -0.74
N GLU A 79 -13.80 12.76 -0.75
CA GLU A 79 -14.80 13.70 -1.24
C GLU A 79 -14.99 14.86 -0.27
N ASP A 14 -12.24 3.38 -12.71
CA ASP A 14 -11.37 4.54 -12.58
C ASP A 14 -9.94 4.11 -12.31
N ARG A 15 -9.28 3.54 -13.32
CA ARG A 15 -7.91 3.09 -13.18
C ARG A 15 -6.95 4.27 -13.05
N MET A 16 -7.19 5.31 -13.84
CA MET A 16 -6.35 6.51 -13.81
C MET A 16 -6.96 7.57 -12.90
N ALA A 17 -7.54 7.13 -11.78
CA ALA A 17 -8.15 8.04 -10.83
C ALA A 17 -8.30 7.38 -9.46
N ALA A 18 -7.46 6.38 -9.19
CA ALA A 18 -7.50 5.67 -7.91
C ALA A 18 -6.18 5.81 -7.17
N PRO A 19 -6.21 5.57 -5.85
CA PRO A 19 -5.03 5.66 -5.00
C PRO A 19 -4.03 4.53 -5.28
N ARG A 20 -2.75 4.85 -5.16
CA ARG A 20 -1.69 3.87 -5.40
C ARG A 20 -0.33 4.42 -4.99
N ALA A 21 0.42 3.62 -4.23
CA ALA A 21 1.74 4.04 -3.77
C ALA A 21 2.81 3.06 -4.24
N GLU A 22 3.84 3.58 -4.90
CA GLU A 22 4.93 2.76 -5.40
C GLU A 22 5.89 2.37 -4.27
N ALA A 23 6.01 1.07 -4.03
CA ALA A 23 6.89 0.56 -2.98
C ALA A 23 8.33 1.02 -3.20
N LEU A 24 8.81 1.88 -2.32
CA LEU A 24 10.18 2.39 -2.41
C LEU A 24 11.19 1.33 -2.02
N PHE A 25 10.75 0.36 -1.22
CA PHE A 25 11.62 -0.72 -0.77
C PHE A 25 10.87 -2.04 -0.71
N ASP A 26 11.52 -3.08 -0.20
CA ASP A 26 10.91 -4.39 -0.10
C ASP A 26 10.39 -4.63 1.32
N PHE A 27 9.08 -4.74 1.44
CA PHE A 27 8.45 -4.96 2.75
C PHE A 27 8.02 -6.42 2.90
N THR A 28 7.99 -6.89 4.15
CA THR A 28 7.61 -8.26 4.43
C THR A 28 6.93 -8.38 5.79
N GLY A 29 5.60 -8.35 5.79
CA GLY A 29 4.86 -8.44 7.04
C GLY A 29 5.15 -9.74 7.78
N ASN A 30 4.38 -9.99 8.84
CA ASN A 30 4.55 -11.19 9.64
C ASN A 30 3.42 -12.19 9.39
N SER A 31 2.20 -11.69 9.42
CA SER A 31 1.02 -12.54 9.21
C SER A 31 0.14 -11.96 8.10
N LYS A 32 -0.99 -12.62 7.86
CA LYS A 32 -1.92 -12.18 6.83
C LYS A 32 -2.31 -10.71 7.04
N LEU A 33 -2.50 -10.33 8.31
CA LEU A 33 -2.87 -8.97 8.64
C LEU A 33 -1.85 -7.97 8.11
N GLU A 34 -0.62 -8.44 7.92
CA GLU A 34 0.46 -7.58 7.42
C GLU A 34 0.74 -7.90 5.95
N LEU A 35 0.81 -6.84 5.14
CA LEU A 35 1.08 -7.00 3.71
C LEU A 35 2.58 -7.10 3.45
N ASN A 36 2.94 -7.77 2.36
CA ASN A 36 4.35 -7.95 1.99
C ASN A 36 4.56 -7.67 0.50
N PHE A 37 5.17 -6.53 0.21
CA PHE A 37 5.43 -6.15 -1.18
C PHE A 37 6.92 -6.08 -1.46
N LYS A 38 7.28 -5.63 -2.64
CA LYS A 38 8.69 -5.51 -3.03
C LYS A 38 8.98 -4.13 -3.61
N ALA A 39 10.26 -3.77 -3.66
CA ALA A 39 10.67 -2.49 -4.19
C ALA A 39 10.24 -2.33 -5.65
N GLY A 40 9.10 -1.67 -5.86
CA GLY A 40 8.59 -1.46 -7.19
C GLY A 40 7.35 -2.29 -7.48
N ASP A 41 6.65 -2.68 -6.42
CA ASP A 41 5.44 -3.48 -6.57
C ASP A 41 4.23 -2.58 -6.85
N VAL A 42 4.13 -1.48 -6.12
CA VAL A 42 3.02 -0.54 -6.29
C VAL A 42 1.70 -1.18 -5.89
N ILE A 43 1.09 -0.65 -4.84
CA ILE A 43 -0.19 -1.17 -4.37
C ILE A 43 -1.34 -0.25 -4.76
N PHE A 44 -2.56 -0.75 -4.64
CA PHE A 44 -3.74 0.03 -4.98
C PHE A 44 -4.31 0.73 -3.76
N LEU A 45 -3.82 0.35 -2.59
CA LEU A 45 -4.27 0.95 -1.33
C LEU A 45 -5.75 0.65 -1.09
N LEU A 46 -6.03 -0.14 -0.06
CA LEU A 46 -7.40 -0.50 0.28
C LEU A 46 -7.99 0.49 1.29
N SER A 47 -7.13 1.00 2.17
CA SER A 47 -7.58 1.95 3.18
C SER A 47 -6.40 2.39 4.05
N ARG A 48 -6.66 3.36 4.93
CA ARG A 48 -5.62 3.87 5.82
C ARG A 48 -5.89 3.47 7.27
N ILE A 49 -4.84 3.05 7.96
CA ILE A 49 -4.96 2.64 9.35
C ILE A 49 -4.96 3.83 10.29
N ASN A 50 -3.95 4.68 10.15
CA ASN A 50 -3.83 5.87 10.99
C ASN A 50 -3.12 6.99 10.25
N LYS A 51 -1.81 6.82 10.06
CA LYS A 51 -1.00 7.82 9.37
C LYS A 51 0.33 7.22 8.92
N ASP A 52 0.92 6.40 9.78
CA ASP A 52 2.20 5.76 9.48
C ASP A 52 1.99 4.37 8.89
N TRP A 53 0.78 3.84 9.07
CA TRP A 53 0.45 2.52 8.55
C TRP A 53 -0.78 2.58 7.65
N LEU A 54 -0.76 1.81 6.56
CA LEU A 54 -1.88 1.78 5.63
C LEU A 54 -2.17 0.34 5.20
N GLU A 55 -3.16 0.19 4.32
CA GLU A 55 -3.54 -1.13 3.82
C GLU A 55 -3.61 -1.14 2.30
N GLY A 56 -3.33 -2.29 1.70
CA GLY A 56 -3.35 -2.41 0.26
C GLY A 56 -3.14 -3.83 -0.21
N THR A 57 -3.53 -4.12 -1.45
CA THR A 57 -3.37 -5.45 -2.02
C THR A 57 -2.41 -5.43 -3.21
N VAL A 58 -1.33 -6.18 -3.09
CA VAL A 58 -0.33 -6.26 -4.16
C VAL A 58 0.25 -7.67 -4.27
N ARG A 59 0.53 -8.09 -5.50
CA ARG A 59 1.09 -9.41 -5.75
C ARG A 59 0.10 -10.50 -5.33
N GLY A 60 -1.17 -10.14 -5.23
CA GLY A 60 -2.18 -11.10 -4.83
C GLY A 60 -2.22 -11.32 -3.33
N ALA A 61 -1.66 -10.37 -2.58
CA ALA A 61 -1.63 -10.48 -1.13
C ALA A 61 -2.16 -9.21 -0.48
N THR A 62 -2.91 -9.36 0.61
CA THR A 62 -3.49 -8.23 1.32
C THR A 62 -2.85 -8.07 2.70
N GLY A 63 -3.07 -6.91 3.32
CA GLY A 63 -2.52 -6.67 4.64
C GLY A 63 -2.16 -5.21 4.84
N ILE A 64 -1.52 -4.91 5.98
CA ILE A 64 -1.13 -3.55 6.29
C ILE A 64 0.37 -3.35 6.08
N PHE A 65 0.76 -2.10 5.84
CA PHE A 65 2.17 -1.78 5.61
C PHE A 65 2.45 -0.32 5.97
N PRO A 66 3.70 -0.04 6.35
CA PRO A 66 4.14 1.32 6.73
C PRO A 66 4.20 2.25 5.52
N LEU A 67 3.57 3.42 5.66
CA LEU A 67 3.55 4.41 4.59
C LEU A 67 4.95 4.97 4.34
N SER A 68 5.84 4.79 5.32
CA SER A 68 7.20 5.27 5.21
C SER A 68 8.03 4.40 4.27
N PHE A 69 7.43 3.31 3.82
CA PHE A 69 8.10 2.37 2.92
C PHE A 69 7.41 2.34 1.56
N VAL A 70 6.66 3.40 1.26
CA VAL A 70 5.96 3.49 -0.02
C VAL A 70 5.78 4.94 -0.44
N LYS A 71 5.78 5.17 -1.74
CA LYS A 71 5.63 6.52 -2.28
C LYS A 71 4.18 6.76 -2.72
N ILE A 72 3.42 7.44 -1.87
CA ILE A 72 2.02 7.74 -2.17
C ILE A 72 1.90 8.54 -3.45
N LEU A 73 1.60 7.84 -4.56
CA LEU A 73 1.46 8.50 -5.86
C LEU A 73 0.05 9.08 -6.01
N LYS A 74 -0.84 8.71 -5.11
CA LYS A 74 -2.21 9.20 -5.14
C LYS A 74 -2.91 8.96 -3.80
N ASP A 75 -3.59 9.99 -3.31
CA ASP A 75 -4.30 9.89 -2.04
C ASP A 75 -5.67 9.26 -2.23
N PHE A 76 -6.25 8.78 -1.13
CA PHE A 76 -7.56 8.14 -1.18
C PHE A 76 -8.65 9.14 -1.57
N PRO A 77 -9.78 8.62 -2.06
CA PRO A 77 -10.91 9.45 -2.47
C PRO A 77 -11.60 10.13 -1.29
N GLU A 78 -11.08 11.28 -0.88
CA GLU A 78 -11.65 12.03 0.24
C GLU A 78 -11.56 13.52 0.00
N GLU A 79 -12.67 14.13 -0.43
CA GLU A 79 -12.71 15.56 -0.70
C GLU A 79 -12.75 16.35 0.61
N ASP A 14 -12.92 3.49 -12.01
CA ASP A 14 -11.95 4.47 -11.54
C ASP A 14 -10.54 3.90 -11.58
N ARG A 15 -10.07 3.57 -12.79
CA ARG A 15 -8.74 3.02 -12.97
C ARG A 15 -7.70 4.13 -13.06
N MET A 16 -7.99 5.16 -13.84
CA MET A 16 -7.09 6.29 -14.01
C MET A 16 -7.42 7.41 -13.03
N ALA A 17 -7.76 7.03 -11.80
CA ALA A 17 -8.11 8.01 -10.78
C ALA A 17 -8.25 7.35 -9.41
N ALA A 18 -7.49 6.29 -9.20
CA ALA A 18 -7.52 5.56 -7.93
C ALA A 18 -6.19 5.70 -7.18
N PRO A 19 -6.23 5.45 -5.87
CA PRO A 19 -5.04 5.54 -5.01
C PRO A 19 -4.03 4.44 -5.31
N ARG A 20 -2.75 4.76 -5.18
CA ARG A 20 -1.69 3.80 -5.42
C ARG A 20 -0.33 4.37 -5.02
N ALA A 21 0.43 3.59 -4.26
CA ALA A 21 1.75 4.01 -3.80
C ALA A 21 2.83 3.04 -4.27
N GLU A 22 3.87 3.60 -4.88
CA GLU A 22 4.97 2.78 -5.38
C GLU A 22 5.93 2.39 -4.26
N ALA A 23 6.08 1.09 -4.05
CA ALA A 23 6.96 0.60 -2.99
C ALA A 23 8.40 1.06 -3.21
N LEU A 24 8.87 1.93 -2.32
CA LEU A 24 10.22 2.46 -2.42
C LEU A 24 11.25 1.39 -2.05
N PHE A 25 10.82 0.40 -1.26
CA PHE A 25 11.71 -0.68 -0.84
C PHE A 25 10.95 -2.01 -0.80
N ASP A 26 11.62 -3.04 -0.30
CA ASP A 26 11.01 -4.36 -0.20
C ASP A 26 10.52 -4.62 1.22
N PHE A 27 9.20 -4.73 1.36
CA PHE A 27 8.59 -4.98 2.66
C PHE A 27 8.17 -6.44 2.80
N THR A 28 8.21 -6.95 4.03
CA THR A 28 7.84 -8.33 4.30
C THR A 28 7.11 -8.46 5.63
N GLY A 29 5.78 -8.31 5.58
CA GLY A 29 4.99 -8.40 6.79
C GLY A 29 5.18 -9.72 7.51
N ASN A 30 4.57 -9.86 8.67
CA ASN A 30 4.68 -11.08 9.46
C ASN A 30 3.61 -12.09 9.05
N SER A 31 2.36 -11.79 9.37
CA SER A 31 1.25 -12.68 9.04
C SER A 31 0.37 -12.06 7.95
N LYS A 32 -0.77 -12.69 7.71
CA LYS A 32 -1.70 -12.20 6.69
C LYS A 32 -2.09 -10.75 6.94
N LEU A 33 -2.25 -10.40 8.22
CA LEU A 33 -2.61 -9.04 8.59
C LEU A 33 -1.59 -8.03 8.07
N GLU A 34 -0.37 -8.49 7.87
CA GLU A 34 0.70 -7.63 7.37
C GLU A 34 1.00 -7.93 5.91
N LEU A 35 1.00 -6.89 5.09
CA LEU A 35 1.27 -7.04 3.66
C LEU A 35 2.77 -7.13 3.39
N ASN A 36 3.13 -7.78 2.29
CA ASN A 36 4.53 -7.94 1.92
C ASN A 36 4.74 -7.66 0.43
N PHE A 37 5.28 -6.49 0.13
CA PHE A 37 5.54 -6.10 -1.25
C PHE A 37 7.04 -6.04 -1.54
N LYS A 38 7.39 -5.59 -2.73
CA LYS A 38 8.79 -5.48 -3.13
C LYS A 38 9.08 -4.10 -3.71
N ALA A 39 10.36 -3.74 -3.76
CA ALA A 39 10.77 -2.45 -4.30
C ALA A 39 10.30 -2.28 -5.74
N GLY A 40 9.19 -1.58 -5.92
CA GLY A 40 8.65 -1.36 -7.24
C GLY A 40 7.42 -2.20 -7.52
N ASP A 41 6.74 -2.63 -6.46
CA ASP A 41 5.54 -3.45 -6.59
C ASP A 41 4.33 -2.58 -6.89
N VAL A 42 4.21 -1.46 -6.17
CA VAL A 42 3.09 -0.55 -6.35
C VAL A 42 1.77 -1.20 -5.95
N ILE A 43 1.15 -0.68 -4.89
CA ILE A 43 -0.11 -1.21 -4.41
C ILE A 43 -1.27 -0.30 -4.80
N PHE A 44 -2.49 -0.82 -4.67
CA PHE A 44 -3.68 -0.06 -5.02
C PHE A 44 -4.25 0.64 -3.79
N LEU A 45 -3.76 0.26 -2.61
CA LEU A 45 -4.22 0.84 -1.37
C LEU A 45 -5.69 0.54 -1.12
N LEU A 46 -5.97 -0.26 -0.11
CA LEU A 46 -7.34 -0.63 0.24
C LEU A 46 -7.94 0.35 1.23
N SER A 47 -7.10 0.87 2.12
CA SER A 47 -7.54 1.82 3.13
C SER A 47 -6.39 2.26 4.03
N ARG A 48 -6.64 3.26 4.86
CA ARG A 48 -5.62 3.77 5.76
C ARG A 48 -5.89 3.35 7.20
N ILE A 49 -4.84 2.94 7.91
CA ILE A 49 -4.98 2.51 9.29
C ILE A 49 -5.00 3.70 10.25
N ASN A 50 -3.98 4.55 10.14
CA ASN A 50 -3.88 5.73 10.99
C ASN A 50 -3.17 6.86 10.26
N LYS A 51 -1.86 6.71 10.07
CA LYS A 51 -1.07 7.73 9.38
C LYS A 51 0.28 7.15 8.95
N ASP A 52 0.86 6.31 9.80
CA ASP A 52 2.15 5.70 9.49
C ASP A 52 1.96 4.30 8.90
N TRP A 53 0.76 3.76 9.07
CA TRP A 53 0.44 2.43 8.55
C TRP A 53 -0.78 2.47 7.64
N LEU A 54 -0.73 1.73 6.54
CA LEU A 54 -1.83 1.68 5.59
C LEU A 54 -2.12 0.25 5.16
N GLU A 55 -3.10 0.09 4.29
CA GLU A 55 -3.48 -1.23 3.78
C GLU A 55 -3.54 -1.25 2.26
N GLY A 56 -3.24 -2.39 1.66
CA GLY A 56 -3.26 -2.51 0.22
C GLY A 56 -3.02 -3.93 -0.25
N THR A 57 -3.39 -4.21 -1.49
CA THR A 57 -3.21 -5.54 -2.06
C THR A 57 -2.26 -5.50 -3.26
N VAL A 58 -1.16 -6.25 -3.16
CA VAL A 58 -0.17 -6.29 -4.24
C VAL A 58 0.44 -7.68 -4.35
N ARG A 59 0.74 -8.09 -5.58
CA ARG A 59 1.33 -9.40 -5.83
C ARG A 59 0.39 -10.52 -5.40
N GLY A 60 -0.90 -10.19 -5.31
CA GLY A 60 -1.89 -11.18 -4.92
C GLY A 60 -1.92 -11.39 -3.41
N ALA A 61 -1.36 -10.45 -2.67
CA ALA A 61 -1.34 -10.53 -1.22
C ALA A 61 -1.90 -9.27 -0.58
N THR A 62 -2.65 -9.44 0.50
CA THR A 62 -3.23 -8.31 1.21
C THR A 62 -2.63 -8.15 2.60
N GLY A 63 -2.91 -7.01 3.23
CA GLY A 63 -2.38 -6.75 4.56
C GLY A 63 -2.05 -5.29 4.78
N ILE A 64 -1.40 -4.99 5.89
CA ILE A 64 -1.03 -3.62 6.22
C ILE A 64 0.48 -3.41 6.03
N PHE A 65 0.85 -2.16 5.77
CA PHE A 65 2.25 -1.81 5.57
C PHE A 65 2.51 -0.36 5.94
N PRO A 66 3.77 -0.05 6.33
CA PRO A 66 4.18 1.29 6.73
C PRO A 66 4.22 2.25 5.53
N LEU A 67 3.56 3.39 5.67
CA LEU A 67 3.52 4.39 4.61
C LEU A 67 4.91 4.97 4.35
N SER A 68 5.82 4.77 5.32
CA SER A 68 7.17 5.27 5.19
C SER A 68 8.00 4.39 4.27
N PHE A 69 7.40 3.29 3.82
CA PHE A 69 8.08 2.36 2.92
C PHE A 69 7.41 2.33 1.55
N VAL A 70 6.65 3.38 1.25
CA VAL A 70 5.95 3.47 -0.03
C VAL A 70 5.77 4.93 -0.45
N LYS A 71 5.77 5.17 -1.76
CA LYS A 71 5.60 6.51 -2.28
C LYS A 71 4.15 6.75 -2.72
N ILE A 72 3.39 7.41 -1.86
CA ILE A 72 1.99 7.71 -2.16
C ILE A 72 1.86 8.52 -3.45
N LEU A 73 1.57 7.83 -4.55
CA LEU A 73 1.42 8.47 -5.84
C LEU A 73 0.01 9.04 -6.00
N LYS A 74 -0.89 8.64 -5.11
CA LYS A 74 -2.27 9.11 -5.15
C LYS A 74 -2.97 8.85 -3.82
N ASP A 75 -3.63 9.88 -3.30
CA ASP A 75 -4.34 9.76 -2.02
C ASP A 75 -5.70 9.10 -2.22
N PHE A 76 -6.30 8.63 -1.14
CA PHE A 76 -7.60 7.98 -1.20
C PHE A 76 -8.69 8.97 -1.59
N PRO A 77 -9.82 8.44 -2.09
CA PRO A 77 -10.95 9.27 -2.51
C PRO A 77 -11.67 9.92 -1.33
N GLU A 78 -11.09 11.02 -0.84
CA GLU A 78 -11.67 11.75 0.28
C GLU A 78 -12.18 13.12 -0.15
N GLU A 79 -13.43 13.41 0.19
CA GLU A 79 -14.04 14.69 -0.18
C GLU A 79 -14.07 14.87 -1.69
N ASP A 14 -12.69 5.84 -9.20
CA ASP A 14 -11.99 6.33 -10.39
C ASP A 14 -10.63 5.65 -10.53
N ARG A 15 -10.54 4.72 -11.48
CA ARG A 15 -9.30 3.98 -11.72
C ARG A 15 -8.29 4.86 -12.47
N MET A 16 -8.80 5.75 -13.30
CA MET A 16 -7.94 6.64 -14.08
C MET A 16 -7.03 7.45 -13.16
N ALA A 17 -7.45 7.64 -11.92
CA ALA A 17 -6.65 8.38 -10.94
C ALA A 17 -6.73 7.73 -9.57
N ALA A 18 -6.98 6.43 -9.55
CA ALA A 18 -7.07 5.69 -8.29
C ALA A 18 -5.78 5.80 -7.50
N PRO A 19 -5.87 5.53 -6.18
CA PRO A 19 -4.72 5.60 -5.28
C PRO A 19 -3.70 4.49 -5.55
N ARG A 20 -2.43 4.80 -5.36
CA ARG A 20 -1.36 3.82 -5.59
C ARG A 20 -0.02 4.38 -5.14
N ALA A 21 0.72 3.59 -4.37
CA ALA A 21 2.03 4.00 -3.87
C ALA A 21 3.12 3.02 -4.30
N GLU A 22 4.20 3.55 -4.86
CA GLU A 22 5.31 2.71 -5.31
C GLU A 22 6.21 2.33 -4.14
N ALA A 23 6.35 1.02 -3.91
CA ALA A 23 7.19 0.52 -2.83
C ALA A 23 8.63 0.98 -2.99
N LEU A 24 9.08 1.84 -2.07
CA LEU A 24 10.44 2.36 -2.11
C LEU A 24 11.44 1.29 -1.69
N PHE A 25 10.96 0.32 -0.92
CA PHE A 25 11.82 -0.77 -0.44
C PHE A 25 11.06 -2.09 -0.41
N ASP A 26 11.71 -3.12 0.11
CA ASP A 26 11.09 -4.44 0.19
C ASP A 26 10.51 -4.67 1.58
N PHE A 27 9.19 -4.82 1.65
CA PHE A 27 8.51 -5.04 2.93
C PHE A 27 8.09 -6.51 3.06
N THR A 28 8.04 -6.99 4.30
CA THR A 28 7.65 -8.36 4.57
C THR A 28 6.89 -8.48 5.88
N GLY A 29 5.56 -8.35 5.79
CA GLY A 29 4.74 -8.44 6.99
C GLY A 29 4.91 -9.76 7.72
N ASN A 30 4.19 -9.92 8.83
CA ASN A 30 4.28 -11.14 9.62
C ASN A 30 3.22 -12.14 9.19
N SER A 31 1.95 -11.76 9.35
CA SER A 31 0.84 -12.62 8.98
C SER A 31 0.02 -12.01 7.85
N LYS A 32 -1.13 -12.62 7.56
CA LYS A 32 -2.00 -12.13 6.50
C LYS A 32 -2.37 -10.66 6.73
N LEU A 33 -2.63 -10.31 7.98
CA LEU A 33 -2.99 -8.94 8.34
C LEU A 33 -1.92 -7.96 7.87
N GLU A 34 -0.69 -8.46 7.74
CA GLU A 34 0.42 -7.62 7.30
C GLU A 34 0.79 -7.92 5.85
N LEU A 35 0.82 -6.88 5.03
CA LEU A 35 1.15 -7.03 3.62
C LEU A 35 2.66 -7.16 3.42
N ASN A 36 3.06 -7.79 2.33
CA ASN A 36 4.48 -7.98 2.03
C ASN A 36 4.76 -7.72 0.55
N PHE A 37 5.33 -6.55 0.26
CA PHE A 37 5.65 -6.17 -1.11
C PHE A 37 7.17 -6.11 -1.31
N LYS A 38 7.57 -5.68 -2.50
CA LYS A 38 8.98 -5.57 -2.83
C LYS A 38 9.31 -4.19 -3.41
N ALA A 39 10.59 -3.84 -3.41
CA ALA A 39 11.03 -2.56 -3.93
C ALA A 39 10.63 -2.39 -5.40
N GLY A 40 9.52 -1.72 -5.64
CA GLY A 40 9.05 -1.51 -7.00
C GLY A 40 7.83 -2.35 -7.33
N ASP A 41 7.06 -2.70 -6.30
CA ASP A 41 5.86 -3.51 -6.48
C ASP A 41 4.66 -2.63 -6.83
N VAL A 42 4.53 -1.52 -6.11
CA VAL A 42 3.43 -0.58 -6.35
C VAL A 42 2.08 -1.23 -5.99
N ILE A 43 1.44 -0.68 -4.96
CA ILE A 43 0.14 -1.19 -4.52
C ILE A 43 -0.99 -0.28 -4.96
N PHE A 44 -2.22 -0.78 -4.88
CA PHE A 44 -3.39 0.00 -5.26
C PHE A 44 -4.00 0.70 -4.05
N LEU A 45 -3.56 0.30 -2.86
CA LEU A 45 -4.06 0.88 -1.62
C LEU A 45 -5.54 0.59 -1.43
N LEU A 46 -5.87 -0.17 -0.40
CA LEU A 46 -7.25 -0.52 -0.11
C LEU A 46 -7.87 0.48 0.85
N SER A 47 -7.08 0.98 1.79
CA SER A 47 -7.55 1.95 2.77
C SER A 47 -6.42 2.39 3.69
N ARG A 48 -6.71 3.36 4.55
CA ARG A 48 -5.72 3.88 5.48
C ARG A 48 -6.05 3.47 6.91
N ILE A 49 -5.03 3.04 7.65
CA ILE A 49 -5.22 2.62 9.04
C ILE A 49 -5.25 3.83 9.98
N ASN A 50 -4.25 4.70 9.85
CA ASN A 50 -4.17 5.88 10.69
C ASN A 50 -3.39 7.00 9.98
N LYS A 51 -2.09 6.81 9.85
CA LYS A 51 -1.23 7.79 9.19
C LYS A 51 0.11 7.18 8.83
N ASP A 52 0.65 6.35 9.72
CA ASP A 52 1.93 5.70 9.48
C ASP A 52 1.74 4.31 8.88
N TRP A 53 0.53 3.76 9.04
CA TRP A 53 0.21 2.44 8.51
C TRP A 53 -0.97 2.51 7.55
N LEU A 54 -0.88 1.79 6.45
CA LEU A 54 -1.95 1.76 5.46
C LEU A 54 -2.24 0.33 5.01
N GLU A 55 -3.19 0.19 4.09
CA GLU A 55 -3.56 -1.12 3.57
C GLU A 55 -3.56 -1.13 2.05
N GLY A 56 -3.25 -2.29 1.47
CA GLY A 56 -3.22 -2.41 0.02
C GLY A 56 -2.97 -3.84 -0.44
N THR A 57 -3.31 -4.12 -1.68
CA THR A 57 -3.13 -5.45 -2.24
C THR A 57 -2.13 -5.44 -3.41
N VAL A 58 -1.04 -6.19 -3.25
CA VAL A 58 -0.02 -6.26 -4.28
C VAL A 58 0.54 -7.67 -4.41
N ARG A 59 0.85 -8.08 -5.63
CA ARG A 59 1.39 -9.41 -5.89
C ARG A 59 0.45 -10.49 -5.37
N GLY A 60 -0.86 -10.25 -5.50
CA GLY A 60 -1.84 -11.21 -5.05
C GLY A 60 -1.85 -11.36 -3.54
N ALA A 61 -1.26 -10.40 -2.84
CA ALA A 61 -1.19 -10.44 -1.38
C ALA A 61 -1.82 -9.18 -0.78
N THR A 62 -2.60 -9.37 0.28
CA THR A 62 -3.25 -8.26 0.95
C THR A 62 -2.72 -8.09 2.38
N GLY A 63 -3.02 -6.94 2.98
CA GLY A 63 -2.57 -6.67 4.33
C GLY A 63 -2.23 -5.21 4.55
N ILE A 64 -1.63 -4.92 5.70
CA ILE A 64 -1.24 -3.55 6.03
C ILE A 64 0.26 -3.36 5.89
N PHE A 65 0.67 -2.11 5.69
CA PHE A 65 2.08 -1.78 5.54
C PHE A 65 2.36 -0.33 5.92
N PRO A 66 3.59 -0.05 6.35
CA PRO A 66 4.01 1.30 6.75
C PRO A 66 4.10 2.25 5.57
N LEU A 67 3.46 3.41 5.69
CA LEU A 67 3.47 4.41 4.63
C LEU A 67 4.89 4.96 4.43
N SER A 68 5.75 4.74 5.41
CA SER A 68 7.12 5.22 5.34
C SER A 68 7.97 4.32 4.46
N PHE A 69 7.36 3.24 3.98
CA PHE A 69 8.06 2.29 3.11
C PHE A 69 7.45 2.27 1.72
N VAL A 70 6.71 3.33 1.38
CA VAL A 70 6.06 3.42 0.08
C VAL A 70 5.91 4.88 -0.35
N LYS A 71 5.96 5.12 -1.65
CA LYS A 71 5.83 6.47 -2.19
C LYS A 71 4.41 6.72 -2.68
N ILE A 72 3.62 7.39 -1.85
CA ILE A 72 2.23 7.70 -2.20
C ILE A 72 2.16 8.50 -3.50
N LEU A 73 1.90 7.81 -4.60
CA LEU A 73 1.81 8.46 -5.91
C LEU A 73 0.41 9.03 -6.12
N LYS A 74 -0.52 8.66 -5.25
CA LYS A 74 -1.90 9.13 -5.35
C LYS A 74 -2.66 8.88 -4.05
N ASP A 75 -3.31 9.91 -3.54
CA ASP A 75 -4.08 9.80 -2.30
C ASP A 75 -5.44 9.15 -2.56
N PHE A 76 -6.07 8.69 -1.49
CA PHE A 76 -7.38 8.04 -1.60
C PHE A 76 -8.45 9.04 -2.04
N PRO A 77 -9.56 8.52 -2.58
CA PRO A 77 -10.68 9.34 -3.05
C PRO A 77 -11.43 10.01 -1.90
N GLU A 78 -10.94 11.18 -1.49
CA GLU A 78 -11.57 11.91 -0.39
C GLU A 78 -12.63 12.87 -0.93
N GLU A 79 -13.90 12.50 -0.75
CA GLU A 79 -15.00 13.33 -1.21
C GLU A 79 -14.88 14.76 -0.68
N ASP A 14 -12.24 7.42 -8.87
CA ASP A 14 -11.90 7.50 -10.28
C ASP A 14 -11.18 6.24 -10.74
N ARG A 15 -11.50 5.78 -11.96
CA ARG A 15 -10.89 4.59 -12.51
C ARG A 15 -9.52 4.90 -13.11
N MET A 16 -9.33 6.15 -13.53
CA MET A 16 -8.07 6.57 -14.12
C MET A 16 -7.33 7.53 -13.19
N ALA A 17 -7.59 7.39 -11.89
CA ALA A 17 -6.94 8.24 -10.90
C ALA A 17 -7.00 7.61 -9.50
N ALA A 18 -7.12 6.29 -9.48
CA ALA A 18 -7.19 5.56 -8.21
C ALA A 18 -5.89 5.70 -7.42
N PRO A 19 -5.96 5.43 -6.11
CA PRO A 19 -4.80 5.53 -5.22
C PRO A 19 -3.78 4.42 -5.49
N ARG A 20 -2.51 4.76 -5.32
CA ARG A 20 -1.43 3.79 -5.55
C ARG A 20 -0.09 4.36 -5.11
N ALA A 21 0.67 3.58 -4.34
CA ALA A 21 1.97 4.01 -3.85
C ALA A 21 3.06 3.04 -4.28
N GLU A 22 4.14 3.58 -4.85
CA GLU A 22 5.25 2.76 -5.31
C GLU A 22 6.17 2.39 -4.15
N ALA A 23 6.31 1.08 -3.90
CA ALA A 23 7.15 0.60 -2.83
C ALA A 23 8.59 1.08 -3.00
N LEU A 24 9.03 1.95 -2.10
CA LEU A 24 10.39 2.48 -2.15
C LEU A 24 11.41 1.42 -1.74
N PHE A 25 10.96 0.44 -0.97
CA PHE A 25 11.83 -0.64 -0.52
C PHE A 25 11.08 -1.96 -0.49
N ASP A 26 11.75 -3.00 0.02
CA ASP A 26 11.15 -4.33 0.11
C ASP A 26 10.58 -4.57 1.51
N PHE A 27 9.27 -4.74 1.59
CA PHE A 27 8.61 -4.98 2.87
C PHE A 27 8.18 -6.44 3.00
N THR A 28 8.17 -6.93 4.23
CA THR A 28 7.78 -8.32 4.49
C THR A 28 7.03 -8.44 5.81
N GLY A 29 5.70 -8.35 5.75
CA GLY A 29 4.89 -8.46 6.94
C GLY A 29 5.12 -9.76 7.68
N ASN A 30 4.40 -9.94 8.78
CA ASN A 30 4.52 -11.15 9.60
C ASN A 30 3.47 -12.18 9.19
N SER A 31 2.20 -11.80 9.29
CA SER A 31 1.10 -12.69 8.95
C SER A 31 0.25 -12.10 7.83
N LYS A 32 -0.88 -12.74 7.55
CA LYS A 32 -1.78 -12.27 6.51
C LYS A 32 -2.18 -10.81 6.74
N LEU A 33 -2.43 -10.47 8.00
CA LEU A 33 -2.82 -9.11 8.36
C LEU A 33 -1.78 -8.11 7.88
N GLU A 34 -0.54 -8.57 7.75
CA GLU A 34 0.55 -7.70 7.29
C GLU A 34 0.90 -7.98 5.83
N LEU A 35 0.94 -6.93 5.03
CA LEU A 35 1.26 -7.06 3.60
C LEU A 35 2.76 -7.16 3.40
N ASN A 36 3.16 -7.80 2.30
CA ASN A 36 4.57 -7.97 1.98
C ASN A 36 4.83 -7.69 0.50
N PHE A 37 5.40 -6.52 0.22
CA PHE A 37 5.70 -6.13 -1.14
C PHE A 37 7.21 -6.04 -1.37
N LYS A 38 7.60 -5.58 -2.56
CA LYS A 38 9.01 -5.46 -2.89
C LYS A 38 9.32 -4.08 -3.47
N ALA A 39 10.59 -3.72 -3.48
CA ALA A 39 11.01 -2.43 -4.01
C ALA A 39 10.58 -2.25 -5.46
N GLY A 40 9.46 -1.57 -5.67
CA GLY A 40 8.96 -1.34 -7.00
C GLY A 40 7.74 -2.20 -7.32
N ASP A 41 7.04 -2.63 -6.27
CA ASP A 41 5.86 -3.46 -6.44
C ASP A 41 4.64 -2.60 -6.80
N VAL A 42 4.50 -1.48 -6.10
CA VAL A 42 3.38 -0.57 -6.34
C VAL A 42 2.05 -1.22 -5.97
N ILE A 43 1.40 -0.69 -4.94
CA ILE A 43 0.13 -1.21 -4.49
C ILE A 43 -1.03 -0.31 -4.91
N PHE A 44 -2.24 -0.83 -4.82
CA PHE A 44 -3.44 -0.07 -5.20
C PHE A 44 -4.03 0.63 -3.98
N LEU A 45 -3.58 0.24 -2.80
CA LEU A 45 -4.07 0.83 -1.55
C LEU A 45 -5.55 0.52 -1.36
N LEU A 46 -5.86 -0.27 -0.33
CA LEU A 46 -7.23 -0.64 -0.04
C LEU A 46 -7.86 0.35 0.94
N SER A 47 -7.06 0.86 1.86
CA SER A 47 -7.54 1.81 2.86
C SER A 47 -6.41 2.24 3.79
N ARG A 48 -6.69 3.22 4.63
CA ARG A 48 -5.70 3.73 5.58
C ARG A 48 -6.02 3.27 7.00
N ILE A 49 -5.00 2.92 7.75
CA ILE A 49 -5.17 2.47 9.13
C ILE A 49 -5.22 3.64 10.09
N ASN A 50 -4.23 4.53 9.98
CA ASN A 50 -4.15 5.71 10.85
C ASN A 50 -3.42 6.85 10.15
N LYS A 51 -2.11 6.68 9.98
CA LYS A 51 -1.29 7.69 9.31
C LYS A 51 0.06 7.11 8.91
N ASP A 52 0.62 6.28 9.78
CA ASP A 52 1.92 5.64 9.51
C ASP A 52 1.74 4.26 8.91
N TRP A 53 0.55 3.69 9.09
CA TRP A 53 0.25 2.36 8.57
C TRP A 53 -0.95 2.41 7.61
N LEU A 54 -0.85 1.70 6.50
CA LEU A 54 -1.92 1.66 5.52
C LEU A 54 -2.19 0.23 5.06
N GLU A 55 -3.13 0.07 4.13
CA GLU A 55 -3.48 -1.25 3.63
C GLU A 55 -3.51 -1.25 2.10
N GLY A 56 -3.17 -2.39 1.51
CA GLY A 56 -3.17 -2.51 0.06
C GLY A 56 -2.90 -3.92 -0.41
N THR A 57 -3.23 -4.20 -1.66
CA THR A 57 -3.03 -5.53 -2.23
C THR A 57 -2.06 -5.48 -3.40
N VAL A 58 -0.96 -6.21 -3.29
CA VAL A 58 0.05 -6.25 -4.34
C VAL A 58 0.70 -7.63 -4.43
N ARG A 59 1.04 -8.04 -5.64
CA ARG A 59 1.67 -9.33 -5.86
C ARG A 59 0.73 -10.47 -5.45
N GLY A 60 -0.56 -10.17 -5.41
CA GLY A 60 -1.54 -11.18 -5.04
C GLY A 60 -1.62 -11.39 -3.54
N ALA A 61 -1.09 -10.43 -2.78
CA ALA A 61 -1.10 -10.52 -1.32
C ALA A 61 -1.72 -9.28 -0.70
N THR A 62 -2.50 -9.48 0.36
CA THR A 62 -3.16 -8.37 1.05
C THR A 62 -2.62 -8.20 2.46
N GLY A 63 -2.89 -7.05 3.06
CA GLY A 63 -2.42 -6.78 4.40
C GLY A 63 -2.10 -5.32 4.63
N ILE A 64 -1.50 -5.01 5.78
CA ILE A 64 -1.12 -3.64 6.11
C ILE A 64 0.38 -3.43 5.95
N PHE A 65 0.76 -2.17 5.74
CA PHE A 65 2.16 -1.82 5.57
C PHE A 65 2.42 -0.37 5.95
N PRO A 66 3.65 -0.07 6.37
CA PRO A 66 4.05 1.28 6.77
C PRO A 66 4.12 2.24 5.58
N LEU A 67 3.48 3.40 5.71
CA LEU A 67 3.46 4.39 4.65
C LEU A 67 4.87 4.97 4.44
N SER A 68 5.73 4.79 5.43
CA SER A 68 7.09 5.30 5.35
C SER A 68 7.95 4.42 4.44
N PHE A 69 7.37 3.31 3.98
CA PHE A 69 8.08 2.39 3.11
C PHE A 69 7.44 2.35 1.73
N VAL A 70 6.69 3.40 1.39
CA VAL A 70 6.02 3.48 0.10
C VAL A 70 5.84 4.93 -0.33
N LYS A 71 5.90 5.17 -1.63
CA LYS A 71 5.75 6.52 -2.18
C LYS A 71 4.32 6.75 -2.66
N ILE A 72 3.52 7.40 -1.83
CA ILE A 72 2.13 7.69 -2.16
C ILE A 72 2.03 8.50 -3.45
N LEU A 73 1.79 7.82 -4.56
CA LEU A 73 1.67 8.49 -5.86
C LEU A 73 0.26 9.04 -6.06
N LYS A 74 -0.66 8.64 -5.19
CA LYS A 74 -2.04 9.09 -5.27
C LYS A 74 -2.78 8.82 -3.96
N ASP A 75 -3.47 9.84 -3.46
CA ASP A 75 -4.21 9.73 -2.22
C ASP A 75 -5.57 9.06 -2.46
N PHE A 76 -6.20 8.60 -1.38
CA PHE A 76 -7.49 7.94 -1.48
C PHE A 76 -8.58 8.93 -1.91
N PRO A 77 -9.69 8.40 -2.44
CA PRO A 77 -10.82 9.22 -2.89
C PRO A 77 -11.56 9.87 -1.73
N GLU A 78 -11.06 11.01 -1.27
CA GLU A 78 -11.67 11.73 -0.17
C GLU A 78 -12.83 12.59 -0.67
N GLU A 79 -13.97 11.95 -0.90
CA GLU A 79 -15.16 12.65 -1.39
C GLU A 79 -16.11 12.96 -0.23
N ASP A 14 -11.79 4.65 -10.36
CA ASP A 14 -11.31 4.58 -11.73
C ASP A 14 -9.82 4.30 -11.77
N ARG A 15 -9.40 3.47 -12.72
CA ARG A 15 -8.00 3.10 -12.87
C ARG A 15 -7.11 4.35 -12.93
N MET A 16 -7.60 5.37 -13.64
CA MET A 16 -6.86 6.61 -13.78
C MET A 16 -7.40 7.68 -12.83
N ALA A 17 -7.79 7.26 -11.63
CA ALA A 17 -8.33 8.17 -10.63
C ALA A 17 -8.47 7.48 -9.28
N ALA A 18 -7.61 6.51 -9.02
CA ALA A 18 -7.64 5.77 -7.76
C ALA A 18 -6.31 5.89 -7.03
N PRO A 19 -6.33 5.62 -5.71
CA PRO A 19 -5.14 5.70 -4.86
C PRO A 19 -4.14 4.58 -5.18
N ARG A 20 -2.86 4.89 -5.03
CA ARG A 20 -1.80 3.91 -5.30
C ARG A 20 -0.44 4.46 -4.88
N ALA A 21 0.32 3.65 -4.17
CA ALA A 21 1.65 4.05 -3.71
C ALA A 21 2.72 3.08 -4.21
N GLU A 22 3.78 3.62 -4.81
CA GLU A 22 4.86 2.80 -5.33
C GLU A 22 5.82 2.40 -4.21
N ALA A 23 5.96 1.09 -4.00
CA ALA A 23 6.84 0.58 -2.97
C ALA A 23 8.28 1.04 -3.19
N LEU A 24 8.77 1.90 -2.31
CA LEU A 24 10.12 2.42 -2.41
C LEU A 24 11.15 1.35 -2.05
N PHE A 25 10.71 0.37 -1.27
CA PHE A 25 11.59 -0.72 -0.84
C PHE A 25 10.82 -2.04 -0.79
N ASP A 26 11.50 -3.09 -0.34
CA ASP A 26 10.90 -4.42 -0.24
C ASP A 26 10.39 -4.67 1.17
N PHE A 27 9.08 -4.81 1.31
CA PHE A 27 8.46 -5.05 2.61
C PHE A 27 8.05 -6.52 2.75
N THR A 28 7.98 -6.99 3.98
CA THR A 28 7.59 -8.38 4.25
C THR A 28 6.92 -8.51 5.62
N GLY A 29 5.59 -8.52 5.62
CA GLY A 29 4.86 -8.64 6.86
C GLY A 29 5.14 -9.93 7.58
N ASN A 30 4.38 -10.20 8.64
CA ASN A 30 4.57 -11.43 9.42
C ASN A 30 3.43 -12.41 9.17
N SER A 31 2.20 -11.90 9.18
CA SER A 31 1.02 -12.73 8.96
C SER A 31 0.13 -12.13 7.87
N LYS A 32 -1.00 -12.77 7.62
CA LYS A 32 -1.94 -12.31 6.61
C LYS A 32 -2.32 -10.85 6.86
N LEU A 33 -2.51 -10.49 8.13
CA LEU A 33 -2.87 -9.13 8.50
C LEU A 33 -1.83 -8.14 7.98
N GLU A 34 -0.60 -8.61 7.80
CA GLU A 34 0.47 -7.75 7.32
C GLU A 34 0.75 -8.02 5.84
N LEU A 35 0.81 -6.94 5.05
CA LEU A 35 1.07 -7.06 3.62
C LEU A 35 2.55 -7.19 3.34
N ASN A 36 2.89 -7.81 2.21
CA ASN A 36 4.29 -8.00 1.83
C ASN A 36 4.49 -7.70 0.35
N PHE A 37 5.13 -6.56 0.07
CA PHE A 37 5.38 -6.15 -1.31
C PHE A 37 6.87 -6.08 -1.59
N LYS A 38 7.23 -5.62 -2.78
CA LYS A 38 8.63 -5.50 -3.17
C LYS A 38 8.92 -4.12 -3.74
N ALA A 39 10.21 -3.77 -3.81
CA ALA A 39 10.62 -2.47 -4.35
C ALA A 39 10.13 -2.29 -5.78
N GLY A 40 9.00 -1.59 -5.93
CA GLY A 40 8.44 -1.36 -7.25
C GLY A 40 7.21 -2.19 -7.51
N ASP A 41 6.55 -2.61 -6.44
CA ASP A 41 5.34 -3.42 -6.56
C ASP A 41 4.13 -2.54 -6.86
N VAL A 42 4.03 -1.42 -6.16
CA VAL A 42 2.92 -0.49 -6.35
C VAL A 42 1.59 -1.13 -5.93
N ILE A 43 1.01 -0.60 -4.86
CA ILE A 43 -0.26 -1.12 -4.36
C ILE A 43 -1.42 -0.19 -4.74
N PHE A 44 -2.64 -0.69 -4.62
CA PHE A 44 -3.83 0.09 -4.94
C PHE A 44 -4.39 0.78 -3.70
N LEU A 45 -3.90 0.35 -2.53
CA LEU A 45 -4.36 0.93 -1.27
C LEU A 45 -5.84 0.64 -1.03
N LEU A 46 -6.13 -0.11 0.02
CA LEU A 46 -7.50 -0.46 0.36
C LEU A 46 -8.08 0.51 1.38
N SER A 47 -7.21 0.98 2.28
CA SER A 47 -7.64 1.92 3.32
C SER A 47 -6.46 2.31 4.21
N ARG A 48 -6.68 3.33 5.05
CA ARG A 48 -5.63 3.80 5.95
C ARG A 48 -5.91 3.36 7.38
N ILE A 49 -4.86 2.96 8.09
CA ILE A 49 -4.99 2.52 9.47
C ILE A 49 -4.98 3.70 10.43
N ASN A 50 -3.99 4.58 10.27
CA ASN A 50 -3.88 5.76 11.12
C ASN A 50 -3.14 6.88 10.40
N LYS A 51 -1.84 6.68 10.19
CA LYS A 51 -1.02 7.68 9.51
C LYS A 51 0.31 7.08 9.08
N ASP A 52 0.88 6.23 9.92
CA ASP A 52 2.16 5.58 9.63
C ASP A 52 1.93 4.20 9.02
N TRP A 53 0.74 3.66 9.23
CA TRP A 53 0.40 2.34 8.71
C TRP A 53 -0.83 2.41 7.81
N LEU A 54 -0.77 1.69 6.69
CA LEU A 54 -1.89 1.67 5.75
C LEU A 54 -2.20 0.25 5.30
N GLU A 55 -3.19 0.10 4.43
CA GLU A 55 -3.58 -1.20 3.92
C GLU A 55 -3.73 -1.18 2.40
N GLY A 56 -3.48 -2.32 1.78
CA GLY A 56 -3.58 -2.41 0.32
C GLY A 56 -3.31 -3.81 -0.19
N THR A 57 -3.70 -4.06 -1.43
CA THR A 57 -3.50 -5.38 -2.04
C THR A 57 -2.56 -5.29 -3.23
N VAL A 58 -1.44 -6.01 -3.14
CA VAL A 58 -0.45 -6.02 -4.21
C VAL A 58 0.17 -7.40 -4.37
N ARG A 59 0.49 -7.77 -5.61
CA ARG A 59 1.08 -9.06 -5.90
C ARG A 59 0.15 -10.20 -5.51
N GLY A 60 -1.14 -9.88 -5.40
CA GLY A 60 -2.13 -10.89 -5.04
C GLY A 60 -2.16 -11.14 -3.55
N ALA A 61 -1.59 -10.23 -2.77
CA ALA A 61 -1.56 -10.36 -1.32
C ALA A 61 -2.12 -9.11 -0.65
N THR A 62 -2.85 -9.31 0.45
CA THR A 62 -3.44 -8.21 1.19
C THR A 62 -2.82 -8.07 2.58
N GLY A 63 -3.11 -6.96 3.24
CA GLY A 63 -2.58 -6.73 4.57
C GLY A 63 -2.22 -5.28 4.81
N ILE A 64 -1.53 -5.02 5.91
CA ILE A 64 -1.13 -3.65 6.26
C ILE A 64 0.36 -3.45 6.04
N PHE A 65 0.76 -2.19 5.84
CA PHE A 65 2.15 -1.86 5.62
C PHE A 65 2.44 -0.41 5.99
N PRO A 66 3.70 -0.13 6.37
CA PRO A 66 4.12 1.22 6.76
C PRO A 66 4.15 2.19 5.58
N LEU A 67 3.54 3.35 5.76
CA LEU A 67 3.51 4.36 4.71
C LEU A 67 4.90 4.92 4.44
N SER A 68 5.80 4.70 5.39
CA SER A 68 7.18 5.20 5.26
C SER A 68 7.99 4.30 4.33
N PHE A 69 7.36 3.22 3.86
CA PHE A 69 8.03 2.29 2.96
C PHE A 69 7.35 2.27 1.60
N VAL A 70 6.60 3.34 1.30
CA VAL A 70 5.89 3.44 0.02
C VAL A 70 5.72 4.90 -0.38
N LYS A 71 5.72 5.14 -1.69
CA LYS A 71 5.55 6.50 -2.21
C LYS A 71 4.10 6.75 -2.62
N ILE A 72 3.35 7.42 -1.76
CA ILE A 72 1.96 7.74 -2.03
C ILE A 72 1.82 8.55 -3.31
N LEU A 73 1.50 7.87 -4.41
CA LEU A 73 1.35 8.54 -5.70
C LEU A 73 -0.06 9.12 -5.83
N LYS A 74 -0.95 8.74 -4.92
CA LYS A 74 -2.32 9.22 -4.94
C LYS A 74 -3.02 8.95 -3.61
N ASP A 75 -3.64 9.97 -3.04
CA ASP A 75 -4.34 9.83 -1.77
C ASP A 75 -5.70 9.18 -1.98
N PHE A 76 -6.31 8.74 -0.88
CA PHE A 76 -7.62 8.09 -0.94
C PHE A 76 -8.70 9.10 -1.33
N PRO A 77 -9.83 8.58 -1.83
CA PRO A 77 -10.96 9.42 -2.26
C PRO A 77 -11.67 10.08 -1.07
N GLU A 78 -11.17 11.24 -0.66
CA GLU A 78 -11.75 11.96 0.45
C GLU A 78 -12.44 13.24 -0.03
N GLU A 79 -13.68 13.10 -0.49
CA GLU A 79 -14.44 14.24 -0.98
C GLU A 79 -15.63 14.53 -0.07
N ASP A 14 -12.86 4.69 -10.63
CA ASP A 14 -11.94 5.80 -10.56
C ASP A 14 -10.49 5.32 -10.66
N ARG A 15 -10.24 4.44 -11.62
CA ARG A 15 -8.91 3.89 -11.82
C ARG A 15 -8.02 4.90 -12.56
N MET A 16 -8.64 5.78 -13.33
CA MET A 16 -7.91 6.80 -14.08
C MET A 16 -7.04 7.63 -13.15
N ALA A 17 -7.43 7.71 -11.88
CA ALA A 17 -6.68 8.47 -10.90
C ALA A 17 -6.75 7.82 -9.52
N ALA A 18 -6.99 6.52 -9.51
CA ALA A 18 -7.08 5.77 -8.25
C ALA A 18 -5.79 5.88 -7.45
N PRO A 19 -5.88 5.60 -6.15
CA PRO A 19 -4.73 5.65 -5.24
C PRO A 19 -3.72 4.54 -5.52
N ARG A 20 -2.44 4.85 -5.35
CA ARG A 20 -1.38 3.87 -5.57
C ARG A 20 -0.03 4.42 -5.13
N ALA A 21 0.71 3.62 -4.37
CA ALA A 21 2.03 4.02 -3.89
C ALA A 21 3.10 3.04 -4.32
N GLU A 22 4.18 3.56 -4.88
CA GLU A 22 5.28 2.72 -5.35
C GLU A 22 6.19 2.33 -4.19
N ALA A 23 6.30 1.03 -3.95
CA ALA A 23 7.15 0.52 -2.88
C ALA A 23 8.59 0.98 -3.04
N LEU A 24 9.05 1.84 -2.14
CA LEU A 24 10.41 2.35 -2.19
C LEU A 24 11.42 1.27 -1.79
N PHE A 25 10.94 0.29 -1.03
CA PHE A 25 11.80 -0.80 -0.58
C PHE A 25 11.02 -2.12 -0.54
N ASP A 26 11.67 -3.16 -0.05
CA ASP A 26 11.05 -4.48 0.05
C ASP A 26 10.49 -4.72 1.44
N PHE A 27 9.17 -4.85 1.53
CA PHE A 27 8.50 -5.08 2.81
C PHE A 27 8.07 -6.54 2.94
N THR A 28 8.04 -7.03 4.17
CA THR A 28 7.64 -8.41 4.43
C THR A 28 6.88 -8.53 5.76
N GLY A 29 5.56 -8.42 5.68
CA GLY A 29 4.74 -8.52 6.87
C GLY A 29 4.92 -9.82 7.60
N ASN A 30 4.21 -9.99 8.71
CA ASN A 30 4.30 -11.22 9.50
C ASN A 30 3.24 -12.22 9.06
N SER A 31 1.98 -11.85 9.21
CA SER A 31 0.88 -12.72 8.84
C SER A 31 0.03 -12.09 7.73
N LYS A 32 -1.11 -12.70 7.44
CA LYS A 32 -2.01 -12.20 6.40
C LYS A 32 -2.36 -10.74 6.66
N LEU A 33 -2.61 -10.41 7.92
CA LEU A 33 -2.97 -9.04 8.29
C LEU A 33 -1.92 -8.05 7.82
N GLU A 34 -0.67 -8.53 7.69
CA GLU A 34 0.42 -7.68 7.24
C GLU A 34 0.76 -7.96 5.78
N LEU A 35 0.80 -6.91 4.97
CA LEU A 35 1.11 -7.04 3.56
C LEU A 35 2.61 -7.17 3.34
N ASN A 36 3.00 -7.82 2.24
CA ASN A 36 4.41 -8.01 1.92
C ASN A 36 4.67 -7.72 0.44
N PHE A 37 5.28 -6.57 0.16
CA PHE A 37 5.58 -6.18 -1.21
C PHE A 37 7.09 -6.13 -1.43
N LYS A 38 7.49 -5.68 -2.62
CA LYS A 38 8.91 -5.57 -2.96
C LYS A 38 9.23 -4.20 -3.53
N ALA A 39 10.51 -3.85 -3.55
CA ALA A 39 10.95 -2.57 -4.07
C ALA A 39 10.52 -2.38 -5.52
N GLY A 40 9.42 -1.68 -5.72
CA GLY A 40 8.91 -1.45 -7.07
C GLY A 40 7.68 -2.28 -7.38
N ASP A 41 6.98 -2.70 -6.33
CA ASP A 41 5.77 -3.51 -6.49
C ASP A 41 4.58 -2.63 -6.85
N VAL A 42 4.45 -1.50 -6.15
CA VAL A 42 3.36 -0.58 -6.39
C VAL A 42 2.01 -1.20 -6.02
N ILE A 43 1.38 -0.66 -4.98
CA ILE A 43 0.09 -1.18 -4.53
C ILE A 43 -1.04 -0.24 -4.96
N PHE A 44 -2.27 -0.74 -4.86
CA PHE A 44 -3.45 0.04 -5.24
C PHE A 44 -4.03 0.75 -4.02
N LEU A 45 -3.58 0.36 -2.83
CA LEU A 45 -4.06 0.95 -1.58
C LEU A 45 -5.55 0.66 -1.38
N LEU A 46 -5.86 -0.12 -0.36
CA LEU A 46 -7.25 -0.47 -0.05
C LEU A 46 -7.86 0.52 0.92
N SER A 47 -7.04 1.01 1.85
CA SER A 47 -7.51 1.97 2.84
C SER A 47 -6.37 2.40 3.76
N ARG A 48 -6.64 3.39 4.61
CA ARG A 48 -5.63 3.89 5.53
C ARG A 48 -5.96 3.48 6.97
N ILE A 49 -4.93 3.03 7.70
CA ILE A 49 -5.11 2.61 9.08
C ILE A 49 -5.13 3.80 10.02
N ASN A 50 -4.13 4.66 9.91
CA ASN A 50 -4.04 5.85 10.76
C ASN A 50 -3.27 6.96 10.05
N LYS A 51 -1.97 6.76 9.91
CA LYS A 51 -1.11 7.74 9.25
C LYS A 51 0.23 7.13 8.86
N ASP A 52 0.77 6.29 9.74
CA ASP A 52 2.05 5.64 9.48
C ASP A 52 1.84 4.25 8.87
N TRP A 53 0.64 3.71 9.05
CA TRP A 53 0.30 2.39 8.52
C TRP A 53 -0.89 2.46 7.58
N LEU A 54 -0.81 1.75 6.47
CA LEU A 54 -1.88 1.73 5.47
C LEU A 54 -2.18 0.31 5.02
N GLU A 55 -3.13 0.18 4.10
CA GLU A 55 -3.51 -1.13 3.58
C GLU A 55 -3.53 -1.13 2.06
N GLY A 56 -3.23 -2.29 1.47
CA GLY A 56 -3.22 -2.39 0.02
C GLY A 56 -2.98 -3.81 -0.45
N THR A 57 -3.33 -4.09 -1.70
CA THR A 57 -3.15 -5.41 -2.28
C THR A 57 -2.18 -5.38 -3.45
N VAL A 58 -1.09 -6.14 -3.34
CA VAL A 58 -0.09 -6.19 -4.39
C VAL A 58 0.53 -7.58 -4.47
N ARG A 59 0.86 -8.00 -5.69
CA ARG A 59 1.47 -9.31 -5.91
C ARG A 59 0.50 -10.43 -5.52
N GLY A 60 -0.79 -10.10 -5.47
CA GLY A 60 -1.79 -11.08 -5.10
C GLY A 60 -1.87 -11.30 -3.60
N ALA A 61 -1.32 -10.36 -2.84
CA ALA A 61 -1.33 -10.45 -1.39
C ALA A 61 -1.93 -9.20 -0.77
N THR A 62 -2.71 -9.38 0.30
CA THR A 62 -3.34 -8.27 0.99
C THR A 62 -2.80 -8.11 2.41
N GLY A 63 -3.04 -6.95 3.00
CA GLY A 63 -2.56 -6.69 4.35
C GLY A 63 -2.20 -5.24 4.57
N ILE A 64 -1.59 -4.95 5.72
CA ILE A 64 -1.20 -3.58 6.05
C ILE A 64 0.31 -3.39 5.88
N PHE A 65 0.72 -2.15 5.68
CA PHE A 65 2.13 -1.83 5.51
C PHE A 65 2.42 -0.38 5.90
N PRO A 66 3.66 -0.10 6.32
CA PRO A 66 4.08 1.24 6.72
C PRO A 66 4.17 2.19 5.53
N LEU A 67 3.54 3.36 5.67
CA LEU A 67 3.56 4.36 4.62
C LEU A 67 4.96 4.92 4.40
N SER A 68 5.83 4.72 5.39
CA SER A 68 7.20 5.20 5.33
C SER A 68 8.05 4.31 4.42
N PHE A 69 7.44 3.22 3.94
CA PHE A 69 8.13 2.29 3.06
C PHE A 69 7.49 2.27 1.68
N VAL A 70 6.75 3.33 1.36
CA VAL A 70 6.09 3.43 0.07
C VAL A 70 5.92 4.89 -0.35
N LYS A 71 5.98 5.13 -1.66
CA LYS A 71 5.83 6.48 -2.18
C LYS A 71 4.40 6.73 -2.66
N ILE A 72 3.61 7.41 -1.83
CA ILE A 72 2.23 7.71 -2.17
C ILE A 72 2.15 8.52 -3.47
N LEU A 73 1.89 7.84 -4.57
CA LEU A 73 1.79 8.50 -5.87
C LEU A 73 0.39 9.08 -6.07
N LYS A 74 -0.53 8.70 -5.21
CA LYS A 74 -1.91 9.19 -5.28
C LYS A 74 -2.65 8.94 -3.97
N ASP A 75 -3.34 9.96 -3.48
CA ASP A 75 -4.10 9.85 -2.24
C ASP A 75 -5.45 9.19 -2.49
N PHE A 76 -6.08 8.74 -1.42
CA PHE A 76 -7.39 8.09 -1.52
C PHE A 76 -8.46 9.09 -1.95
N PRO A 77 -9.58 8.55 -2.48
CA PRO A 77 -10.69 9.38 -2.94
C PRO A 77 -11.44 10.05 -1.79
N GLU A 78 -10.92 11.17 -1.32
CA GLU A 78 -11.53 11.91 -0.23
C GLU A 78 -12.50 12.97 -0.75
N GLU A 79 -13.79 12.75 -0.52
CA GLU A 79 -14.81 13.68 -0.97
C GLU A 79 -15.38 14.47 0.20
N ASP A 14 -12.20 2.59 -11.28
CA ASP A 14 -11.33 3.73 -11.51
C ASP A 14 -9.87 3.29 -11.61
N ARG A 15 -9.25 3.57 -12.76
CA ARG A 15 -7.85 3.20 -12.98
C ARG A 15 -6.97 4.43 -13.10
N MET A 16 -7.53 5.49 -13.66
CA MET A 16 -6.79 6.74 -13.84
C MET A 16 -7.31 7.81 -12.87
N ALA A 17 -7.73 7.39 -11.69
CA ALA A 17 -8.24 8.32 -10.69
C ALA A 17 -8.38 7.63 -9.33
N ALA A 18 -7.54 6.63 -9.09
CA ALA A 18 -7.56 5.90 -7.83
C ALA A 18 -6.23 6.01 -7.10
N PRO A 19 -6.25 5.74 -5.78
CA PRO A 19 -5.05 5.81 -4.94
C PRO A 19 -4.06 4.69 -5.25
N ARG A 20 -2.77 4.99 -5.14
CA ARG A 20 -1.73 4.01 -5.41
C ARG A 20 -0.36 4.55 -5.01
N ALA A 21 0.40 3.74 -4.29
CA ALA A 21 1.74 4.13 -3.84
C ALA A 21 2.79 3.14 -4.32
N GLU A 22 3.86 3.67 -4.93
CA GLU A 22 4.93 2.82 -5.43
C GLU A 22 5.88 2.42 -4.30
N ALA A 23 6.03 1.11 -4.09
CA ALA A 23 6.90 0.60 -3.05
C ALA A 23 8.34 1.05 -3.27
N LEU A 24 8.84 1.90 -2.37
CA LEU A 24 10.20 2.40 -2.47
C LEU A 24 11.21 1.31 -2.09
N PHE A 25 10.76 0.34 -1.31
CA PHE A 25 11.62 -0.76 -0.88
C PHE A 25 10.85 -2.06 -0.83
N ASP A 26 11.51 -3.12 -0.36
CA ASP A 26 10.89 -4.43 -0.26
C ASP A 26 10.38 -4.68 1.15
N PHE A 27 9.05 -4.79 1.29
CA PHE A 27 8.43 -5.02 2.58
C PHE A 27 8.01 -6.48 2.72
N THR A 28 7.97 -6.96 3.97
CA THR A 28 7.58 -8.34 4.24
C THR A 28 6.85 -8.45 5.57
N GLY A 29 5.53 -8.32 5.53
CA GLY A 29 4.74 -8.41 6.74
C GLY A 29 4.93 -9.72 7.46
N ASN A 30 4.28 -9.86 8.62
CA ASN A 30 4.39 -11.09 9.41
C ASN A 30 3.35 -12.11 8.96
N SER A 31 2.08 -11.81 9.20
CA SER A 31 1.01 -12.71 8.82
C SER A 31 0.13 -12.08 7.74
N LYS A 32 -1.00 -12.72 7.46
CA LYS A 32 -1.92 -12.24 6.44
C LYS A 32 -2.31 -10.79 6.71
N LEU A 33 -2.54 -10.45 7.98
CA LEU A 33 -2.91 -9.10 8.36
C LEU A 33 -1.89 -8.09 7.85
N GLU A 34 -0.64 -8.53 7.72
CA GLU A 34 0.43 -7.66 7.24
C GLU A 34 0.74 -7.94 5.77
N LEU A 35 0.72 -6.88 4.97
CA LEU A 35 0.99 -7.00 3.54
C LEU A 35 2.49 -7.09 3.29
N ASN A 36 2.87 -7.75 2.18
CA ASN A 36 4.27 -7.91 1.82
C ASN A 36 4.48 -7.62 0.34
N PHE A 37 5.10 -6.48 0.04
CA PHE A 37 5.37 -6.10 -1.34
C PHE A 37 6.87 -6.05 -1.60
N LYS A 38 7.24 -5.60 -2.80
CA LYS A 38 8.64 -5.50 -3.20
C LYS A 38 8.95 -4.13 -3.77
N ALA A 39 10.24 -3.79 -3.83
CA ALA A 39 10.67 -2.51 -4.36
C ALA A 39 10.20 -2.33 -5.81
N GLY A 40 9.08 -1.64 -5.98
CA GLY A 40 8.56 -1.41 -7.32
C GLY A 40 7.32 -2.24 -7.60
N ASP A 41 6.59 -2.59 -6.55
CA ASP A 41 5.38 -3.38 -6.69
C ASP A 41 4.17 -2.49 -6.97
N VAL A 42 4.08 -1.38 -6.24
CA VAL A 42 2.97 -0.44 -6.42
C VAL A 42 1.65 -1.07 -6.00
N ILE A 43 1.05 -0.53 -4.95
CA ILE A 43 -0.22 -1.04 -4.46
C ILE A 43 -1.37 -0.11 -4.83
N PHE A 44 -2.60 -0.61 -4.70
CA PHE A 44 -3.78 0.19 -5.01
C PHE A 44 -4.33 0.88 -3.78
N LEU A 45 -3.83 0.47 -2.61
CA LEU A 45 -4.26 1.06 -1.34
C LEU A 45 -5.74 0.78 -1.09
N LEU A 46 -6.01 -0.03 -0.08
CA LEU A 46 -7.39 -0.38 0.28
C LEU A 46 -7.96 0.61 1.28
N SER A 47 -7.11 1.09 2.19
CA SER A 47 -7.54 2.03 3.20
C SER A 47 -6.37 2.45 4.09
N ARG A 48 -6.61 3.42 4.96
CA ARG A 48 -5.57 3.90 5.87
C ARG A 48 -5.85 3.47 7.30
N ILE A 49 -4.81 3.01 7.99
CA ILE A 49 -4.94 2.57 9.37
C ILE A 49 -4.93 3.75 10.34
N ASN A 50 -3.93 4.61 10.20
CA ASN A 50 -3.81 5.79 11.06
C ASN A 50 -3.06 6.91 10.34
N LYS A 51 -1.77 6.73 10.13
CA LYS A 51 -0.95 7.72 9.45
C LYS A 51 0.37 7.12 8.99
N ASP A 52 0.95 6.27 9.83
CA ASP A 52 2.22 5.62 9.52
C ASP A 52 1.99 4.25 8.91
N TRP A 53 0.80 3.70 9.13
CA TRP A 53 0.45 2.39 8.60
C TRP A 53 -0.78 2.46 7.70
N LEU A 54 -0.74 1.77 6.58
CA LEU A 54 -1.85 1.75 5.64
C LEU A 54 -2.16 0.33 5.18
N GLU A 55 -3.15 0.20 4.30
CA GLU A 55 -3.55 -1.11 3.78
C GLU A 55 -3.61 -1.09 2.26
N GLY A 56 -3.33 -2.23 1.65
CA GLY A 56 -3.37 -2.33 0.20
C GLY A 56 -3.14 -3.75 -0.30
N THR A 57 -3.54 -4.01 -1.54
CA THR A 57 -3.39 -5.33 -2.13
C THR A 57 -2.45 -5.29 -3.33
N VAL A 58 -1.36 -6.04 -3.26
CA VAL A 58 -0.39 -6.09 -4.34
C VAL A 58 0.23 -7.48 -4.46
N ARG A 59 0.53 -7.88 -5.70
CA ARG A 59 1.12 -9.18 -5.95
C ARG A 59 0.17 -10.30 -5.53
N GLY A 60 -1.11 -9.98 -5.45
CA GLY A 60 -2.11 -10.97 -5.07
C GLY A 60 -2.13 -11.21 -3.57
N ALA A 61 -1.64 -10.25 -2.80
CA ALA A 61 -1.61 -10.37 -1.36
C ALA A 61 -2.14 -9.11 -0.69
N THR A 62 -2.90 -9.30 0.38
CA THR A 62 -3.49 -8.17 1.11
C THR A 62 -2.87 -8.04 2.51
N GLY A 63 -3.11 -6.89 3.14
CA GLY A 63 -2.56 -6.66 4.47
C GLY A 63 -2.19 -5.21 4.70
N ILE A 64 -1.54 -4.94 5.83
CA ILE A 64 -1.14 -3.59 6.17
C ILE A 64 0.36 -3.39 5.93
N PHE A 65 0.76 -2.14 5.73
CA PHE A 65 2.17 -1.81 5.51
C PHE A 65 2.46 -0.36 5.88
N PRO A 66 3.71 -0.10 6.26
CA PRO A 66 4.15 1.25 6.65
C PRO A 66 4.20 2.21 5.47
N LEU A 67 3.59 3.38 5.63
CA LEU A 67 3.57 4.39 4.58
C LEU A 67 4.97 4.95 4.33
N SER A 68 5.87 4.74 5.29
CA SER A 68 7.23 5.22 5.17
C SER A 68 8.04 4.34 4.22
N PHE A 69 7.43 3.26 3.76
CA PHE A 69 8.08 2.33 2.85
C PHE A 69 7.38 2.31 1.50
N VAL A 70 6.65 3.38 1.21
CA VAL A 70 5.92 3.48 -0.06
C VAL A 70 5.76 4.95 -0.47
N LYS A 71 5.78 5.19 -1.78
CA LYS A 71 5.63 6.54 -2.30
C LYS A 71 4.19 6.80 -2.72
N ILE A 72 3.43 7.47 -1.85
CA ILE A 72 2.04 7.78 -2.13
C ILE A 72 1.91 8.62 -3.41
N LEU A 73 1.61 7.96 -4.51
CA LEU A 73 1.45 8.63 -5.79
C LEU A 73 0.06 9.23 -5.93
N LYS A 74 -0.84 8.84 -5.03
CA LYS A 74 -2.21 9.33 -5.05
C LYS A 74 -2.90 9.08 -3.71
N ASP A 75 -3.56 10.10 -3.19
CA ASP A 75 -4.26 9.99 -1.91
C ASP A 75 -5.64 9.36 -2.10
N PHE A 76 -6.22 8.87 -1.01
CA PHE A 76 -7.53 8.24 -1.07
C PHE A 76 -8.61 9.25 -1.42
N PRO A 77 -9.76 8.76 -1.91
CA PRO A 77 -10.89 9.60 -2.30
C PRO A 77 -11.56 10.26 -1.10
N GLU A 78 -11.01 11.38 -0.64
CA GLU A 78 -11.56 12.10 0.50
C GLU A 78 -12.07 13.46 0.08
N GLU A 79 -13.40 13.59 -0.03
CA GLU A 79 -14.02 14.84 -0.43
C GLU A 79 -14.97 15.35 0.67
N ASP A 14 -12.75 7.25 -9.04
CA ASP A 14 -11.93 7.48 -10.22
C ASP A 14 -11.31 6.18 -10.72
N ARG A 15 -11.33 5.97 -12.03
CA ARG A 15 -10.76 4.76 -12.62
C ARG A 15 -9.38 5.03 -13.19
N MET A 16 -9.18 6.25 -13.71
CA MET A 16 -7.91 6.63 -14.29
C MET A 16 -7.14 7.57 -13.36
N ALA A 17 -7.40 7.44 -12.05
CA ALA A 17 -6.73 8.28 -11.06
C ALA A 17 -6.81 7.65 -9.68
N ALA A 18 -6.95 6.33 -9.63
CA ALA A 18 -7.05 5.61 -8.37
C ALA A 18 -5.76 5.74 -7.57
N PRO A 19 -5.85 5.49 -6.25
CA PRO A 19 -4.69 5.57 -5.36
C PRO A 19 -3.68 4.46 -5.60
N ARG A 20 -2.40 4.77 -5.42
CA ARG A 20 -1.34 3.79 -5.62
C ARG A 20 0.01 4.35 -5.16
N ALA A 21 0.74 3.55 -4.39
CA ALA A 21 2.05 3.97 -3.89
C ALA A 21 3.13 2.99 -4.32
N GLU A 22 4.22 3.52 -4.88
CA GLU A 22 5.33 2.68 -5.33
C GLU A 22 6.23 2.30 -4.16
N ALA A 23 6.36 1.00 -3.93
CA ALA A 23 7.19 0.50 -2.85
C ALA A 23 8.64 0.96 -3.00
N LEU A 24 9.09 1.81 -2.08
CA LEU A 24 10.45 2.33 -2.12
C LEU A 24 11.45 1.26 -1.69
N PHE A 25 10.97 0.28 -0.92
CA PHE A 25 11.83 -0.80 -0.44
C PHE A 25 11.07 -2.12 -0.43
N ASP A 26 11.73 -3.16 0.07
CA ASP A 26 11.12 -4.48 0.14
C ASP A 26 10.54 -4.74 1.54
N PHE A 27 9.22 -4.88 1.60
CA PHE A 27 8.55 -5.14 2.87
C PHE A 27 8.15 -6.60 3.00
N THR A 28 7.97 -7.05 4.24
CA THR A 28 7.59 -8.44 4.50
C THR A 28 6.85 -8.56 5.83
N GLY A 29 5.52 -8.46 5.77
CA GLY A 29 4.72 -8.57 6.97
C GLY A 29 4.94 -9.89 7.70
N ASN A 30 4.16 -10.11 8.76
CA ASN A 30 4.28 -11.34 9.54
C ASN A 30 3.10 -12.27 9.25
N SER A 31 1.90 -11.82 9.59
CA SER A 31 0.69 -12.62 9.37
C SER A 31 -0.05 -12.14 8.12
N LYS A 32 -1.25 -12.67 7.93
CA LYS A 32 -2.07 -12.30 6.77
C LYS A 32 -2.52 -10.84 6.88
N LEU A 33 -2.60 -10.34 8.10
CA LEU A 33 -3.02 -8.96 8.33
C LEU A 33 -1.95 -7.98 7.87
N GLU A 34 -0.73 -8.48 7.72
CA GLU A 34 0.38 -7.64 7.27
C GLU A 34 0.73 -7.92 5.81
N LEU A 35 0.81 -6.87 5.01
CA LEU A 35 1.13 -7.00 3.60
C LEU A 35 2.63 -7.16 3.40
N ASN A 36 3.01 -7.80 2.29
CA ASN A 36 4.42 -8.01 1.98
C ASN A 36 4.70 -7.75 0.51
N PHE A 37 5.33 -6.61 0.22
CA PHE A 37 5.64 -6.24 -1.15
C PHE A 37 7.16 -6.16 -1.36
N LYS A 38 7.57 -5.73 -2.54
CA LYS A 38 8.99 -5.62 -2.87
C LYS A 38 9.31 -4.24 -3.44
N ALA A 39 10.58 -3.89 -3.45
CA ALA A 39 11.02 -2.60 -3.98
C ALA A 39 10.59 -2.44 -5.43
N GLY A 40 9.49 -1.73 -5.65
CA GLY A 40 9.00 -1.52 -7.01
C GLY A 40 7.77 -2.36 -7.31
N ASP A 41 7.05 -2.76 -6.27
CA ASP A 41 5.85 -3.56 -6.44
C ASP A 41 4.65 -2.69 -6.80
N VAL A 42 4.52 -1.56 -6.11
CA VAL A 42 3.43 -0.63 -6.36
C VAL A 42 2.08 -1.26 -6.00
N ILE A 43 1.45 -0.71 -4.97
CA ILE A 43 0.16 -1.22 -4.51
C ILE A 43 -0.98 -0.30 -4.95
N PHE A 44 -2.21 -0.81 -4.88
CA PHE A 44 -3.38 -0.04 -5.27
C PHE A 44 -3.99 0.67 -4.07
N LEU A 45 -3.56 0.28 -2.87
CA LEU A 45 -4.05 0.88 -1.64
C LEU A 45 -5.54 0.59 -1.46
N LEU A 46 -5.87 -0.14 -0.40
CA LEU A 46 -7.25 -0.49 -0.11
C LEU A 46 -7.87 0.51 0.87
N SER A 47 -7.06 0.98 1.81
CA SER A 47 -7.54 1.93 2.81
C SER A 47 -6.39 2.36 3.73
N ARG A 48 -6.65 3.37 4.55
CA ARG A 48 -5.65 3.88 5.48
C ARG A 48 -5.98 3.48 6.92
N ILE A 49 -4.97 3.04 7.65
CA ILE A 49 -5.15 2.63 9.04
C ILE A 49 -5.19 3.84 9.97
N ASN A 50 -4.18 4.69 9.88
CA ASN A 50 -4.10 5.88 10.72
C ASN A 50 -3.34 7.00 10.00
N LYS A 51 -2.04 6.81 9.85
CA LYS A 51 -1.20 7.80 9.19
C LYS A 51 0.15 7.20 8.79
N ASP A 52 0.69 6.37 9.68
CA ASP A 52 1.98 5.72 9.43
C ASP A 52 1.79 4.34 8.85
N TRP A 53 0.59 3.79 9.02
CA TRP A 53 0.27 2.46 8.51
C TRP A 53 -0.92 2.50 7.57
N LEU A 54 -0.83 1.78 6.45
CA LEU A 54 -1.90 1.74 5.47
C LEU A 54 -2.19 0.31 5.04
N GLU A 55 -3.15 0.16 4.13
CA GLU A 55 -3.52 -1.17 3.63
C GLU A 55 -3.59 -1.17 2.10
N GLY A 56 -3.31 -2.31 1.51
CA GLY A 56 -3.35 -2.43 0.06
C GLY A 56 -3.05 -3.84 -0.42
N THR A 57 -3.40 -4.12 -1.67
CA THR A 57 -3.17 -5.44 -2.25
C THR A 57 -2.19 -5.37 -3.41
N VAL A 58 -1.07 -6.09 -3.29
CA VAL A 58 -0.06 -6.11 -4.33
C VAL A 58 0.58 -7.48 -4.45
N ARG A 59 0.93 -7.86 -5.68
CA ARG A 59 1.54 -9.16 -5.92
C ARG A 59 0.60 -10.30 -5.54
N GLY A 60 -0.69 -9.99 -5.47
CA GLY A 60 -1.67 -11.01 -5.12
C GLY A 60 -1.76 -11.23 -3.63
N ALA A 61 -1.21 -10.30 -2.85
CA ALA A 61 -1.23 -10.40 -1.40
C ALA A 61 -1.81 -9.14 -0.77
N THR A 62 -2.59 -9.32 0.30
CA THR A 62 -3.21 -8.20 0.99
C THR A 62 -2.65 -8.04 2.40
N GLY A 63 -2.98 -6.93 3.04
CA GLY A 63 -2.51 -6.68 4.39
C GLY A 63 -2.17 -5.22 4.63
N ILE A 64 -1.53 -4.94 5.75
CA ILE A 64 -1.14 -3.57 6.09
C ILE A 64 0.35 -3.36 5.93
N PHE A 65 0.75 -2.11 5.72
CA PHE A 65 2.16 -1.77 5.54
C PHE A 65 2.42 -0.31 5.91
N PRO A 66 3.65 -0.03 6.33
CA PRO A 66 4.06 1.32 6.73
C PRO A 66 4.15 2.27 5.53
N LEU A 67 3.52 3.43 5.65
CA LEU A 67 3.52 4.43 4.59
C LEU A 67 4.92 5.00 4.38
N SER A 68 5.78 4.82 5.38
CA SER A 68 7.15 5.31 5.31
C SER A 68 8.01 4.43 4.41
N PHE A 69 7.43 3.32 3.95
CA PHE A 69 8.13 2.39 3.09
C PHE A 69 7.49 2.34 1.70
N VAL A 70 6.76 3.39 1.36
CA VAL A 70 6.09 3.46 0.06
C VAL A 70 5.94 4.90 -0.40
N LYS A 71 6.00 5.12 -1.71
CA LYS A 71 5.87 6.46 -2.28
C LYS A 71 4.45 6.70 -2.76
N ILE A 72 3.65 7.38 -1.93
CA ILE A 72 2.27 7.69 -2.28
C ILE A 72 2.19 8.48 -3.58
N LEU A 73 1.93 7.79 -4.67
CA LEU A 73 1.82 8.41 -5.98
C LEU A 73 0.42 8.98 -6.19
N LYS A 74 -0.51 8.62 -5.32
CA LYS A 74 -1.88 9.09 -5.40
C LYS A 74 -2.63 8.85 -4.10
N ASP A 75 -3.28 9.88 -3.59
CA ASP A 75 -4.04 9.79 -2.35
C ASP A 75 -5.40 9.13 -2.58
N PHE A 76 -6.03 8.68 -1.51
CA PHE A 76 -7.33 8.04 -1.60
C PHE A 76 -8.41 9.02 -2.05
N PRO A 77 -9.52 8.50 -2.58
CA PRO A 77 -10.63 9.32 -3.06
C PRO A 77 -11.38 10.01 -1.92
N GLU A 78 -10.85 11.14 -1.46
CA GLU A 78 -11.46 11.89 -0.38
C GLU A 78 -12.88 12.31 -0.74
N GLU A 79 -13.86 11.59 -0.21
CA GLU A 79 -15.26 11.88 -0.48
C GLU A 79 -15.64 13.27 0.04
N ASP A 14 -12.73 6.59 -9.68
CA ASP A 14 -12.10 6.81 -10.98
C ASP A 14 -10.73 6.13 -11.04
N ARG A 15 -10.69 4.93 -11.59
CA ARG A 15 -9.46 4.17 -11.70
C ARG A 15 -8.38 4.99 -12.41
N MET A 16 -8.82 5.89 -13.29
CA MET A 16 -7.90 6.73 -14.05
C MET A 16 -6.99 7.51 -13.10
N ALA A 17 -7.46 7.74 -11.88
CA ALA A 17 -6.69 8.47 -10.88
C ALA A 17 -6.77 7.80 -9.52
N ALA A 18 -7.00 6.49 -9.52
CA ALA A 18 -7.09 5.72 -8.29
C ALA A 18 -5.81 5.83 -7.48
N PRO A 19 -5.91 5.53 -6.17
CA PRO A 19 -4.77 5.59 -5.26
C PRO A 19 -3.75 4.48 -5.53
N ARG A 20 -2.47 4.81 -5.36
CA ARG A 20 -1.41 3.84 -5.58
C ARG A 20 -0.06 4.40 -5.14
N ALA A 21 0.68 3.61 -4.36
CA ALA A 21 1.98 4.03 -3.87
C ALA A 21 3.07 3.06 -4.31
N GLU A 22 4.14 3.60 -4.87
CA GLU A 22 5.26 2.78 -5.33
C GLU A 22 6.17 2.39 -4.17
N ALA A 23 6.32 1.08 -3.96
CA ALA A 23 7.16 0.58 -2.88
C ALA A 23 8.60 1.05 -3.06
N LEU A 24 9.05 1.90 -2.14
CA LEU A 24 10.41 2.42 -2.17
C LEU A 24 11.42 1.35 -1.78
N PHE A 25 10.96 0.36 -1.03
CA PHE A 25 11.83 -0.72 -0.58
C PHE A 25 11.07 -2.05 -0.56
N ASP A 26 11.72 -3.09 -0.06
CA ASP A 26 11.11 -4.41 0.02
C ASP A 26 10.56 -4.68 1.42
N PHE A 27 9.24 -4.79 1.52
CA PHE A 27 8.58 -5.04 2.79
C PHE A 27 8.17 -6.50 2.91
N THR A 28 8.13 -7.01 4.14
CA THR A 28 7.76 -8.39 4.39
C THR A 28 6.99 -8.52 5.70
N GLY A 29 5.67 -8.36 5.62
CA GLY A 29 4.84 -8.47 6.81
C GLY A 29 5.02 -9.79 7.53
N ASN A 30 4.34 -9.94 8.66
CA ASN A 30 4.44 -11.17 9.45
C ASN A 30 3.38 -12.18 9.02
N SER A 31 2.12 -11.84 9.25
CA SER A 31 1.01 -12.72 8.89
C SER A 31 0.18 -12.11 7.76
N LYS A 32 -0.96 -12.72 7.48
CA LYS A 32 -1.86 -12.24 6.44
C LYS A 32 -2.24 -10.78 6.67
N LEU A 33 -2.47 -10.43 7.94
CA LEU A 33 -2.83 -9.07 8.30
C LEU A 33 -1.79 -8.07 7.82
N GLU A 34 -0.56 -8.54 7.67
CA GLU A 34 0.53 -7.69 7.22
C GLU A 34 0.88 -7.98 5.77
N LEU A 35 0.88 -6.93 4.94
CA LEU A 35 1.20 -7.07 3.52
C LEU A 35 2.70 -7.16 3.31
N ASN A 36 3.10 -7.82 2.22
CA ASN A 36 4.52 -7.97 1.89
C ASN A 36 4.77 -7.69 0.42
N PHE A 37 5.36 -6.52 0.15
CA PHE A 37 5.66 -6.13 -1.22
C PHE A 37 7.17 -6.07 -1.46
N LYS A 38 7.56 -5.61 -2.64
CA LYS A 38 8.97 -5.51 -2.99
C LYS A 38 9.29 -4.12 -3.55
N ALA A 39 10.57 -3.77 -3.55
CA ALA A 39 11.00 -2.47 -4.07
C ALA A 39 10.58 -2.30 -5.53
N GLY A 40 9.48 -1.59 -5.73
CA GLY A 40 8.98 -1.36 -7.08
C GLY A 40 7.77 -2.19 -7.41
N ASP A 41 7.06 -2.62 -6.37
CA ASP A 41 5.86 -3.44 -6.55
C ASP A 41 4.65 -2.57 -6.88
N VAL A 42 4.51 -1.46 -6.17
CA VAL A 42 3.41 -0.54 -6.39
C VAL A 42 2.07 -1.19 -6.03
N ILE A 43 1.41 -0.65 -5.00
CA ILE A 43 0.13 -1.18 -4.56
C ILE A 43 -1.02 -0.27 -4.99
N PHE A 44 -2.24 -0.78 -4.91
CA PHE A 44 -3.42 -0.01 -5.28
C PHE A 44 -4.02 0.69 -4.06
N LEU A 45 -3.58 0.29 -2.87
CA LEU A 45 -4.08 0.87 -1.63
C LEU A 45 -5.55 0.57 -1.45
N LEU A 46 -5.87 -0.23 -0.44
CA LEU A 46 -7.25 -0.59 -0.15
C LEU A 46 -7.88 0.39 0.83
N SER A 47 -7.09 0.89 1.77
CA SER A 47 -7.56 1.84 2.76
C SER A 47 -6.43 2.29 3.68
N ARG A 48 -6.71 3.30 4.50
CA ARG A 48 -5.71 3.83 5.42
C ARG A 48 -6.03 3.41 6.86
N ILE A 49 -5.02 2.94 7.57
CA ILE A 49 -5.20 2.50 8.95
C ILE A 49 -5.26 3.71 9.90
N ASN A 50 -4.25 4.57 9.82
CA ASN A 50 -4.19 5.75 10.66
C ASN A 50 -3.41 6.88 9.97
N LYS A 51 -2.11 6.68 9.81
CA LYS A 51 -1.26 7.67 9.17
C LYS A 51 0.10 7.07 8.81
N ASP A 52 0.62 6.23 9.69
CA ASP A 52 1.91 5.59 9.47
C ASP A 52 1.73 4.21 8.85
N TRP A 53 0.53 3.65 8.99
CA TRP A 53 0.23 2.34 8.45
C TRP A 53 -0.95 2.40 7.50
N LEU A 54 -0.85 1.68 6.38
CA LEU A 54 -1.92 1.66 5.39
C LEU A 54 -2.20 0.24 4.92
N GLU A 55 -3.19 0.08 4.04
CA GLU A 55 -3.55 -1.23 3.52
C GLU A 55 -3.56 -1.22 1.99
N GLY A 56 -3.23 -2.38 1.41
CA GLY A 56 -3.21 -2.48 -0.04
C GLY A 56 -2.94 -3.90 -0.50
N THR A 57 -3.27 -4.17 -1.76
CA THR A 57 -3.07 -5.51 -2.33
C THR A 57 -2.08 -5.46 -3.49
N VAL A 58 -0.99 -6.21 -3.36
CA VAL A 58 0.03 -6.26 -4.41
C VAL A 58 0.64 -7.65 -4.51
N ARG A 59 0.99 -8.05 -5.72
CA ARG A 59 1.58 -9.36 -5.96
C ARG A 59 0.61 -10.48 -5.58
N GLY A 60 -0.68 -10.15 -5.54
CA GLY A 60 -1.68 -11.13 -5.19
C GLY A 60 -1.79 -11.35 -3.69
N ALA A 61 -1.24 -10.42 -2.91
CA ALA A 61 -1.27 -10.52 -1.46
C ALA A 61 -1.84 -9.25 -0.84
N THR A 62 -2.62 -9.43 0.22
CA THR A 62 -3.24 -8.31 0.92
C THR A 62 -2.68 -8.15 2.32
N GLY A 63 -2.97 -7.01 2.96
CA GLY A 63 -2.49 -6.77 4.30
C GLY A 63 -2.15 -5.31 4.54
N ILE A 64 -1.52 -5.02 5.66
CA ILE A 64 -1.15 -3.65 6.01
C ILE A 64 0.35 -3.44 5.86
N PHE A 65 0.75 -2.19 5.64
CA PHE A 65 2.15 -1.85 5.49
C PHE A 65 2.41 -0.40 5.87
N PRO A 66 3.65 -0.11 6.30
CA PRO A 66 4.04 1.24 6.72
C PRO A 66 4.13 2.20 5.54
N LEU A 67 3.48 3.35 5.66
CA LEU A 67 3.49 4.35 4.61
C LEU A 67 4.89 4.93 4.40
N SER A 68 5.75 4.74 5.40
CA SER A 68 7.12 5.23 5.34
C SER A 68 7.97 4.35 4.41
N PHE A 69 7.39 3.26 3.95
CA PHE A 69 8.09 2.34 3.06
C PHE A 69 7.45 2.31 1.69
N VAL A 70 6.71 3.36 1.35
CA VAL A 70 6.03 3.47 0.07
C VAL A 70 5.87 4.92 -0.36
N LYS A 71 5.93 5.16 -1.66
CA LYS A 71 5.79 6.50 -2.20
C LYS A 71 4.37 6.74 -2.69
N ILE A 72 3.57 7.41 -1.85
CA ILE A 72 2.18 7.71 -2.20
C ILE A 72 2.10 8.53 -3.48
N LEU A 73 1.84 7.84 -4.59
CA LEU A 73 1.73 8.50 -5.89
C LEU A 73 0.34 9.08 -6.09
N LYS A 74 -0.59 8.70 -5.22
CA LYS A 74 -1.96 9.18 -5.30
C LYS A 74 -2.72 8.89 -4.00
N ASP A 75 -3.38 9.90 -3.47
CA ASP A 75 -4.15 9.76 -2.24
C ASP A 75 -5.49 9.10 -2.51
N PHE A 76 -6.15 8.64 -1.44
CA PHE A 76 -7.44 7.98 -1.56
C PHE A 76 -8.52 8.97 -2.01
N PRO A 77 -9.62 8.44 -2.56
CA PRO A 77 -10.73 9.25 -3.04
C PRO A 77 -11.50 9.92 -1.90
N GLU A 78 -11.02 11.07 -1.45
CA GLU A 78 -11.66 11.80 -0.37
C GLU A 78 -12.30 13.08 -0.87
N GLU A 79 -13.64 13.13 -0.81
CA GLU A 79 -14.37 14.30 -1.27
C GLU A 79 -15.37 14.76 -0.21
N ASP A 14 -12.18 3.93 -14.38
CA ASP A 14 -11.55 4.94 -13.54
C ASP A 14 -10.21 4.45 -13.00
N ARG A 15 -9.45 3.77 -13.85
CA ARG A 15 -8.15 3.24 -13.46
C ARG A 15 -7.12 4.36 -13.30
N MET A 16 -7.29 5.43 -14.08
CA MET A 16 -6.39 6.56 -14.02
C MET A 16 -6.92 7.64 -13.09
N ALA A 17 -7.47 7.22 -11.96
CA ALA A 17 -8.03 8.15 -10.97
C ALA A 17 -8.19 7.49 -9.62
N ALA A 18 -7.37 6.46 -9.36
CA ALA A 18 -7.42 5.75 -8.10
C ALA A 18 -6.11 5.87 -7.34
N PRO A 19 -6.15 5.62 -6.02
CA PRO A 19 -4.97 5.71 -5.16
C PRO A 19 -3.96 4.59 -5.44
N ARG A 20 -2.68 4.90 -5.28
CA ARG A 20 -1.62 3.92 -5.51
C ARG A 20 -0.28 4.48 -5.08
N ALA A 21 0.48 3.67 -4.34
CA ALA A 21 1.80 4.08 -3.87
C ALA A 21 2.87 3.09 -4.32
N GLU A 22 3.94 3.62 -4.90
CA GLU A 22 5.04 2.79 -5.39
C GLU A 22 5.97 2.40 -4.24
N ALA A 23 6.11 1.09 -4.02
CA ALA A 23 6.97 0.59 -2.95
C ALA A 23 8.41 1.04 -3.14
N LEU A 24 8.89 1.89 -2.24
CA LEU A 24 10.26 2.40 -2.31
C LEU A 24 11.26 1.33 -1.90
N PHE A 25 10.79 0.35 -1.12
CA PHE A 25 11.64 -0.72 -0.66
C PHE A 25 10.88 -2.04 -0.61
N ASP A 26 11.54 -3.09 -0.12
CA ASP A 26 10.92 -4.40 -0.02
C ASP A 26 10.37 -4.64 1.38
N PHE A 27 9.05 -4.77 1.47
CA PHE A 27 8.39 -5.00 2.76
C PHE A 27 7.97 -6.46 2.91
N THR A 28 7.94 -6.94 4.14
CA THR A 28 7.56 -8.31 4.42
C THR A 28 6.81 -8.42 5.75
N GLY A 29 5.49 -8.29 5.69
CA GLY A 29 4.68 -8.38 6.89
C GLY A 29 4.87 -9.70 7.62
N ASN A 30 4.18 -9.84 8.75
CA ASN A 30 4.26 -11.07 9.54
C ASN A 30 3.21 -12.07 9.11
N SER A 31 1.94 -11.72 9.30
CA SER A 31 0.84 -12.60 8.93
C SER A 31 0.00 -11.98 7.82
N LYS A 32 -1.14 -12.59 7.54
CA LYS A 32 -2.05 -12.10 6.50
C LYS A 32 -2.41 -10.64 6.75
N LEU A 33 -2.65 -10.30 8.01
CA LEU A 33 -3.01 -8.94 8.38
C LEU A 33 -1.96 -7.94 7.89
N GLU A 34 -0.73 -8.41 7.75
CA GLU A 34 0.36 -7.56 7.30
C GLU A 34 0.70 -7.85 5.84
N LEU A 35 0.72 -6.80 5.02
CA LEU A 35 1.02 -6.93 3.60
C LEU A 35 2.53 -7.06 3.38
N ASN A 36 2.90 -7.71 2.28
CA ASN A 36 4.31 -7.91 1.94
C ASN A 36 4.55 -7.64 0.46
N PHE A 37 5.14 -6.49 0.16
CA PHE A 37 5.44 -6.12 -1.21
C PHE A 37 6.95 -6.06 -1.45
N LYS A 38 7.34 -5.63 -2.65
CA LYS A 38 8.75 -5.52 -3.00
C LYS A 38 9.05 -4.14 -3.57
N ALA A 39 10.34 -3.79 -3.61
CA ALA A 39 10.77 -2.51 -4.15
C ALA A 39 10.35 -2.35 -5.60
N GLY A 40 9.22 -1.67 -5.81
CA GLY A 40 8.72 -1.45 -7.15
C GLY A 40 7.49 -2.29 -7.46
N ASP A 41 6.76 -2.65 -6.41
CA ASP A 41 5.54 -3.45 -6.58
C ASP A 41 4.34 -2.56 -6.90
N VAL A 42 4.23 -1.45 -6.19
CA VAL A 42 3.13 -0.51 -6.39
C VAL A 42 1.80 -1.14 -5.99
N ILE A 43 1.17 -0.59 -4.96
CA ILE A 43 -0.11 -1.11 -4.49
C ILE A 43 -1.24 -0.18 -4.90
N PHE A 44 -2.47 -0.68 -4.79
CA PHE A 44 -3.65 0.11 -5.14
C PHE A 44 -4.23 0.80 -3.92
N LEU A 45 -3.76 0.40 -2.74
CA LEU A 45 -4.23 0.98 -1.48
C LEU A 45 -5.72 0.69 -1.28
N LEU A 46 -6.01 -0.06 -0.21
CA LEU A 46 -7.40 -0.40 0.11
C LEU A 46 -7.99 0.60 1.10
N SER A 47 -7.16 1.08 2.01
CA SER A 47 -7.60 2.03 3.02
C SER A 47 -6.44 2.49 3.89
N ARG A 48 -6.72 3.42 4.79
CA ARG A 48 -5.70 3.94 5.69
C ARG A 48 -5.98 3.55 7.13
N ILE A 49 -4.93 3.13 7.84
CA ILE A 49 -5.07 2.72 9.23
C ILE A 49 -5.07 3.91 10.16
N ASN A 50 -4.06 4.78 10.02
CA ASN A 50 -3.95 5.97 10.85
C ASN A 50 -3.20 7.08 10.11
N LYS A 51 -1.89 6.90 9.96
CA LYS A 51 -1.05 7.88 9.27
C LYS A 51 0.28 7.26 8.86
N ASP A 52 0.84 6.44 9.73
CA ASP A 52 2.11 5.79 9.45
C ASP A 52 1.90 4.40 8.86
N TRP A 53 0.68 3.88 9.02
CA TRP A 53 0.34 2.57 8.49
C TRP A 53 -0.87 2.64 7.59
N LEU A 54 -0.84 1.89 6.49
CA LEU A 54 -1.96 1.86 5.54
C LEU A 54 -2.26 0.44 5.09
N GLU A 55 -3.23 0.29 4.20
CA GLU A 55 -3.62 -1.02 3.69
C GLU A 55 -3.66 -1.02 2.17
N GLY A 56 -3.36 -2.17 1.58
CA GLY A 56 -3.36 -2.29 0.13
C GLY A 56 -3.13 -3.72 -0.34
N THR A 57 -3.50 -3.99 -1.58
CA THR A 57 -3.34 -5.33 -2.15
C THR A 57 -2.39 -5.30 -3.35
N VAL A 58 -1.30 -6.04 -3.24
CA VAL A 58 -0.31 -6.11 -4.32
C VAL A 58 0.31 -7.50 -4.41
N ARG A 59 0.61 -7.92 -5.63
CA ARG A 59 1.21 -9.24 -5.86
C ARG A 59 0.25 -10.34 -5.44
N GLY A 60 -1.04 -10.02 -5.37
CA GLY A 60 -2.04 -11.00 -4.98
C GLY A 60 -2.09 -11.20 -3.48
N ALA A 61 -1.52 -10.27 -2.74
CA ALA A 61 -1.50 -10.36 -1.28
C ALA A 61 -2.10 -9.09 -0.65
N THR A 62 -2.86 -9.28 0.42
CA THR A 62 -3.48 -8.16 1.11
C THR A 62 -2.91 -8.00 2.52
N GLY A 63 -3.14 -6.83 3.11
CA GLY A 63 -2.64 -6.57 4.45
C GLY A 63 -2.28 -5.12 4.66
N ILE A 64 -1.66 -4.83 5.80
CA ILE A 64 -1.26 -3.46 6.12
C ILE A 64 0.25 -3.27 5.92
N PHE A 65 0.66 -2.03 5.72
CA PHE A 65 2.07 -1.72 5.52
C PHE A 65 2.35 -0.26 5.89
N PRO A 66 3.61 0.01 6.30
CA PRO A 66 4.05 1.35 6.70
C PRO A 66 4.12 2.30 5.51
N LEU A 67 3.48 3.46 5.64
CA LEU A 67 3.48 4.46 4.57
C LEU A 67 4.88 5.01 4.34
N SER A 68 5.76 4.82 5.33
CA SER A 68 7.12 5.30 5.22
C SER A 68 7.95 4.40 4.30
N PHE A 69 7.35 3.31 3.85
CA PHE A 69 8.02 2.37 2.96
C PHE A 69 7.34 2.34 1.60
N VAL A 70 6.61 3.40 1.28
CA VAL A 70 5.91 3.50 -0.01
C VAL A 70 5.76 4.95 -0.43
N LYS A 71 5.80 5.18 -1.74
CA LYS A 71 5.66 6.53 -2.29
C LYS A 71 4.22 6.79 -2.74
N ILE A 72 3.44 7.45 -1.90
CA ILE A 72 2.06 7.77 -2.22
C ILE A 72 1.95 8.57 -3.50
N LEU A 73 1.67 7.89 -4.61
CA LEU A 73 1.54 8.54 -5.90
C LEU A 73 0.14 9.13 -6.08
N LYS A 74 -0.77 8.75 -5.19
CA LYS A 74 -2.14 9.24 -5.25
C LYS A 74 -2.85 9.00 -3.92
N ASP A 75 -3.52 10.04 -3.41
CA ASP A 75 -4.25 9.93 -2.16
C ASP A 75 -5.61 9.28 -2.37
N PHE A 76 -6.21 8.82 -1.29
CA PHE A 76 -7.52 8.17 -1.35
C PHE A 76 -8.60 9.16 -1.76
N PRO A 77 -9.73 8.65 -2.26
CA PRO A 77 -10.86 9.47 -2.70
C PRO A 77 -11.57 10.14 -1.53
N GLU A 78 -11.01 11.25 -1.06
CA GLU A 78 -11.59 11.99 0.06
C GLU A 78 -11.93 11.05 1.20
N GLU A 79 -10.94 10.77 2.05
CA GLU A 79 -11.14 9.88 3.19
C GLU A 79 -11.59 8.50 2.73
N ASP A 14 -12.23 3.05 -11.71
CA ASP A 14 -11.35 4.07 -12.24
C ASP A 14 -9.88 3.68 -12.05
N ARG A 15 -9.19 3.42 -13.15
CA ARG A 15 -7.79 3.04 -13.10
C ARG A 15 -6.88 4.28 -13.06
N MET A 16 -7.32 5.33 -13.73
CA MET A 16 -6.55 6.57 -13.76
C MET A 16 -7.16 7.62 -12.84
N ALA A 17 -7.67 7.17 -11.70
CA ALA A 17 -8.29 8.07 -10.73
C ALA A 17 -8.44 7.39 -9.38
N ALA A 18 -7.57 6.42 -9.10
CA ALA A 18 -7.59 5.70 -7.84
C ALA A 18 -6.27 5.82 -7.10
N PRO A 19 -6.30 5.56 -5.78
CA PRO A 19 -5.10 5.63 -4.94
C PRO A 19 -4.11 4.52 -5.24
N ARG A 20 -2.82 4.81 -5.08
CA ARG A 20 -1.78 3.83 -5.33
C ARG A 20 -0.41 4.36 -4.92
N ALA A 21 0.35 3.56 -4.20
CA ALA A 21 1.68 3.96 -3.74
C ALA A 21 2.74 2.98 -4.23
N GLU A 22 3.80 3.51 -4.82
CA GLU A 22 4.89 2.69 -5.34
C GLU A 22 5.85 2.29 -4.22
N ALA A 23 5.98 0.99 -3.99
CA ALA A 23 6.87 0.48 -2.94
C ALA A 23 8.29 0.95 -3.17
N LEU A 24 8.78 1.81 -2.29
CA LEU A 24 10.14 2.33 -2.40
C LEU A 24 11.16 1.26 -2.02
N PHE A 25 10.72 0.29 -1.22
CA PHE A 25 11.60 -0.79 -0.79
C PHE A 25 10.84 -2.12 -0.73
N ASP A 26 11.52 -3.16 -0.27
CA ASP A 26 10.91 -4.48 -0.16
C ASP A 26 10.38 -4.73 1.24
N PHE A 27 9.07 -4.90 1.36
CA PHE A 27 8.45 -5.15 2.65
C PHE A 27 8.04 -6.61 2.81
N THR A 28 7.93 -7.06 4.06
CA THR A 28 7.55 -8.45 4.33
C THR A 28 6.89 -8.56 5.70
N GLY A 29 5.56 -8.62 5.69
CA GLY A 29 4.82 -8.73 6.94
C GLY A 29 5.12 -10.02 7.67
N ASN A 30 4.27 -10.36 8.64
CA ASN A 30 4.45 -11.58 9.42
C ASN A 30 3.26 -12.52 9.23
N SER A 31 2.08 -11.95 9.10
CA SER A 31 0.86 -12.74 8.92
C SER A 31 -0.03 -12.13 7.85
N LYS A 32 -1.17 -12.76 7.61
CA LYS A 32 -2.12 -12.29 6.59
C LYS A 32 -2.49 -10.83 6.85
N LEU A 33 -2.61 -10.47 8.12
CA LEU A 33 -2.96 -9.11 8.50
C LEU A 33 -1.91 -8.10 7.98
N GLU A 34 -0.70 -8.60 7.75
CA GLU A 34 0.38 -7.76 7.25
C GLU A 34 0.63 -8.02 5.77
N LEU A 35 0.78 -6.94 5.00
CA LEU A 35 1.03 -7.05 3.57
C LEU A 35 2.52 -7.25 3.29
N ASN A 36 2.82 -7.90 2.17
CA ASN A 36 4.20 -8.15 1.78
C ASN A 36 4.42 -7.84 0.30
N PHE A 37 5.12 -6.73 0.04
CA PHE A 37 5.40 -6.32 -1.33
C PHE A 37 6.91 -6.23 -1.57
N LYS A 38 7.28 -5.75 -2.75
CA LYS A 38 8.69 -5.61 -3.11
C LYS A 38 8.97 -4.23 -3.69
N ALA A 39 10.24 -3.85 -3.75
CA ALA A 39 10.64 -2.56 -4.28
C ALA A 39 10.16 -2.39 -5.72
N GLY A 40 9.03 -1.70 -5.88
CA GLY A 40 8.47 -1.48 -7.20
C GLY A 40 7.24 -2.31 -7.46
N ASP A 41 6.58 -2.74 -6.39
CA ASP A 41 5.37 -3.55 -6.51
C ASP A 41 4.16 -2.67 -6.82
N VAL A 42 4.06 -1.54 -6.14
CA VAL A 42 2.96 -0.61 -6.34
C VAL A 42 1.62 -1.23 -5.93
N ILE A 43 1.02 -0.69 -4.88
CA ILE A 43 -0.25 -1.20 -4.38
C ILE A 43 -1.39 -0.26 -4.77
N PHE A 44 -2.62 -0.76 -4.65
CA PHE A 44 -3.80 0.02 -5.00
C PHE A 44 -4.37 0.71 -3.75
N LEU A 45 -3.91 0.28 -2.58
CA LEU A 45 -4.36 0.86 -1.32
C LEU A 45 -5.84 0.57 -1.10
N LEU A 46 -6.15 -0.14 -0.03
CA LEU A 46 -7.53 -0.48 0.30
C LEU A 46 -8.10 0.49 1.32
N SER A 47 -7.25 0.95 2.24
CA SER A 47 -7.66 1.90 3.27
C SER A 47 -6.48 2.32 4.13
N ARG A 48 -6.72 3.29 5.02
CA ARG A 48 -5.67 3.78 5.90
C ARG A 48 -5.92 3.36 7.34
N ILE A 49 -4.87 2.97 8.04
CA ILE A 49 -4.99 2.55 9.43
C ILE A 49 -4.96 3.74 10.37
N ASN A 50 -3.94 4.59 10.23
CA ASN A 50 -3.81 5.77 11.06
C ASN A 50 -3.07 6.88 10.32
N LYS A 51 -1.77 6.70 10.14
CA LYS A 51 -0.95 7.68 9.44
C LYS A 51 0.37 7.08 8.99
N ASP A 52 0.95 6.25 9.85
CA ASP A 52 2.22 5.59 9.53
C ASP A 52 1.99 4.20 8.94
N TRP A 53 0.78 3.69 9.12
CA TRP A 53 0.43 2.37 8.61
C TRP A 53 -0.81 2.44 7.72
N LEU A 54 -0.79 1.70 6.62
CA LEU A 54 -1.91 1.68 5.68
C LEU A 54 -2.23 0.26 5.25
N GLU A 55 -3.23 0.12 4.39
CA GLU A 55 -3.64 -1.19 3.90
C GLU A 55 -3.78 -1.18 2.37
N GLY A 56 -3.54 -2.33 1.75
CA GLY A 56 -3.65 -2.41 0.30
C GLY A 56 -3.36 -3.81 -0.21
N THR A 57 -3.76 -4.10 -1.44
CA THR A 57 -3.53 -5.40 -2.05
C THR A 57 -2.59 -5.30 -3.24
N VAL A 58 -1.46 -6.00 -3.15
CA VAL A 58 -0.48 -5.99 -4.22
C VAL A 58 0.18 -7.37 -4.37
N ARG A 59 0.50 -7.73 -5.61
CA ARG A 59 1.13 -9.02 -5.89
C ARG A 59 0.20 -10.17 -5.50
N GLY A 60 -1.09 -9.87 -5.41
CA GLY A 60 -2.06 -10.90 -5.04
C GLY A 60 -2.11 -11.15 -3.55
N ALA A 61 -1.58 -10.21 -2.78
CA ALA A 61 -1.56 -10.33 -1.32
C ALA A 61 -2.11 -9.08 -0.66
N THR A 62 -2.86 -9.25 0.42
CA THR A 62 -3.44 -8.14 1.16
C THR A 62 -2.84 -8.01 2.54
N GLY A 63 -3.19 -6.93 3.24
CA GLY A 63 -2.67 -6.71 4.58
C GLY A 63 -2.30 -5.27 4.82
N ILE A 64 -1.60 -5.01 5.92
CA ILE A 64 -1.19 -3.66 6.28
C ILE A 64 0.30 -3.46 6.04
N PHE A 65 0.70 -2.21 5.80
CA PHE A 65 2.10 -1.89 5.56
C PHE A 65 2.40 -0.44 5.93
N PRO A 66 3.66 -0.18 6.31
CA PRO A 66 4.11 1.16 6.71
C PRO A 66 4.15 2.12 5.52
N LEU A 67 3.55 3.29 5.69
CA LEU A 67 3.52 4.30 4.64
C LEU A 67 4.91 4.87 4.40
N SER A 68 5.80 4.68 5.37
CA SER A 68 7.17 5.18 5.26
C SER A 68 7.99 4.30 4.31
N PHE A 69 7.39 3.21 3.87
CA PHE A 69 8.07 2.29 2.96
C PHE A 69 7.37 2.25 1.60
N VAL A 70 6.63 3.31 1.30
CA VAL A 70 5.92 3.40 0.02
C VAL A 70 5.75 4.86 -0.40
N LYS A 71 5.74 5.08 -1.72
CA LYS A 71 5.59 6.42 -2.26
C LYS A 71 4.14 6.68 -2.69
N ILE A 72 3.40 7.36 -1.83
CA ILE A 72 2.00 7.67 -2.12
C ILE A 72 1.86 8.47 -3.41
N LEU A 73 1.55 7.77 -4.49
CA LEU A 73 1.39 8.42 -5.79
C LEU A 73 0.00 9.01 -5.94
N LYS A 74 -0.89 8.65 -5.02
CA LYS A 74 -2.26 9.15 -5.04
C LYS A 74 -2.96 8.89 -3.71
N ASP A 75 -3.58 9.93 -3.16
CA ASP A 75 -4.30 9.81 -1.90
C ASP A 75 -5.66 9.18 -2.09
N PHE A 76 -6.25 8.71 -1.00
CA PHE A 76 -7.57 8.08 -1.05
C PHE A 76 -8.65 9.09 -1.44
N PRO A 77 -9.78 8.57 -1.93
CA PRO A 77 -10.91 9.41 -2.34
C PRO A 77 -11.60 10.08 -1.16
N GLU A 78 -11.10 11.25 -0.77
CA GLU A 78 -11.67 11.99 0.34
C GLU A 78 -13.13 12.34 0.09
N GLU A 79 -14.03 11.53 0.65
CA GLU A 79 -15.46 11.75 0.47
C GLU A 79 -16.09 12.34 1.73
N ASP A 14 -11.85 3.64 -13.23
CA ASP A 14 -11.15 4.58 -12.38
C ASP A 14 -9.69 4.18 -12.19
N ARG A 15 -9.03 3.87 -13.30
CA ARG A 15 -7.63 3.47 -13.25
C ARG A 15 -6.72 4.69 -13.14
N MET A 16 -7.01 5.72 -13.93
CA MET A 16 -6.22 6.94 -13.92
C MET A 16 -6.82 7.98 -12.99
N ALA A 17 -7.33 7.51 -11.85
CA ALA A 17 -7.94 8.40 -10.86
C ALA A 17 -8.12 7.70 -9.53
N ALA A 18 -7.25 6.73 -9.26
CA ALA A 18 -7.30 5.98 -8.01
C ALA A 18 -5.98 6.08 -7.24
N PRO A 19 -6.03 5.80 -5.93
CA PRO A 19 -4.85 5.85 -5.08
C PRO A 19 -3.86 4.72 -5.38
N ARG A 20 -2.58 5.01 -5.21
CA ARG A 20 -1.53 4.03 -5.48
C ARG A 20 -0.17 4.56 -5.04
N ALA A 21 0.57 3.74 -4.29
CA ALA A 21 1.88 4.12 -3.81
C ALA A 21 2.95 3.14 -4.29
N GLU A 22 4.01 3.67 -4.89
CA GLU A 22 5.09 2.83 -5.41
C GLU A 22 6.04 2.42 -4.28
N ALA A 23 6.14 1.12 -4.05
CA ALA A 23 7.00 0.60 -3.00
C ALA A 23 8.44 1.05 -3.20
N LEU A 24 8.92 1.89 -2.30
CA LEU A 24 10.29 2.40 -2.37
C LEU A 24 11.29 1.33 -1.98
N PHE A 25 10.85 0.35 -1.19
CA PHE A 25 11.71 -0.73 -0.75
C PHE A 25 10.94 -2.05 -0.71
N ASP A 26 11.60 -3.10 -0.23
CA ASP A 26 10.98 -4.41 -0.14
C ASP A 26 10.43 -4.65 1.27
N PHE A 27 9.12 -4.82 1.36
CA PHE A 27 8.47 -5.06 2.64
C PHE A 27 8.06 -6.52 2.79
N THR A 28 7.93 -6.98 4.03
CA THR A 28 7.55 -8.35 4.30
C THR A 28 6.84 -8.47 5.65
N GLY A 29 5.52 -8.51 5.63
CA GLY A 29 4.76 -8.63 6.85
C GLY A 29 5.05 -9.91 7.60
N ASN A 30 4.19 -10.25 8.56
CA ASN A 30 4.37 -11.46 9.35
C ASN A 30 3.21 -12.43 9.14
N SER A 31 2.03 -11.88 8.85
CA SER A 31 0.85 -12.69 8.62
C SER A 31 -0.05 -12.07 7.55
N LYS A 32 -1.24 -12.62 7.39
CA LYS A 32 -2.19 -12.12 6.40
C LYS A 32 -2.53 -10.66 6.67
N LEU A 33 -2.70 -10.31 7.94
CA LEU A 33 -3.03 -8.94 8.33
C LEU A 33 -1.98 -7.96 7.82
N GLU A 34 -0.77 -8.47 7.58
CA GLU A 34 0.32 -7.65 7.09
C GLU A 34 0.60 -7.93 5.62
N LEU A 35 0.76 -6.86 4.84
CA LEU A 35 1.03 -6.99 3.41
C LEU A 35 2.52 -7.18 3.15
N ASN A 36 2.85 -7.82 2.04
CA ASN A 36 4.24 -8.06 1.67
C ASN A 36 4.48 -7.73 0.20
N PHE A 37 5.20 -6.64 -0.04
CA PHE A 37 5.50 -6.22 -1.41
C PHE A 37 7.01 -6.12 -1.63
N LYS A 38 7.40 -5.63 -2.80
CA LYS A 38 8.81 -5.49 -3.14
C LYS A 38 9.10 -4.09 -3.67
N ALA A 39 10.38 -3.72 -3.71
CA ALA A 39 10.79 -2.42 -4.20
C ALA A 39 10.38 -2.22 -5.65
N GLY A 40 9.24 -1.58 -5.87
CA GLY A 40 8.76 -1.35 -7.21
C GLY A 40 7.51 -2.15 -7.53
N ASP A 41 6.80 -2.59 -6.49
CA ASP A 41 5.59 -3.37 -6.67
C ASP A 41 4.40 -2.47 -6.97
N VAL A 42 4.28 -1.37 -6.22
CA VAL A 42 3.19 -0.43 -6.41
C VAL A 42 1.85 -1.06 -6.04
N ILE A 43 1.22 -0.52 -5.00
CA ILE A 43 -0.07 -1.04 -4.55
C ILE A 43 -1.20 -0.08 -4.93
N PHE A 44 -2.43 -0.58 -4.85
CA PHE A 44 -3.60 0.22 -5.18
C PHE A 44 -4.17 0.91 -3.95
N LEU A 45 -3.72 0.47 -2.77
CA LEU A 45 -4.18 1.04 -1.51
C LEU A 45 -5.66 0.76 -1.30
N LEU A 46 -5.98 0.00 -0.26
CA LEU A 46 -7.36 -0.34 0.05
C LEU A 46 -7.95 0.66 1.05
N SER A 47 -7.10 1.13 1.96
CA SER A 47 -7.53 2.08 2.98
C SER A 47 -6.36 2.48 3.88
N ARG A 48 -6.60 3.46 4.76
CA ARG A 48 -5.57 3.93 5.67
C ARG A 48 -5.88 3.49 7.10
N ILE A 49 -4.84 3.06 7.81
CA ILE A 49 -4.99 2.61 9.19
C ILE A 49 -4.99 3.79 10.15
N ASN A 50 -3.94 4.62 10.05
CA ASN A 50 -3.82 5.79 10.92
C ASN A 50 -3.06 6.90 10.21
N LYS A 51 -1.76 6.72 10.04
CA LYS A 51 -0.92 7.70 9.38
C LYS A 51 0.41 7.09 8.95
N ASP A 52 0.97 6.24 9.81
CA ASP A 52 2.23 5.58 9.52
C ASP A 52 2.00 4.21 8.90
N TRP A 53 0.78 3.70 9.04
CA TRP A 53 0.43 2.39 8.49
C TRP A 53 -0.78 2.49 7.57
N LEU A 54 -0.74 1.76 6.47
CA LEU A 54 -1.84 1.77 5.50
C LEU A 54 -2.16 0.35 5.03
N GLU A 55 -3.14 0.24 4.15
CA GLU A 55 -3.55 -1.06 3.63
C GLU A 55 -3.60 -1.04 2.10
N GLY A 56 -3.32 -2.19 1.48
CA GLY A 56 -3.35 -2.27 0.03
C GLY A 56 -3.13 -3.69 -0.46
N THR A 57 -3.51 -3.94 -1.71
CA THR A 57 -3.36 -5.26 -2.31
C THR A 57 -2.40 -5.22 -3.49
N VAL A 58 -1.30 -5.98 -3.38
CA VAL A 58 -0.31 -6.04 -4.45
C VAL A 58 0.29 -7.44 -4.57
N ARG A 59 0.59 -7.83 -5.80
CA ARG A 59 1.15 -9.15 -6.06
C ARG A 59 0.18 -10.26 -5.67
N GLY A 60 -1.10 -9.91 -5.60
CA GLY A 60 -2.11 -10.88 -5.24
C GLY A 60 -2.18 -11.10 -3.74
N ALA A 61 -1.58 -10.21 -2.98
CA ALA A 61 -1.58 -10.31 -1.51
C ALA A 61 -2.12 -9.05 -0.87
N THR A 62 -2.86 -9.22 0.22
CA THR A 62 -3.46 -8.09 0.93
C THR A 62 -2.87 -7.97 2.34
N GLY A 63 -3.14 -6.84 2.98
CA GLY A 63 -2.64 -6.63 4.33
C GLY A 63 -2.26 -5.18 4.58
N ILE A 64 -1.62 -4.93 5.72
CA ILE A 64 -1.21 -3.57 6.07
C ILE A 64 0.30 -3.40 5.90
N PHE A 65 0.73 -2.16 5.67
CA PHE A 65 2.15 -1.86 5.48
C PHE A 65 2.45 -0.42 5.88
N PRO A 66 3.71 -0.17 6.28
CA PRO A 66 4.15 1.17 6.69
C PRO A 66 4.23 2.13 5.52
N LEU A 67 3.62 3.31 5.67
CA LEU A 67 3.63 4.32 4.63
C LEU A 67 5.04 4.87 4.40
N SER A 68 5.92 4.64 5.38
CA SER A 68 7.30 5.11 5.30
C SER A 68 8.11 4.24 4.35
N PHE A 69 7.49 3.16 3.87
CA PHE A 69 8.16 2.23 2.95
C PHE A 69 7.49 2.25 1.58
N VAL A 70 6.75 3.32 1.30
CA VAL A 70 6.05 3.45 0.02
C VAL A 70 5.89 4.91 -0.36
N LYS A 71 5.90 5.18 -1.66
CA LYS A 71 5.76 6.54 -2.16
C LYS A 71 4.33 6.80 -2.62
N ILE A 72 3.56 7.48 -1.77
CA ILE A 72 2.18 7.79 -2.08
C ILE A 72 2.07 8.62 -3.35
N LEU A 73 1.79 7.95 -4.46
CA LEU A 73 1.67 8.63 -5.75
C LEU A 73 0.28 9.24 -5.91
N LYS A 74 -0.64 8.85 -5.03
CA LYS A 74 -2.00 9.37 -5.07
C LYS A 74 -2.72 9.11 -3.76
N ASP A 75 -3.40 10.12 -3.24
CA ASP A 75 -4.13 9.99 -1.99
C ASP A 75 -5.50 9.35 -2.21
N PHE A 76 -6.12 8.88 -1.14
CA PHE A 76 -7.43 8.25 -1.23
C PHE A 76 -8.50 9.27 -1.62
N PRO A 77 -9.63 8.77 -2.13
CA PRO A 77 -10.75 9.62 -2.56
C PRO A 77 -11.47 10.25 -1.37
N GLU A 78 -10.92 11.38 -0.89
CA GLU A 78 -11.52 12.09 0.23
C GLU A 78 -12.89 12.64 -0.13
N GLU A 79 -13.94 11.96 0.32
CA GLU A 79 -15.31 12.38 0.03
C GLU A 79 -15.81 13.33 1.12
N ASP A 14 -12.11 3.00 -12.80
CA ASP A 14 -11.26 4.09 -13.25
C ASP A 14 -9.84 3.91 -12.75
N ARG A 15 -9.06 3.10 -13.46
CA ARG A 15 -7.67 2.84 -13.08
C ARG A 15 -6.90 4.14 -12.94
N MET A 16 -7.32 5.16 -13.68
CA MET A 16 -6.67 6.46 -13.64
C MET A 16 -7.44 7.43 -12.76
N ALA A 17 -7.95 6.93 -11.64
CA ALA A 17 -8.72 7.75 -10.71
C ALA A 17 -8.84 7.07 -9.34
N ALA A 18 -7.86 6.22 -9.03
CA ALA A 18 -7.87 5.51 -7.76
C ALA A 18 -6.52 5.65 -7.05
N PRO A 19 -6.51 5.40 -5.73
CA PRO A 19 -5.30 5.50 -4.91
C PRO A 19 -4.30 4.40 -5.22
N ARG A 20 -3.02 4.71 -5.09
CA ARG A 20 -1.96 3.75 -5.35
C ARG A 20 -0.60 4.31 -4.97
N ALA A 21 0.18 3.51 -4.23
CA ALA A 21 1.50 3.93 -3.79
C ALA A 21 2.58 2.97 -4.29
N GLU A 22 3.61 3.52 -4.91
CA GLU A 22 4.71 2.70 -5.44
C GLU A 22 5.69 2.34 -4.32
N ALA A 23 5.84 1.03 -4.09
CA ALA A 23 6.74 0.54 -3.06
C ALA A 23 8.16 1.03 -3.31
N LEU A 24 8.64 1.93 -2.44
CA LEU A 24 9.98 2.47 -2.57
C LEU A 24 11.04 1.43 -2.19
N PHE A 25 10.62 0.44 -1.40
CA PHE A 25 11.52 -0.62 -0.96
C PHE A 25 10.79 -1.95 -0.87
N ASP A 26 11.50 -2.98 -0.42
CA ASP A 26 10.91 -4.31 -0.29
C ASP A 26 10.41 -4.54 1.13
N PHE A 27 9.10 -4.76 1.26
CA PHE A 27 8.49 -4.99 2.56
C PHE A 27 8.12 -6.46 2.73
N THR A 28 8.02 -6.90 3.98
CA THR A 28 7.68 -8.28 4.29
C THR A 28 7.02 -8.40 5.66
N GLY A 29 5.70 -8.47 5.68
CA GLY A 29 4.98 -8.59 6.93
C GLY A 29 5.32 -9.87 7.68
N ASN A 30 4.48 -10.21 8.66
CA ASN A 30 4.70 -11.42 9.46
C ASN A 30 3.53 -12.38 9.32
N SER A 31 2.32 -11.82 9.18
CA SER A 31 1.12 -12.63 9.03
C SER A 31 0.21 -12.06 7.97
N LYS A 32 -0.93 -12.71 7.76
CA LYS A 32 -1.90 -12.27 6.75
C LYS A 32 -2.29 -10.81 6.98
N LEU A 33 -2.40 -10.42 8.25
CA LEU A 33 -2.77 -9.06 8.61
C LEU A 33 -1.75 -8.06 8.06
N GLU A 34 -0.53 -8.55 7.81
CA GLU A 34 0.53 -7.69 7.29
C GLU A 34 0.76 -7.97 5.80
N LEU A 35 0.89 -6.91 5.02
CA LEU A 35 1.12 -7.04 3.58
C LEU A 35 2.61 -7.21 3.28
N ASN A 36 2.91 -7.86 2.16
CA ASN A 36 4.29 -8.08 1.77
C ASN A 36 4.48 -7.78 0.28
N PHE A 37 5.19 -6.69 0.00
CA PHE A 37 5.44 -6.28 -1.38
C PHE A 37 6.94 -6.15 -1.64
N LYS A 38 7.30 -5.68 -2.83
CA LYS A 38 8.69 -5.50 -3.20
C LYS A 38 8.94 -4.12 -3.79
N ALA A 39 10.20 -3.73 -3.87
CA ALA A 39 10.57 -2.43 -4.42
C ALA A 39 10.06 -2.28 -5.85
N GLY A 40 8.91 -1.62 -6.00
CA GLY A 40 8.34 -1.42 -7.32
C GLY A 40 7.11 -2.26 -7.55
N ASP A 41 6.47 -2.70 -6.47
CA ASP A 41 5.27 -3.52 -6.57
C ASP A 41 4.05 -2.66 -6.88
N VAL A 42 3.94 -1.53 -6.19
CA VAL A 42 2.81 -0.63 -6.40
C VAL A 42 1.50 -1.28 -5.97
N ILE A 43 0.91 -0.73 -4.90
CA ILE A 43 -0.36 -1.25 -4.40
C ILE A 43 -1.52 -0.34 -4.76
N PHE A 44 -2.74 -0.86 -4.62
CA PHE A 44 -3.93 -0.09 -4.95
C PHE A 44 -4.48 0.61 -3.70
N LEU A 45 -3.99 0.19 -2.54
CA LEU A 45 -4.44 0.77 -1.27
C LEU A 45 -5.90 0.47 -1.02
N LEU A 46 -6.18 -0.25 0.06
CA LEU A 46 -7.56 -0.60 0.41
C LEU A 46 -8.12 0.38 1.44
N SER A 47 -7.26 0.89 2.31
CA SER A 47 -7.67 1.83 3.34
C SER A 47 -6.48 2.26 4.19
N ARG A 48 -6.69 3.27 5.03
CA ARG A 48 -5.64 3.78 5.90
C ARG A 48 -5.90 3.38 7.35
N ILE A 49 -4.85 2.95 8.03
CA ILE A 49 -4.96 2.54 9.43
C ILE A 49 -4.94 3.74 10.36
N ASN A 50 -3.97 4.62 10.17
CA ASN A 50 -3.85 5.82 10.99
C ASN A 50 -3.12 6.93 10.23
N LYS A 51 -1.82 6.74 10.04
CA LYS A 51 -1.00 7.72 9.33
C LYS A 51 0.33 7.12 8.89
N ASP A 52 0.90 6.30 9.76
CA ASP A 52 2.18 5.64 9.48
C ASP A 52 1.95 4.25 8.89
N TRP A 53 0.77 3.70 9.12
CA TRP A 53 0.43 2.38 8.62
C TRP A 53 -0.81 2.43 7.74
N LEU A 54 -0.78 1.70 6.63
CA LEU A 54 -1.89 1.67 5.70
C LEU A 54 -2.21 0.23 5.27
N GLU A 55 -3.21 0.07 4.41
CA GLU A 55 -3.60 -1.25 3.93
C GLU A 55 -3.77 -1.24 2.41
N GLY A 56 -3.51 -2.39 1.79
CA GLY A 56 -3.64 -2.50 0.35
C GLY A 56 -3.34 -3.89 -0.16
N THR A 57 -3.77 -4.18 -1.38
CA THR A 57 -3.54 -5.49 -1.98
C THR A 57 -2.62 -5.39 -3.18
N VAL A 58 -1.48 -6.07 -3.11
CA VAL A 58 -0.51 -6.07 -4.20
C VAL A 58 0.16 -7.43 -4.35
N ARG A 59 0.47 -7.79 -5.59
CA ARG A 59 1.11 -9.07 -5.88
C ARG A 59 0.20 -10.23 -5.48
N GLY A 60 -1.09 -9.95 -5.37
CA GLY A 60 -2.04 -10.99 -5.00
C GLY A 60 -2.07 -11.23 -3.50
N ALA A 61 -1.50 -10.30 -2.74
CA ALA A 61 -1.47 -10.42 -1.28
C ALA A 61 -2.05 -9.18 -0.62
N THR A 62 -2.75 -9.37 0.49
CA THR A 62 -3.36 -8.26 1.22
C THR A 62 -2.73 -8.11 2.59
N GLY A 63 -3.06 -7.01 3.27
CA GLY A 63 -2.52 -6.76 4.60
C GLY A 63 -2.17 -5.30 4.81
N ILE A 64 -1.50 -5.01 5.93
CA ILE A 64 -1.11 -3.65 6.26
C ILE A 64 0.38 -3.44 6.02
N PHE A 65 0.76 -2.19 5.78
CA PHE A 65 2.16 -1.85 5.53
C PHE A 65 2.44 -0.39 5.90
N PRO A 66 3.70 -0.10 6.25
CA PRO A 66 4.12 1.25 6.63
C PRO A 66 4.13 2.21 5.45
N LEU A 67 3.52 3.37 5.62
CA LEU A 67 3.47 4.38 4.56
C LEU A 67 4.85 4.95 4.29
N SER A 68 5.76 4.79 5.25
CA SER A 68 7.11 5.30 5.11
C SER A 68 7.94 4.43 4.17
N PHE A 69 7.34 3.32 3.73
CA PHE A 69 8.02 2.40 2.82
C PHE A 69 7.30 2.35 1.47
N VAL A 70 6.55 3.39 1.18
CA VAL A 70 5.80 3.47 -0.08
C VAL A 70 5.60 4.92 -0.52
N LYS A 71 5.57 5.15 -1.82
CA LYS A 71 5.39 6.49 -2.37
C LYS A 71 3.94 6.71 -2.77
N ILE A 72 3.18 7.39 -1.91
CA ILE A 72 1.78 7.68 -2.18
C ILE A 72 1.62 8.46 -3.48
N LEU A 73 1.31 7.75 -4.56
CA LEU A 73 1.13 8.38 -5.86
C LEU A 73 -0.28 8.96 -5.99
N LYS A 74 -1.16 8.60 -5.06
CA LYS A 74 -2.53 9.08 -5.07
C LYS A 74 -3.20 8.82 -3.72
N ASP A 75 -3.86 9.85 -3.20
CA ASP A 75 -4.56 9.73 -1.91
C ASP A 75 -5.91 9.06 -2.09
N PHE A 76 -6.49 8.61 -0.99
CA PHE A 76 -7.79 7.94 -1.02
C PHE A 76 -8.89 8.93 -1.39
N PRO A 77 -10.03 8.40 -1.86
CA PRO A 77 -11.18 9.21 -2.26
C PRO A 77 -11.86 9.87 -1.08
N GLU A 78 -11.36 11.04 -0.69
CA GLU A 78 -11.93 11.77 0.44
C GLU A 78 -12.52 13.11 -0.02
N GLU A 79 -13.81 13.09 -0.36
CA GLU A 79 -14.49 14.29 -0.83
C GLU A 79 -13.79 14.88 -2.05
N ASP A 14 -12.08 3.60 -11.07
CA ASP A 14 -11.31 4.19 -12.16
C ASP A 14 -9.82 3.93 -11.98
N ARG A 15 -9.19 3.37 -13.01
CA ARG A 15 -7.78 3.07 -12.96
C ARG A 15 -6.95 4.34 -12.96
N MET A 16 -7.50 5.40 -13.54
CA MET A 16 -6.81 6.69 -13.61
C MET A 16 -7.45 7.70 -12.68
N ALA A 17 -7.93 7.22 -11.53
CA ALA A 17 -8.56 8.09 -10.55
C ALA A 17 -8.69 7.39 -9.19
N ALA A 18 -7.78 6.46 -8.93
CA ALA A 18 -7.78 5.72 -7.67
C ALA A 18 -6.44 5.84 -6.96
N PRO A 19 -6.44 5.57 -5.65
CA PRO A 19 -5.22 5.64 -4.82
C PRO A 19 -4.23 4.53 -5.15
N ARG A 20 -2.95 4.83 -5.03
CA ARG A 20 -1.91 3.86 -5.32
C ARG A 20 -0.53 4.40 -4.94
N ALA A 21 0.25 3.59 -4.22
CA ALA A 21 1.58 4.00 -3.80
C ALA A 21 2.63 3.02 -4.30
N GLU A 22 3.67 3.55 -4.95
CA GLU A 22 4.75 2.73 -5.47
C GLU A 22 5.73 2.34 -4.37
N ALA A 23 5.85 1.03 -4.11
CA ALA A 23 6.75 0.53 -3.09
C ALA A 23 8.18 1.00 -3.33
N LEU A 24 8.66 1.88 -2.45
CA LEU A 24 10.02 2.40 -2.57
C LEU A 24 11.05 1.35 -2.20
N PHE A 25 10.64 0.37 -1.40
CA PHE A 25 11.53 -0.70 -0.97
C PHE A 25 10.78 -2.03 -0.90
N ASP A 26 11.48 -3.06 -0.44
CA ASP A 26 10.89 -4.38 -0.32
C ASP A 26 10.38 -4.63 1.10
N PHE A 27 9.07 -4.81 1.24
CA PHE A 27 8.44 -5.04 2.54
C PHE A 27 8.08 -6.51 2.70
N THR A 28 7.98 -6.95 3.96
CA THR A 28 7.63 -8.34 4.25
C THR A 28 6.98 -8.46 5.62
N GLY A 29 5.65 -8.52 5.63
CA GLY A 29 4.92 -8.64 6.88
C GLY A 29 5.26 -9.90 7.64
N ASN A 30 4.43 -10.25 8.62
CA ASN A 30 4.65 -11.45 9.42
C ASN A 30 3.50 -12.45 9.24
N SER A 31 2.31 -11.92 8.96
CA SER A 31 1.14 -12.76 8.77
C SER A 31 0.21 -12.16 7.72
N LYS A 32 -0.98 -12.73 7.60
CA LYS A 32 -1.97 -12.25 6.63
C LYS A 32 -2.33 -10.80 6.89
N LEU A 33 -2.48 -10.45 8.17
CA LEU A 33 -2.82 -9.09 8.55
C LEU A 33 -1.80 -8.10 8.01
N GLU A 34 -0.59 -8.58 7.75
CA GLU A 34 0.48 -7.74 7.22
C GLU A 34 0.73 -8.03 5.75
N LEU A 35 0.84 -6.96 4.95
CA LEU A 35 1.07 -7.10 3.52
C LEU A 35 2.56 -7.26 3.23
N ASN A 36 2.88 -7.91 2.11
CA ASN A 36 4.26 -8.12 1.71
C ASN A 36 4.46 -7.81 0.24
N PHE A 37 5.14 -6.71 -0.04
CA PHE A 37 5.39 -6.29 -1.42
C PHE A 37 6.89 -6.17 -1.68
N LYS A 38 7.24 -5.70 -2.87
CA LYS A 38 8.64 -5.53 -3.24
C LYS A 38 8.90 -4.13 -3.80
N ALA A 39 10.16 -3.75 -3.88
CA ALA A 39 10.55 -2.44 -4.41
C ALA A 39 10.08 -2.27 -5.84
N GLY A 40 8.91 -1.64 -6.02
CA GLY A 40 8.38 -1.43 -7.35
C GLY A 40 7.14 -2.26 -7.61
N ASP A 41 6.47 -2.68 -6.54
CA ASP A 41 5.27 -3.48 -6.66
C ASP A 41 4.06 -2.61 -6.94
N VAL A 42 3.95 -1.50 -6.21
CA VAL A 42 2.84 -0.57 -6.38
C VAL A 42 1.52 -1.21 -5.96
N ILE A 43 0.92 -0.67 -4.91
CA ILE A 43 -0.36 -1.19 -4.41
C ILE A 43 -1.51 -0.25 -4.76
N PHE A 44 -2.73 -0.76 -4.64
CA PHE A 44 -3.92 0.04 -4.94
C PHE A 44 -4.45 0.72 -3.69
N LEU A 45 -3.96 0.29 -2.54
CA LEU A 45 -4.39 0.85 -1.25
C LEU A 45 -5.86 0.56 -1.00
N LEU A 46 -6.13 -0.19 0.05
CA LEU A 46 -7.50 -0.53 0.41
C LEU A 46 -8.07 0.45 1.42
N SER A 47 -7.21 0.94 2.31
CA SER A 47 -7.62 1.90 3.33
C SER A 47 -6.43 2.31 4.20
N ARG A 48 -6.66 3.27 5.08
CA ARG A 48 -5.61 3.76 5.97
C ARG A 48 -5.86 3.31 7.41
N ILE A 49 -4.79 2.91 8.09
CA ILE A 49 -4.90 2.46 9.47
C ILE A 49 -4.87 3.64 10.44
N ASN A 50 -3.89 4.52 10.27
CA ASN A 50 -3.75 5.69 11.13
C ASN A 50 -3.01 6.82 10.40
N LYS A 51 -1.72 6.62 10.17
CA LYS A 51 -0.91 7.61 9.49
C LYS A 51 0.42 6.99 9.04
N ASP A 52 0.99 6.15 9.87
CA ASP A 52 2.26 5.50 9.55
C ASP A 52 2.03 4.12 8.95
N TRP A 53 0.83 3.58 9.16
CA TRP A 53 0.48 2.27 8.63
C TRP A 53 -0.76 2.35 7.75
N LEU A 54 -0.73 1.64 6.63
CA LEU A 54 -1.86 1.64 5.69
C LEU A 54 -2.18 0.21 5.24
N GLU A 55 -3.19 0.09 4.38
CA GLU A 55 -3.60 -1.22 3.88
C GLU A 55 -3.70 -1.20 2.36
N GLY A 56 -3.42 -2.34 1.74
CA GLY A 56 -3.48 -2.44 0.29
C GLY A 56 -3.26 -3.85 -0.20
N THR A 57 -3.66 -4.12 -1.44
CA THR A 57 -3.51 -5.44 -2.04
C THR A 57 -2.60 -5.39 -3.25
N VAL A 58 -1.49 -6.12 -3.18
CA VAL A 58 -0.53 -6.17 -4.27
C VAL A 58 0.09 -7.56 -4.41
N ARG A 59 0.37 -7.95 -5.64
CA ARG A 59 0.97 -9.26 -5.91
C ARG A 59 0.01 -10.38 -5.50
N GLY A 60 -1.27 -10.05 -5.40
CA GLY A 60 -2.26 -11.05 -5.02
C GLY A 60 -2.29 -11.28 -3.53
N ALA A 61 -1.72 -10.35 -2.77
CA ALA A 61 -1.68 -10.48 -1.32
C ALA A 61 -2.22 -9.21 -0.65
N THR A 62 -2.94 -9.39 0.45
CA THR A 62 -3.51 -8.26 1.18
C THR A 62 -2.88 -8.12 2.56
N GLY A 63 -3.14 -7.00 3.22
CA GLY A 63 -2.59 -6.77 4.54
C GLY A 63 -2.22 -5.32 4.78
N ILE A 64 -1.55 -5.05 5.89
CA ILE A 64 -1.13 -3.69 6.23
C ILE A 64 0.36 -3.49 5.99
N PHE A 65 0.76 -2.25 5.76
CA PHE A 65 2.16 -1.93 5.52
C PHE A 65 2.46 -0.48 5.90
N PRO A 66 3.72 -0.22 6.26
CA PRO A 66 4.16 1.13 6.65
C PRO A 66 4.19 2.10 5.47
N LEU A 67 3.59 3.27 5.66
CA LEU A 67 3.54 4.28 4.61
C LEU A 67 4.94 4.85 4.34
N SER A 68 5.85 4.63 5.28
CA SER A 68 7.22 5.12 5.15
C SER A 68 8.02 4.25 4.20
N PHE A 69 7.39 3.17 3.73
CA PHE A 69 8.05 2.24 2.81
C PHE A 69 7.34 2.24 1.46
N VAL A 70 6.58 3.29 1.19
CA VAL A 70 5.85 3.40 -0.06
C VAL A 70 5.65 4.86 -0.45
N LYS A 71 5.63 5.13 -1.75
CA LYS A 71 5.45 6.48 -2.26
C LYS A 71 4.00 6.72 -2.66
N ILE A 72 3.25 7.38 -1.79
CA ILE A 72 1.85 7.67 -2.07
C ILE A 72 1.69 8.50 -3.33
N LEU A 73 1.40 7.82 -4.44
CA LEU A 73 1.22 8.50 -5.72
C LEU A 73 -0.18 9.09 -5.84
N LYS A 74 -1.06 8.70 -4.93
CA LYS A 74 -2.43 9.20 -4.93
C LYS A 74 -3.10 8.94 -3.58
N ASP A 75 -3.79 9.94 -3.07
CA ASP A 75 -4.49 9.81 -1.79
C ASP A 75 -5.86 9.16 -1.98
N PHE A 76 -6.43 8.68 -0.87
CA PHE A 76 -7.74 8.04 -0.92
C PHE A 76 -8.83 9.03 -1.27
N PRO A 77 -9.97 8.52 -1.75
CA PRO A 77 -11.11 9.34 -2.14
C PRO A 77 -11.80 9.99 -0.93
N GLU A 78 -11.28 11.12 -0.49
CA GLU A 78 -11.84 11.83 0.66
C GLU A 78 -12.76 12.95 0.20
N GLU A 79 -14.06 12.73 0.38
CA GLU A 79 -15.06 13.73 -0.01
C GLU A 79 -16.14 13.87 1.06
N ASP A 14 -12.11 3.49 -13.43
CA ASP A 14 -11.38 4.68 -13.03
C ASP A 14 -9.97 4.34 -12.58
N ARG A 15 -9.19 3.74 -13.47
CA ARG A 15 -7.82 3.35 -13.15
C ARG A 15 -6.94 4.58 -12.99
N MET A 16 -7.20 5.62 -13.77
CA MET A 16 -6.43 6.85 -13.71
C MET A 16 -7.09 7.87 -12.80
N ALA A 17 -7.62 7.39 -11.67
CA ALA A 17 -8.29 8.25 -10.71
C ALA A 17 -8.43 7.56 -9.36
N ALA A 18 -7.53 6.62 -9.07
CA ALA A 18 -7.57 5.89 -7.82
C ALA A 18 -6.22 6.00 -7.08
N PRO A 19 -6.24 5.74 -5.77
CA PRO A 19 -5.04 5.80 -4.94
C PRO A 19 -4.06 4.67 -5.25
N ARG A 20 -2.77 4.97 -5.10
CA ARG A 20 -1.73 3.98 -5.37
C ARG A 20 -0.36 4.51 -4.96
N ALA A 21 0.39 3.70 -4.24
CA ALA A 21 1.73 4.09 -3.78
C ALA A 21 2.78 3.10 -4.27
N GLU A 22 3.83 3.63 -4.90
CA GLU A 22 4.90 2.79 -5.42
C GLU A 22 5.86 2.39 -4.30
N ALA A 23 5.96 1.09 -4.05
CA ALA A 23 6.85 0.59 -3.01
C ALA A 23 8.28 1.04 -3.23
N LEU A 24 8.78 1.89 -2.34
CA LEU A 24 10.14 2.40 -2.45
C LEU A 24 11.16 1.33 -2.07
N PHE A 25 10.72 0.37 -1.26
CA PHE A 25 11.60 -0.72 -0.82
C PHE A 25 10.84 -2.03 -0.76
N ASP A 26 11.51 -3.08 -0.28
CA ASP A 26 10.89 -4.39 -0.17
C ASP A 26 10.37 -4.63 1.24
N PHE A 27 9.05 -4.79 1.35
CA PHE A 27 8.42 -5.03 2.65
C PHE A 27 8.02 -6.48 2.81
N THR A 28 7.91 -6.92 4.06
CA THR A 28 7.54 -8.30 4.35
C THR A 28 6.86 -8.41 5.71
N GLY A 29 5.53 -8.46 5.71
CA GLY A 29 4.79 -8.57 6.95
C GLY A 29 5.10 -9.84 7.71
N ASN A 30 4.26 -10.17 8.69
CA ASN A 30 4.45 -11.38 9.49
C ASN A 30 3.29 -12.35 9.30
N SER A 31 2.11 -11.81 9.02
CA SER A 31 0.93 -12.63 8.82
C SER A 31 0.01 -12.02 7.76
N LYS A 32 -1.19 -12.57 7.64
CA LYS A 32 -2.16 -12.08 6.65
C LYS A 32 -2.49 -10.62 6.91
N LEU A 33 -2.64 -10.27 8.18
CA LEU A 33 -2.96 -8.89 8.56
C LEU A 33 -1.93 -7.91 8.02
N GLU A 34 -0.73 -8.42 7.77
CA GLU A 34 0.36 -7.60 7.26
C GLU A 34 0.61 -7.89 5.78
N LEU A 35 0.76 -6.84 4.99
CA LEU A 35 1.01 -6.97 3.56
C LEU A 35 2.49 -7.16 3.28
N ASN A 36 2.80 -7.80 2.16
CA ASN A 36 4.19 -8.04 1.77
C ASN A 36 4.41 -7.72 0.30
N PHE A 37 5.12 -6.64 0.03
CA PHE A 37 5.40 -6.22 -1.35
C PHE A 37 6.91 -6.12 -1.59
N LYS A 38 7.27 -5.64 -2.77
CA LYS A 38 8.68 -5.50 -3.13
C LYS A 38 8.96 -4.10 -3.68
N ALA A 39 10.23 -3.74 -3.74
CA ALA A 39 10.62 -2.43 -4.25
C ALA A 39 10.19 -2.25 -5.71
N GLY A 40 9.04 -1.61 -5.89
CA GLY A 40 8.53 -1.39 -7.24
C GLY A 40 7.28 -2.20 -7.53
N ASP A 41 6.60 -2.63 -6.47
CA ASP A 41 5.39 -3.42 -6.61
C ASP A 41 4.19 -2.53 -6.90
N VAL A 42 4.08 -1.43 -6.17
CA VAL A 42 2.99 -0.48 -6.35
C VAL A 42 1.66 -1.11 -5.95
N ILE A 43 1.03 -0.56 -4.91
CA ILE A 43 -0.24 -1.08 -4.43
C ILE A 43 -1.38 -0.13 -4.80
N PHE A 44 -2.61 -0.63 -4.69
CA PHE A 44 -3.79 0.17 -5.02
C PHE A 44 -4.33 0.87 -3.77
N LEU A 45 -3.86 0.44 -2.60
CA LEU A 45 -4.29 1.02 -1.34
C LEU A 45 -5.78 0.75 -1.10
N LEU A 46 -6.08 -0.01 -0.06
CA LEU A 46 -7.45 -0.34 0.28
C LEU A 46 -8.02 0.67 1.28
N SER A 47 -7.17 1.14 2.18
CA SER A 47 -7.58 2.11 3.19
C SER A 47 -6.41 2.52 4.07
N ARG A 48 -6.63 3.51 4.91
CA ARG A 48 -5.59 4.00 5.82
C ARG A 48 -5.87 3.58 7.25
N ILE A 49 -4.84 3.11 7.95
CA ILE A 49 -4.98 2.68 9.33
C ILE A 49 -4.96 3.87 10.29
N ASN A 50 -3.95 4.72 10.15
CA ASN A 50 -3.83 5.90 11.00
C ASN A 50 -3.06 7.01 10.27
N LYS A 51 -1.76 6.79 10.08
CA LYS A 51 -0.92 7.77 9.40
C LYS A 51 0.40 7.15 8.98
N ASP A 52 0.95 6.30 9.84
CA ASP A 52 2.22 5.63 9.55
C ASP A 52 1.99 4.26 8.94
N TRP A 53 0.78 3.73 9.13
CA TRP A 53 0.42 2.42 8.61
C TRP A 53 -0.80 2.51 7.70
N LEU A 54 -0.76 1.79 6.59
CA LEU A 54 -1.86 1.79 5.63
C LEU A 54 -2.19 0.37 5.18
N GLU A 55 -3.19 0.26 4.31
CA GLU A 55 -3.60 -1.05 3.80
C GLU A 55 -3.68 -1.04 2.28
N GLY A 56 -3.40 -2.19 1.67
CA GLY A 56 -3.44 -2.29 0.22
C GLY A 56 -3.23 -3.71 -0.27
N THR A 57 -3.62 -3.97 -1.52
CA THR A 57 -3.48 -5.30 -2.10
C THR A 57 -2.54 -5.26 -3.29
N VAL A 58 -1.44 -6.02 -3.20
CA VAL A 58 -0.46 -6.08 -4.29
C VAL A 58 0.13 -7.47 -4.41
N ARG A 59 0.42 -7.88 -5.64
CA ARG A 59 0.99 -9.20 -5.89
C ARG A 59 0.02 -10.30 -5.47
N GLY A 60 -1.26 -9.96 -5.39
CA GLY A 60 -2.26 -10.93 -5.01
C GLY A 60 -2.31 -11.16 -3.51
N ALA A 61 -1.69 -10.24 -2.76
CA ALA A 61 -1.67 -10.34 -1.30
C ALA A 61 -2.22 -9.08 -0.66
N THR A 62 -2.94 -9.24 0.45
CA THR A 62 -3.52 -8.11 1.17
C THR A 62 -2.93 -7.97 2.56
N GLY A 63 -3.18 -6.84 3.20
CA GLY A 63 -2.66 -6.61 4.53
C GLY A 63 -2.28 -5.16 4.76
N ILE A 64 -1.62 -4.89 5.89
CA ILE A 64 -1.19 -3.54 6.22
C ILE A 64 0.30 -3.36 6.02
N PHE A 65 0.72 -2.13 5.78
CA PHE A 65 2.13 -1.82 5.56
C PHE A 65 2.43 -0.36 5.94
N PRO A 66 3.69 -0.11 6.33
CA PRO A 66 4.14 1.23 6.71
C PRO A 66 4.20 2.19 5.52
N LEU A 67 3.61 3.37 5.69
CA LEU A 67 3.59 4.37 4.64
C LEU A 67 5.00 4.92 4.39
N SER A 68 5.89 4.71 5.35
CA SER A 68 7.26 5.18 5.23
C SER A 68 8.06 4.29 4.28
N PHE A 69 7.44 3.22 3.82
CA PHE A 69 8.09 2.28 2.90
C PHE A 69 7.39 2.28 1.55
N VAL A 70 6.65 3.34 1.27
CA VAL A 70 5.93 3.45 0.00
C VAL A 70 5.76 4.92 -0.40
N LYS A 71 5.77 5.17 -1.71
CA LYS A 71 5.61 6.52 -2.23
C LYS A 71 4.17 6.78 -2.65
N ILE A 72 3.43 7.46 -1.79
CA ILE A 72 2.03 7.77 -2.08
C ILE A 72 1.90 8.60 -3.36
N LEU A 73 1.61 7.92 -4.46
CA LEU A 73 1.45 8.58 -5.75
C LEU A 73 0.07 9.19 -5.90
N LYS A 74 -0.83 8.81 -4.99
CA LYS A 74 -2.20 9.32 -5.01
C LYS A 74 -2.90 9.06 -3.68
N ASP A 75 -3.56 10.08 -3.15
CA ASP A 75 -4.27 9.96 -1.89
C ASP A 75 -5.65 9.33 -2.09
N PHE A 76 -6.24 8.87 -1.00
CA PHE A 76 -7.55 8.23 -1.06
C PHE A 76 -8.63 9.26 -1.43
N PRO A 77 -9.78 8.75 -1.94
CA PRO A 77 -10.90 9.60 -2.34
C PRO A 77 -11.59 10.25 -1.14
N GLU A 78 -11.07 11.39 -0.71
CA GLU A 78 -11.65 12.12 0.42
C GLU A 78 -12.70 13.12 -0.05
N GLU A 79 -13.94 12.66 -0.16
CA GLU A 79 -15.04 13.52 -0.60
C GLU A 79 -15.70 14.21 0.59
N ASP A 14 -13.00 5.85 -10.02
CA ASP A 14 -11.72 6.42 -10.42
C ASP A 14 -10.79 5.33 -10.97
N ARG A 15 -10.94 5.01 -12.24
CA ARG A 15 -10.11 3.99 -12.88
C ARG A 15 -8.78 4.59 -13.33
N MET A 16 -8.79 5.84 -13.74
CA MET A 16 -7.59 6.52 -14.19
C MET A 16 -7.15 7.57 -13.19
N ALA A 17 -7.52 7.38 -11.93
CA ALA A 17 -7.16 8.31 -10.87
C ALA A 17 -7.25 7.65 -9.50
N ALA A 18 -7.14 6.33 -9.47
CA ALA A 18 -7.22 5.57 -8.23
C ALA A 18 -5.92 5.70 -7.43
N PRO A 19 -6.00 5.41 -6.12
CA PRO A 19 -4.85 5.49 -5.22
C PRO A 19 -3.82 4.39 -5.49
N ARG A 20 -2.55 4.72 -5.32
CA ARG A 20 -1.47 3.75 -5.54
C ARG A 20 -0.13 4.32 -5.09
N ALA A 21 0.61 3.54 -4.33
CA ALA A 21 1.92 3.96 -3.83
C ALA A 21 3.02 3.00 -4.28
N GLU A 22 4.07 3.55 -4.88
CA GLU A 22 5.18 2.75 -5.35
C GLU A 22 6.11 2.37 -4.21
N ALA A 23 6.24 1.07 -3.96
CA ALA A 23 7.10 0.58 -2.89
C ALA A 23 8.54 1.06 -3.08
N LEU A 24 8.98 1.93 -2.17
CA LEU A 24 10.33 2.48 -2.23
C LEU A 24 11.36 1.43 -1.81
N PHE A 25 10.92 0.46 -1.02
CA PHE A 25 11.80 -0.60 -0.54
C PHE A 25 11.06 -1.93 -0.50
N ASP A 26 11.75 -2.96 0.00
CA ASP A 26 11.16 -4.29 0.10
C ASP A 26 10.59 -4.52 1.50
N PHE A 27 9.28 -4.72 1.57
CA PHE A 27 8.61 -4.95 2.85
C PHE A 27 8.24 -6.43 3.01
N THR A 28 8.09 -6.86 4.25
CA THR A 28 7.74 -8.25 4.54
C THR A 28 7.03 -8.37 5.88
N GLY A 29 5.70 -8.44 5.84
CA GLY A 29 4.92 -8.56 7.05
C GLY A 29 5.24 -9.83 7.83
N ASN A 30 4.37 -10.17 8.77
CA ASN A 30 4.56 -11.37 9.58
C ASN A 30 3.43 -12.37 9.37
N SER A 31 2.24 -11.85 9.05
CA SER A 31 1.08 -12.69 8.82
C SER A 31 0.19 -12.11 7.73
N LYS A 32 -0.99 -12.68 7.56
CA LYS A 32 -1.94 -12.21 6.55
C LYS A 32 -2.32 -10.77 6.79
N LEU A 33 -2.50 -10.40 8.05
CA LEU A 33 -2.87 -9.03 8.42
C LEU A 33 -1.84 -8.04 7.90
N GLU A 34 -0.62 -8.52 7.69
CA GLU A 34 0.47 -7.68 7.21
C GLU A 34 0.78 -7.98 5.73
N LEU A 35 0.92 -6.92 4.94
CA LEU A 35 1.22 -7.07 3.52
C LEU A 35 2.72 -7.22 3.29
N ASN A 36 3.08 -7.87 2.20
CA ASN A 36 4.48 -8.07 1.86
C ASN A 36 4.74 -7.76 0.38
N PHE A 37 5.43 -6.66 0.13
CA PHE A 37 5.74 -6.24 -1.23
C PHE A 37 7.24 -6.12 -1.42
N LYS A 38 7.65 -5.63 -2.60
CA LYS A 38 9.06 -5.46 -2.92
C LYS A 38 9.32 -4.06 -3.47
N ALA A 39 10.59 -3.67 -3.49
CA ALA A 39 10.98 -2.36 -4.00
C ALA A 39 10.58 -2.20 -5.47
N GLY A 40 9.43 -1.59 -5.70
CA GLY A 40 8.96 -1.38 -7.06
C GLY A 40 7.74 -2.23 -7.38
N ASP A 41 7.03 -2.66 -6.34
CA ASP A 41 5.84 -3.48 -6.52
C ASP A 41 4.63 -2.62 -6.85
N VAL A 42 4.48 -1.51 -6.14
CA VAL A 42 3.36 -0.59 -6.35
C VAL A 42 2.04 -1.25 -5.99
N ILE A 43 1.38 -0.72 -4.97
CA ILE A 43 0.10 -1.25 -4.53
C ILE A 43 -1.06 -0.34 -4.94
N PHE A 44 -2.28 -0.86 -4.87
CA PHE A 44 -3.46 -0.10 -5.23
C PHE A 44 -4.06 0.60 -4.01
N LEU A 45 -3.61 0.19 -2.83
CA LEU A 45 -4.10 0.76 -1.58
C LEU A 45 -5.59 0.45 -1.39
N LEU A 46 -5.90 -0.30 -0.34
CA LEU A 46 -7.27 -0.67 -0.04
C LEU A 46 -7.90 0.33 0.93
N SER A 47 -7.10 0.81 1.88
CA SER A 47 -7.58 1.77 2.87
C SER A 47 -6.44 2.23 3.76
N ARG A 48 -6.72 3.22 4.61
CA ARG A 48 -5.72 3.76 5.52
C ARG A 48 -6.02 3.36 6.96
N ILE A 49 -4.99 2.91 7.66
CA ILE A 49 -5.14 2.49 9.05
C ILE A 49 -5.17 3.70 9.99
N ASN A 50 -4.17 4.56 9.87
CA ASN A 50 -4.09 5.76 10.70
C ASN A 50 -3.32 6.87 9.99
N LYS A 51 -2.01 6.69 9.85
CA LYS A 51 -1.16 7.66 9.19
C LYS A 51 0.19 7.06 8.83
N ASP A 52 0.73 6.24 9.73
CA ASP A 52 2.01 5.59 9.50
C ASP A 52 1.83 4.20 8.89
N TRP A 53 0.61 3.67 9.01
CA TRP A 53 0.30 2.35 8.46
C TRP A 53 -0.90 2.42 7.52
N LEU A 54 -0.82 1.68 6.42
CA LEU A 54 -1.90 1.65 5.45
C LEU A 54 -2.18 0.22 4.99
N GLU A 55 -3.17 0.07 4.11
CA GLU A 55 -3.54 -1.23 3.60
C GLU A 55 -3.55 -1.24 2.06
N GLY A 56 -3.24 -2.38 1.48
CA GLY A 56 -3.23 -2.50 0.03
C GLY A 56 -2.97 -3.92 -0.44
N THR A 57 -3.31 -4.20 -1.69
CA THR A 57 -3.12 -5.52 -2.26
C THR A 57 -2.15 -5.48 -3.43
N VAL A 58 -1.03 -6.21 -3.30
CA VAL A 58 -0.03 -6.25 -4.35
C VAL A 58 0.61 -7.63 -4.45
N ARG A 59 0.94 -8.05 -5.67
CA ARG A 59 1.55 -9.35 -5.89
C ARG A 59 0.60 -10.48 -5.50
N GLY A 60 -0.69 -10.16 -5.45
CA GLY A 60 -1.68 -11.15 -5.08
C GLY A 60 -1.77 -11.36 -3.58
N ALA A 61 -1.19 -10.44 -2.82
CA ALA A 61 -1.20 -10.52 -1.37
C ALA A 61 -1.81 -9.26 -0.75
N THR A 62 -2.56 -9.44 0.33
CA THR A 62 -3.20 -8.32 1.01
C THR A 62 -2.66 -8.16 2.42
N GLY A 63 -2.96 -7.03 3.04
CA GLY A 63 -2.50 -6.77 4.40
C GLY A 63 -2.16 -5.31 4.63
N ILE A 64 -1.53 -5.03 5.76
CA ILE A 64 -1.15 -3.66 6.11
C ILE A 64 0.35 -3.46 5.95
N PHE A 65 0.75 -2.21 5.71
CA PHE A 65 2.16 -1.89 5.55
C PHE A 65 2.43 -0.43 5.93
N PRO A 66 3.68 -0.15 6.35
CA PRO A 66 4.08 1.20 6.76
C PRO A 66 4.16 2.16 5.57
N LEU A 67 3.53 3.32 5.71
CA LEU A 67 3.53 4.32 4.64
C LEU A 67 4.93 4.89 4.44
N SER A 68 5.79 4.69 5.43
CA SER A 68 7.16 5.19 5.36
C SER A 68 8.01 4.32 4.43
N PHE A 69 7.42 3.23 3.94
CA PHE A 69 8.13 2.32 3.06
C PHE A 69 7.47 2.30 1.68
N VAL A 70 6.71 3.34 1.37
CA VAL A 70 6.03 3.44 0.09
C VAL A 70 5.83 4.90 -0.31
N LYS A 71 5.86 5.15 -1.63
CA LYS A 71 5.68 6.51 -2.14
C LYS A 71 4.25 6.73 -2.62
N ILE A 72 3.45 7.39 -1.78
CA ILE A 72 2.06 7.66 -2.13
C ILE A 72 1.96 8.47 -3.42
N LEU A 73 1.72 7.78 -4.52
CA LEU A 73 1.60 8.43 -5.82
C LEU A 73 0.19 9.00 -6.02
N LYS A 74 -0.72 8.59 -5.15
CA LYS A 74 -2.11 9.05 -5.22
C LYS A 74 -2.84 8.79 -3.92
N ASP A 75 -3.54 9.79 -3.42
CA ASP A 75 -4.29 9.67 -2.17
C ASP A 75 -5.63 8.98 -2.43
N PHE A 76 -6.26 8.52 -1.34
CA PHE A 76 -7.55 7.85 -1.45
C PHE A 76 -8.64 8.82 -1.88
N PRO A 77 -9.76 8.28 -2.42
CA PRO A 77 -10.89 9.08 -2.87
C PRO A 77 -11.64 9.73 -1.72
N GLU A 78 -11.15 10.87 -1.26
CA GLU A 78 -11.78 11.58 -0.15
C GLU A 78 -12.18 12.99 -0.58
N GLU A 79 -13.39 13.39 -0.23
CA GLU A 79 -13.90 14.71 -0.57
C GLU A 79 -13.90 14.92 -2.09
N ASP A 14 -12.09 2.46 -12.50
CA ASP A 14 -11.32 3.69 -12.39
C ASP A 14 -9.85 3.40 -12.11
N ARG A 15 -9.05 3.32 -13.17
CA ARG A 15 -7.63 3.04 -13.03
C ARG A 15 -6.82 4.32 -12.98
N MET A 16 -7.22 5.30 -13.80
CA MET A 16 -6.53 6.59 -13.85
C MET A 16 -7.22 7.60 -12.93
N ALA A 17 -7.63 7.15 -11.76
CA ALA A 17 -8.30 8.01 -10.79
C ALA A 17 -8.44 7.33 -9.44
N ALA A 18 -7.50 6.44 -9.13
CA ALA A 18 -7.52 5.71 -7.87
C ALA A 18 -6.19 5.86 -7.14
N PRO A 19 -6.21 5.59 -5.82
CA PRO A 19 -5.02 5.69 -4.98
C PRO A 19 -4.02 4.58 -5.28
N ARG A 20 -2.73 4.89 -5.09
CA ARG A 20 -1.68 3.92 -5.34
C ARG A 20 -0.32 4.48 -4.90
N ALA A 21 0.48 3.64 -4.25
CA ALA A 21 1.80 4.03 -3.78
C ALA A 21 2.88 3.07 -4.28
N GLU A 22 3.93 3.62 -4.85
CA GLU A 22 5.03 2.82 -5.37
C GLU A 22 5.97 2.41 -4.25
N ALA A 23 6.11 1.09 -4.04
CA ALA A 23 6.98 0.57 -3.00
C ALA A 23 8.41 1.05 -3.19
N LEU A 24 8.87 1.91 -2.30
CA LEU A 24 10.23 2.45 -2.37
C LEU A 24 11.26 1.39 -1.98
N PHE A 25 10.81 0.39 -1.23
CA PHE A 25 11.68 -0.69 -0.79
C PHE A 25 10.93 -2.02 -0.74
N ASP A 26 11.62 -3.06 -0.28
CA ASP A 26 11.01 -4.39 -0.18
C ASP A 26 10.47 -4.62 1.22
N PHE A 27 9.15 -4.82 1.31
CA PHE A 27 8.50 -5.06 2.59
C PHE A 27 8.10 -6.52 2.74
N THR A 28 8.03 -6.99 3.98
CA THR A 28 7.66 -8.37 4.25
C THR A 28 6.94 -8.50 5.59
N GLY A 29 5.61 -8.35 5.55
CA GLY A 29 4.83 -8.45 6.78
C GLY A 29 5.03 -9.77 7.49
N ASN A 30 4.35 -9.94 8.62
CA ASN A 30 4.46 -11.17 9.40
C ASN A 30 3.34 -12.14 9.04
N SER A 31 2.10 -11.74 9.32
CA SER A 31 0.94 -12.57 9.03
C SER A 31 0.10 -11.96 7.92
N LYS A 32 -1.04 -12.60 7.63
CA LYS A 32 -1.93 -12.12 6.58
C LYS A 32 -2.31 -10.66 6.82
N LEU A 33 -2.48 -10.29 8.08
CA LEU A 33 -2.84 -8.92 8.44
C LEU A 33 -1.79 -7.93 7.92
N GLU A 34 -0.56 -8.42 7.75
CA GLU A 34 0.53 -7.59 7.27
C GLU A 34 0.81 -7.86 5.80
N LEU A 35 0.84 -6.81 5.00
CA LEU A 35 1.10 -6.95 3.56
C LEU A 35 2.59 -7.06 3.29
N ASN A 36 2.95 -7.71 2.20
CA ASN A 36 4.34 -7.90 1.82
C ASN A 36 4.55 -7.62 0.34
N PHE A 37 5.29 -6.56 0.03
CA PHE A 37 5.57 -6.20 -1.35
C PHE A 37 7.06 -6.10 -1.60
N LYS A 38 7.44 -5.65 -2.80
CA LYS A 38 8.84 -5.51 -3.16
C LYS A 38 9.12 -4.13 -3.73
N ALA A 39 10.39 -3.75 -3.79
CA ALA A 39 10.78 -2.45 -4.31
C ALA A 39 10.33 -2.27 -5.75
N GLY A 40 9.20 -1.62 -5.93
CA GLY A 40 8.67 -1.40 -7.27
C GLY A 40 7.42 -2.23 -7.54
N ASP A 41 6.74 -2.63 -6.48
CA ASP A 41 5.53 -3.43 -6.62
C ASP A 41 4.32 -2.55 -6.93
N VAL A 42 4.23 -1.43 -6.21
CA VAL A 42 3.12 -0.50 -6.40
C VAL A 42 1.79 -1.12 -6.00
N ILE A 43 1.19 -0.59 -4.94
CA ILE A 43 -0.09 -1.09 -4.44
C ILE A 43 -1.23 -0.15 -4.80
N PHE A 44 -2.45 -0.65 -4.70
CA PHE A 44 -3.64 0.15 -5.02
C PHE A 44 -4.20 0.81 -3.77
N LEU A 45 -3.75 0.35 -2.61
CA LEU A 45 -4.20 0.90 -1.34
C LEU A 45 -5.68 0.61 -1.12
N LEU A 46 -5.99 0.02 0.03
CA LEU A 46 -7.38 -0.31 0.37
C LEU A 46 -7.94 0.67 1.39
N SER A 47 -7.07 1.16 2.27
CA SER A 47 -7.49 2.10 3.30
C SER A 47 -6.30 2.52 4.16
N ARG A 48 -6.53 3.47 5.06
CA ARG A 48 -5.47 3.96 5.95
C ARG A 48 -5.75 3.52 7.39
N ILE A 49 -4.69 3.08 8.07
CA ILE A 49 -4.81 2.64 9.46
C ILE A 49 -4.78 3.82 10.42
N ASN A 50 -3.76 4.67 10.28
CA ASN A 50 -3.62 5.84 11.13
C ASN A 50 -2.86 6.95 10.41
N LYS A 51 -1.57 6.76 10.23
CA LYS A 51 -0.73 7.74 9.55
C LYS A 51 0.60 7.12 9.12
N ASP A 52 1.16 6.28 9.97
CA ASP A 52 2.43 5.61 9.67
C ASP A 52 2.19 4.24 9.04
N TRP A 53 0.97 3.74 9.19
CA TRP A 53 0.61 2.43 8.65
C TRP A 53 -0.63 2.54 7.76
N LEU A 54 -0.61 1.81 6.64
CA LEU A 54 -1.73 1.83 5.71
C LEU A 54 -2.07 0.41 5.25
N GLU A 55 -3.07 0.30 4.38
CA GLU A 55 -3.49 -1.00 3.87
C GLU A 55 -3.58 -0.98 2.34
N GLY A 56 -3.32 -2.14 1.72
CA GLY A 56 -3.36 -2.23 0.27
C GLY A 56 -3.14 -3.64 -0.22
N THR A 57 -3.54 -3.91 -1.46
CA THR A 57 -3.39 -5.23 -2.05
C THR A 57 -2.46 -5.18 -3.26
N VAL A 58 -1.35 -5.90 -3.17
CA VAL A 58 -0.38 -5.94 -4.26
C VAL A 58 0.20 -7.34 -4.42
N ARG A 59 0.47 -7.72 -5.67
CA ARG A 59 1.02 -9.04 -5.97
C ARG A 59 0.04 -10.14 -5.58
N GLY A 60 -1.23 -9.77 -5.45
CA GLY A 60 -2.24 -10.75 -5.08
C GLY A 60 -2.28 -11.01 -3.59
N ALA A 61 -1.66 -10.11 -2.82
CA ALA A 61 -1.63 -10.26 -1.37
C ALA A 61 -2.16 -9.00 -0.68
N THR A 62 -2.94 -9.19 0.37
CA THR A 62 -3.51 -8.09 1.12
C THR A 62 -2.87 -7.95 2.50
N GLY A 63 -3.09 -6.81 3.14
CA GLY A 63 -2.53 -6.58 4.45
C GLY A 63 -2.15 -5.12 4.68
N ILE A 64 -1.49 -4.86 5.80
CA ILE A 64 -1.08 -3.50 6.13
C ILE A 64 0.43 -3.31 5.93
N PHE A 65 0.84 -2.07 5.70
CA PHE A 65 2.25 -1.77 5.50
C PHE A 65 2.57 -0.34 5.93
N PRO A 66 3.82 -0.11 6.35
CA PRO A 66 4.27 1.21 6.80
C PRO A 66 4.37 2.21 5.64
N LEU A 67 3.73 3.36 5.81
CA LEU A 67 3.75 4.40 4.79
C LEU A 67 5.18 4.88 4.52
N SER A 68 6.07 4.60 5.47
CA SER A 68 7.46 5.01 5.34
C SER A 68 8.22 4.09 4.39
N PHE A 69 7.53 3.07 3.89
CA PHE A 69 8.12 2.11 2.96
C PHE A 69 7.41 2.14 1.61
N VAL A 70 6.70 3.24 1.36
CA VAL A 70 5.96 3.39 0.11
C VAL A 70 5.84 4.86 -0.29
N LYS A 71 5.68 5.12 -1.58
CA LYS A 71 5.54 6.48 -2.08
C LYS A 71 4.13 6.75 -2.57
N ILE A 72 3.32 7.35 -1.71
CA ILE A 72 1.93 7.67 -2.05
C ILE A 72 1.85 8.48 -3.35
N LEU A 73 1.53 7.81 -4.45
CA LEU A 73 1.42 8.47 -5.73
C LEU A 73 0.05 9.08 -5.93
N LYS A 74 -0.87 8.75 -5.01
CA LYS A 74 -2.23 9.27 -5.08
C LYS A 74 -2.96 9.06 -3.75
N ASP A 75 -3.61 10.10 -3.25
CA ASP A 75 -4.34 10.02 -2.00
C ASP A 75 -5.69 9.32 -2.20
N PHE A 76 -6.26 8.83 -1.11
CA PHE A 76 -7.55 8.13 -1.17
C PHE A 76 -8.66 9.09 -1.58
N PRO A 77 -9.77 8.51 -2.07
CA PRO A 77 -10.93 9.30 -2.51
C PRO A 77 -11.66 9.97 -1.35
N GLU A 78 -11.18 11.13 -0.94
CA GLU A 78 -11.78 11.87 0.16
C GLU A 78 -12.47 13.13 -0.35
N GLU A 79 -13.72 12.98 -0.78
CA GLU A 79 -14.49 14.11 -1.30
C GLU A 79 -15.07 14.93 -0.15
N ASP A 14 -13.64 6.91 -10.02
CA ASP A 14 -12.19 7.06 -9.96
C ASP A 14 -11.49 5.80 -10.46
N ARG A 15 -11.32 5.71 -11.79
CA ARG A 15 -10.68 4.55 -12.39
C ARG A 15 -9.29 4.93 -12.92
N MET A 16 -9.20 6.10 -13.54
CA MET A 16 -7.93 6.57 -14.09
C MET A 16 -7.25 7.54 -13.14
N ALA A 17 -7.54 7.39 -11.85
CA ALA A 17 -6.95 8.25 -10.84
C ALA A 17 -7.02 7.61 -9.45
N ALA A 18 -7.09 6.28 -9.43
CA ALA A 18 -7.16 5.55 -8.18
C ALA A 18 -5.86 5.68 -7.38
N PRO A 19 -5.95 5.40 -6.07
CA PRO A 19 -4.79 5.50 -5.17
C PRO A 19 -3.77 4.40 -5.44
N ARG A 20 -2.49 4.73 -5.23
CA ARG A 20 -1.42 3.77 -5.45
C ARG A 20 -0.08 4.34 -4.99
N ALA A 21 0.71 3.52 -4.30
CA ALA A 21 2.02 3.94 -3.81
C ALA A 21 3.11 2.98 -4.25
N GLU A 22 4.18 3.52 -4.81
CA GLU A 22 5.30 2.71 -5.28
C GLU A 22 6.21 2.33 -4.13
N ALA A 23 6.35 1.03 -3.88
CA ALA A 23 7.20 0.53 -2.80
C ALA A 23 8.63 1.03 -2.96
N LEU A 24 9.05 1.89 -2.05
CA LEU A 24 10.41 2.44 -2.09
C LEU A 24 11.43 1.40 -1.66
N PHE A 25 10.96 0.39 -0.92
CA PHE A 25 11.84 -0.67 -0.45
C PHE A 25 11.10 -2.01 -0.41
N ASP A 26 11.80 -3.05 0.06
CA ASP A 26 11.20 -4.39 0.14
C ASP A 26 10.63 -4.63 1.53
N PHE A 27 9.31 -4.76 1.60
CA PHE A 27 8.64 -4.99 2.88
C PHE A 27 8.26 -6.47 3.03
N THR A 28 8.12 -6.91 4.27
CA THR A 28 7.77 -8.30 4.55
C THR A 28 7.01 -8.42 5.88
N GLY A 29 5.70 -8.28 5.81
CA GLY A 29 4.88 -8.38 7.00
C GLY A 29 5.08 -9.68 7.74
N ASN A 30 4.37 -9.86 8.85
CA ASN A 30 4.47 -11.08 9.64
C ASN A 30 3.38 -12.07 9.25
N SER A 31 2.13 -11.71 9.53
CA SER A 31 1.00 -12.56 9.20
C SER A 31 0.17 -11.98 8.07
N LYS A 32 -0.94 -12.63 7.74
CA LYS A 32 -1.82 -12.17 6.68
C LYS A 32 -2.22 -10.71 6.89
N LEU A 33 -2.44 -10.33 8.14
CA LEU A 33 -2.81 -8.97 8.48
C LEU A 33 -1.77 -7.97 7.98
N GLU A 34 -0.54 -8.44 7.84
CA GLU A 34 0.55 -7.58 7.37
C GLU A 34 0.89 -7.89 5.92
N LEU A 35 0.92 -6.84 5.09
CA LEU A 35 1.23 -6.98 3.68
C LEU A 35 2.74 -7.10 3.45
N ASN A 36 3.11 -7.75 2.37
CA ASN A 36 4.53 -7.93 2.04
C ASN A 36 4.78 -7.67 0.55
N PHE A 37 5.47 -6.58 0.26
CA PHE A 37 5.78 -6.22 -1.12
C PHE A 37 7.28 -6.12 -1.34
N LYS A 38 7.68 -5.69 -2.53
CA LYS A 38 9.08 -5.55 -2.86
C LYS A 38 9.38 -4.16 -3.44
N ALA A 39 10.65 -3.79 -3.47
CA ALA A 39 11.05 -2.49 -3.99
C ALA A 39 10.63 -2.34 -5.45
N GLY A 40 9.50 -1.68 -5.67
CA GLY A 40 9.00 -1.49 -7.03
C GLY A 40 7.78 -2.33 -7.32
N ASP A 41 7.06 -2.72 -6.28
CA ASP A 41 5.87 -3.54 -6.44
C ASP A 41 4.66 -2.66 -6.79
N VAL A 42 4.52 -1.54 -6.09
CA VAL A 42 3.42 -0.62 -6.33
C VAL A 42 2.09 -1.25 -5.94
N ILE A 43 1.46 -0.71 -4.91
CA ILE A 43 0.17 -1.23 -4.44
C ILE A 43 -0.97 -0.30 -4.86
N PHE A 44 -2.20 -0.82 -4.76
CA PHE A 44 -3.38 -0.04 -5.13
C PHE A 44 -3.96 0.65 -3.90
N LEU A 45 -3.54 0.22 -2.72
CA LEU A 45 -4.03 0.79 -1.48
C LEU A 45 -5.52 0.49 -1.28
N LEU A 46 -5.84 -0.20 -0.20
CA LEU A 46 -7.22 -0.56 0.10
C LEU A 46 -7.84 0.44 1.07
N SER A 47 -7.02 0.95 1.99
CA SER A 47 -7.48 1.91 2.98
C SER A 47 -6.34 2.35 3.90
N ARG A 48 -6.64 3.26 4.82
CA ARG A 48 -5.63 3.75 5.75
C ARG A 48 -5.92 3.27 7.17
N ILE A 49 -4.86 3.02 7.94
CA ILE A 49 -5.00 2.55 9.31
C ILE A 49 -5.01 3.72 10.29
N ASN A 50 -4.01 4.58 10.17
CA ASN A 50 -3.90 5.74 11.06
C ASN A 50 -3.16 6.88 10.36
N LYS A 51 -1.85 6.70 10.17
CA LYS A 51 -1.03 7.70 9.51
C LYS A 51 0.32 7.12 9.10
N ASP A 52 0.87 6.27 9.96
CA ASP A 52 2.16 5.63 9.69
C ASP A 52 1.97 4.26 9.05
N TRP A 53 0.76 3.73 9.16
CA TRP A 53 0.44 2.43 8.60
C TRP A 53 -0.77 2.50 7.68
N LEU A 54 -0.72 1.76 6.58
CA LEU A 54 -1.80 1.75 5.61
C LEU A 54 -2.11 0.32 5.15
N GLU A 55 -3.10 0.19 4.27
CA GLU A 55 -3.48 -1.12 3.75
C GLU A 55 -3.51 -1.12 2.22
N GLY A 56 -3.21 -2.27 1.63
CA GLY A 56 -3.19 -2.38 0.19
C GLY A 56 -2.95 -3.80 -0.28
N THR A 57 -3.30 -4.08 -1.53
CA THR A 57 -3.11 -5.41 -2.11
C THR A 57 -2.15 -5.37 -3.29
N VAL A 58 -1.04 -6.10 -3.16
CA VAL A 58 -0.04 -6.14 -4.22
C VAL A 58 0.58 -7.53 -4.33
N ARG A 59 0.90 -7.94 -5.56
CA ARG A 59 1.49 -9.24 -5.80
C ARG A 59 0.53 -10.36 -5.40
N GLY A 60 -0.76 -10.04 -5.35
CA GLY A 60 -1.77 -11.02 -4.98
C GLY A 60 -1.84 -11.24 -3.49
N ALA A 61 -1.25 -10.32 -2.73
CA ALA A 61 -1.25 -10.42 -1.27
C ALA A 61 -1.86 -9.17 -0.64
N THR A 62 -2.62 -9.37 0.44
CA THR A 62 -3.25 -8.26 1.13
C THR A 62 -2.68 -8.10 2.54
N GLY A 63 -2.94 -6.94 3.14
CA GLY A 63 -2.45 -6.68 4.49
C GLY A 63 -2.11 -5.22 4.70
N ILE A 64 -1.45 -4.93 5.82
CA ILE A 64 -1.07 -3.55 6.15
C ILE A 64 0.44 -3.35 5.99
N PHE A 65 0.83 -2.11 5.73
CA PHE A 65 2.24 -1.78 5.57
C PHE A 65 2.52 -0.34 5.99
N PRO A 66 3.74 -0.09 6.46
CA PRO A 66 4.17 1.25 6.89
C PRO A 66 4.29 2.23 5.74
N LEU A 67 3.63 3.38 5.86
CA LEU A 67 3.68 4.41 4.83
C LEU A 67 5.10 4.90 4.61
N SER A 68 5.97 4.64 5.58
CA SER A 68 7.36 5.06 5.48
C SER A 68 8.15 4.13 4.56
N PHE A 69 7.48 3.10 4.05
CA PHE A 69 8.12 2.14 3.16
C PHE A 69 7.44 2.15 1.79
N VAL A 70 6.72 3.23 1.50
CA VAL A 70 6.03 3.38 0.23
C VAL A 70 5.90 4.84 -0.17
N LYS A 71 5.79 5.09 -1.47
CA LYS A 71 5.65 6.46 -1.98
C LYS A 71 4.25 6.69 -2.51
N ILE A 72 3.39 7.29 -1.69
CA ILE A 72 2.02 7.58 -2.09
C ILE A 72 1.98 8.38 -3.39
N LEU A 73 1.71 7.70 -4.48
CA LEU A 73 1.64 8.35 -5.79
C LEU A 73 0.25 8.93 -6.03
N LYS A 74 -0.69 8.60 -5.15
CA LYS A 74 -2.06 9.10 -5.26
C LYS A 74 -2.83 8.85 -3.98
N ASP A 75 -3.49 9.90 -3.49
CA ASP A 75 -4.27 9.80 -2.25
C ASP A 75 -5.60 9.08 -2.51
N PHE A 76 -6.22 8.60 -1.44
CA PHE A 76 -7.50 7.89 -1.54
C PHE A 76 -8.60 8.83 -2.02
N PRO A 77 -9.67 8.24 -2.55
CA PRO A 77 -10.83 9.00 -3.06
C PRO A 77 -11.62 9.66 -1.94
N GLU A 78 -11.20 10.86 -1.55
CA GLU A 78 -11.88 11.60 -0.49
C GLU A 78 -13.04 12.40 -1.04
N GLU A 79 -14.25 11.93 -0.78
CA GLU A 79 -15.46 12.60 -1.25
C GLU A 79 -16.15 13.36 -0.11
N ASP A 14 -13.84 7.43 -10.56
CA ASP A 14 -12.40 7.59 -10.69
C ASP A 14 -11.72 6.25 -10.95
N ARG A 15 -11.59 5.90 -12.23
CA ARG A 15 -10.97 4.64 -12.61
C ARG A 15 -9.54 4.87 -13.11
N MET A 16 -9.34 5.99 -13.80
CA MET A 16 -8.02 6.33 -14.33
C MET A 16 -7.28 7.29 -13.40
N ALA A 17 -7.52 7.13 -12.10
CA ALA A 17 -6.87 7.97 -11.10
C ALA A 17 -6.95 7.34 -9.71
N ALA A 18 -7.05 6.02 -9.68
CA ALA A 18 -7.13 5.30 -8.42
C ALA A 18 -5.85 5.46 -7.61
N PRO A 19 -5.94 5.20 -6.29
CA PRO A 19 -4.80 5.32 -5.37
C PRO A 19 -3.76 4.24 -5.61
N ARG A 20 -2.50 4.59 -5.39
CA ARG A 20 -1.40 3.65 -5.57
C ARG A 20 -0.08 4.25 -5.10
N ALA A 21 0.72 3.44 -4.41
CA ALA A 21 2.01 3.89 -3.90
C ALA A 21 3.13 2.94 -4.32
N GLU A 22 4.20 3.50 -4.88
CA GLU A 22 5.33 2.70 -5.32
C GLU A 22 6.23 2.34 -4.15
N ALA A 23 6.37 1.05 -3.89
CA ALA A 23 7.22 0.58 -2.80
C ALA A 23 8.65 1.08 -2.95
N LEU A 24 9.06 1.95 -2.03
CA LEU A 24 10.40 2.52 -2.05
C LEU A 24 11.42 1.49 -1.61
N PHE A 25 10.97 0.49 -0.86
CA PHE A 25 11.86 -0.56 -0.37
C PHE A 25 11.13 -1.90 -0.32
N ASP A 26 11.82 -2.93 0.16
CA ASP A 26 11.25 -4.27 0.26
C ASP A 26 10.65 -4.50 1.65
N PHE A 27 9.33 -4.70 1.70
CA PHE A 27 8.65 -4.93 2.96
C PHE A 27 8.26 -6.40 3.11
N THR A 28 8.13 -6.85 4.36
CA THR A 28 7.78 -8.23 4.63
C THR A 28 6.98 -8.35 5.93
N GLY A 29 5.66 -8.20 5.82
CA GLY A 29 4.80 -8.29 6.97
C GLY A 29 5.00 -9.58 7.75
N ASN A 30 4.32 -9.70 8.89
CA ASN A 30 4.42 -10.89 9.71
C ASN A 30 3.44 -11.96 9.26
N SER A 31 2.15 -11.69 9.44
CA SER A 31 1.10 -12.63 9.06
C SER A 31 0.28 -12.07 7.90
N LYS A 32 -0.83 -12.75 7.59
CA LYS A 32 -1.70 -12.32 6.51
C LYS A 32 -2.14 -10.87 6.70
N LEU A 33 -2.45 -10.51 7.94
CA LEU A 33 -2.88 -9.16 8.26
C LEU A 33 -1.86 -8.12 7.77
N GLU A 34 -0.61 -8.54 7.71
CA GLU A 34 0.47 -7.66 7.26
C GLU A 34 0.85 -7.96 5.82
N LEU A 35 0.88 -6.91 4.99
CA LEU A 35 1.22 -7.06 3.59
C LEU A 35 2.74 -7.14 3.40
N ASN A 36 3.16 -7.80 2.33
CA ASN A 36 4.59 -7.94 2.04
C ASN A 36 4.86 -7.70 0.56
N PHE A 37 5.54 -6.59 0.27
CA PHE A 37 5.87 -6.24 -1.10
C PHE A 37 7.38 -6.10 -1.28
N LYS A 38 7.80 -5.67 -2.47
CA LYS A 38 9.21 -5.50 -2.77
C LYS A 38 9.48 -4.12 -3.35
N ALA A 39 10.75 -3.72 -3.36
CA ALA A 39 11.14 -2.41 -3.89
C ALA A 39 10.73 -2.28 -5.37
N GLY A 40 9.58 -1.65 -5.60
CA GLY A 40 9.11 -1.46 -6.95
C GLY A 40 7.90 -2.32 -7.26
N ASP A 41 7.17 -2.72 -6.23
CA ASP A 41 5.99 -3.55 -6.39
C ASP A 41 4.78 -2.70 -6.77
N VAL A 42 4.62 -1.57 -6.09
CA VAL A 42 3.51 -0.67 -6.36
C VAL A 42 2.18 -1.32 -5.99
N ILE A 43 1.52 -0.80 -4.96
CA ILE A 43 0.24 -1.32 -4.52
C ILE A 43 -0.91 -0.42 -4.95
N PHE A 44 -2.12 -0.94 -4.88
CA PHE A 44 -3.31 -0.18 -5.27
C PHE A 44 -3.93 0.50 -4.04
N LEU A 45 -3.51 0.08 -2.86
CA LEU A 45 -4.02 0.65 -1.62
C LEU A 45 -5.50 0.34 -1.44
N LEU A 46 -5.83 -0.34 -0.35
CA LEU A 46 -7.22 -0.71 -0.06
C LEU A 46 -7.86 0.29 0.90
N SER A 47 -7.05 0.80 1.83
CA SER A 47 -7.54 1.76 2.82
C SER A 47 -6.40 2.20 3.75
N ARG A 48 -6.72 3.10 4.65
CA ARG A 48 -5.73 3.62 5.60
C ARG A 48 -6.04 3.13 7.02
N ILE A 49 -4.99 2.89 7.80
CA ILE A 49 -5.15 2.42 9.16
C ILE A 49 -5.17 3.59 10.14
N ASN A 50 -4.17 4.47 10.05
CA ASN A 50 -4.09 5.63 10.93
C ASN A 50 -3.35 6.77 10.24
N LYS A 51 -2.04 6.60 10.06
CA LYS A 51 -1.22 7.62 9.41
C LYS A 51 0.13 7.04 9.01
N ASP A 52 0.70 6.20 9.87
CA ASP A 52 1.98 5.59 9.60
C ASP A 52 1.80 4.20 8.98
N TRP A 53 0.60 3.66 9.08
CA TRP A 53 0.31 2.34 8.54
C TRP A 53 -0.90 2.40 7.60
N LEU A 54 -0.82 1.68 6.49
CA LEU A 54 -1.91 1.65 5.51
C LEU A 54 -2.20 0.22 5.07
N GLU A 55 -3.15 0.08 4.15
CA GLU A 55 -3.51 -1.24 3.64
C GLU A 55 -3.52 -1.24 2.11
N GLY A 56 -3.20 -2.39 1.52
CA GLY A 56 -3.18 -2.51 0.08
C GLY A 56 -2.91 -3.91 -0.39
N THR A 57 -3.25 -4.21 -1.64
CA THR A 57 -3.04 -5.53 -2.20
C THR A 57 -2.06 -5.48 -3.39
N VAL A 58 -0.94 -6.18 -3.25
CA VAL A 58 0.06 -6.22 -4.30
C VAL A 58 0.68 -7.60 -4.43
N ARG A 59 1.00 -7.99 -5.66
CA ARG A 59 1.60 -9.30 -5.92
C ARG A 59 0.64 -10.42 -5.55
N GLY A 60 -0.65 -10.09 -5.47
CA GLY A 60 -1.65 -11.07 -5.12
C GLY A 60 -1.72 -11.32 -3.63
N ALA A 61 -1.19 -10.39 -2.85
CA ALA A 61 -1.20 -10.51 -1.40
C ALA A 61 -1.78 -9.27 -0.75
N THR A 62 -2.61 -9.47 0.28
CA THR A 62 -3.24 -8.37 0.98
C THR A 62 -2.65 -8.20 2.38
N GLY A 63 -2.92 -7.05 2.99
CA GLY A 63 -2.40 -6.79 4.33
C GLY A 63 -2.08 -5.33 4.55
N ILE A 64 -1.49 -5.02 5.70
CA ILE A 64 -1.13 -3.64 6.03
C ILE A 64 0.38 -3.43 5.88
N PHE A 65 0.76 -2.18 5.64
CA PHE A 65 2.18 -1.83 5.48
C PHE A 65 2.43 -0.39 5.91
N PRO A 66 3.66 -0.13 6.39
CA PRO A 66 4.06 1.21 6.83
C PRO A 66 4.18 2.20 5.68
N LEU A 67 3.51 3.34 5.81
CA LEU A 67 3.54 4.36 4.78
C LEU A 67 4.96 4.89 4.57
N SER A 68 5.82 4.64 5.55
CA SER A 68 7.21 5.08 5.48
C SER A 68 8.02 4.17 4.56
N PHE A 69 7.38 3.13 4.03
CA PHE A 69 8.04 2.19 3.14
C PHE A 69 7.39 2.20 1.77
N VAL A 70 6.65 3.26 1.47
CA VAL A 70 5.98 3.38 0.19
C VAL A 70 5.80 4.85 -0.20
N LYS A 71 5.73 5.11 -1.50
CA LYS A 71 5.56 6.47 -2.00
C LYS A 71 4.16 6.67 -2.56
N ILE A 72 3.29 7.26 -1.74
CA ILE A 72 1.91 7.52 -2.16
C ILE A 72 1.87 8.32 -3.45
N LEU A 73 1.63 7.63 -4.57
CA LEU A 73 1.56 8.29 -5.87
C LEU A 73 0.17 8.85 -6.13
N LYS A 74 -0.78 8.50 -5.26
CA LYS A 74 -2.15 8.96 -5.39
C LYS A 74 -2.92 8.74 -4.09
N ASP A 75 -3.65 9.76 -3.66
CA ASP A 75 -4.44 9.68 -2.44
C ASP A 75 -5.75 8.93 -2.69
N PHE A 76 -6.36 8.44 -1.61
CA PHE A 76 -7.62 7.71 -1.72
C PHE A 76 -8.74 8.63 -2.19
N PRO A 77 -9.82 8.02 -2.72
CA PRO A 77 -10.97 8.75 -3.22
C PRO A 77 -11.77 9.41 -2.10
N GLU A 78 -11.38 10.62 -1.72
CA GLU A 78 -12.06 11.35 -0.66
C GLU A 78 -12.68 12.63 -1.19
N GLU A 79 -13.98 12.81 -0.95
CA GLU A 79 -14.69 14.01 -1.40
C GLU A 79 -14.65 14.10 -2.92
#